data_4ID3
# 
_entry.id   4ID3 
# 
_audit_conform.dict_name       mmcif_pdbx.dic 
_audit_conform.dict_version    5.379 
_audit_conform.dict_location   http://mmcif.pdb.org/dictionaries/ascii/mmcif_pdbx.dic 
# 
loop_
_database_2.database_id 
_database_2.database_code 
_database_2.pdbx_database_accession 
_database_2.pdbx_DOI 
PDB   4ID3         pdb_00004id3 10.2210/pdb4id3/pdb 
RCSB  RCSB076600   ?            ?                   
WWPDB D_1000076600 ?            ?                   
# 
_pdbx_database_status.status_code                     REL 
_pdbx_database_status.entry_id                        4ID3 
_pdbx_database_status.recvd_initial_deposition_date   2012-12-11 
_pdbx_database_status.deposit_site                    RCSB 
_pdbx_database_status.process_site                    RCSB 
_pdbx_database_status.status_code_sf                  REL 
_pdbx_database_status.status_code_mr                  ? 
_pdbx_database_status.SG_entry                        ? 
_pdbx_database_status.status_code_cs                  ? 
_pdbx_database_status.methods_development_category    ? 
_pdbx_database_status.pdb_format_compatible           Y 
_pdbx_database_status.status_code_nmr_data            ? 
# 
loop_
_audit_author.name 
_audit_author.pdbx_ordinal 
'Pryor, J.M.'      1 
'Gakhar, L.'       2 
'Washington, M.T.' 3 
# 
_citation.id                        primary 
_citation.title                     
'Structure and Functional Analysis of the BRCT Domain of Translesion Synthesis DNA Polymerase Rev1.' 
_citation.journal_abbrev            Biochemistry 
_citation.journal_volume            52 
_citation.page_first                254 
_citation.page_last                 263 
_citation.year                      2013 
_citation.journal_id_ASTM           BICHAW 
_citation.country                   US 
_citation.journal_id_ISSN           0006-2960 
_citation.journal_id_CSD            0033 
_citation.book_publisher            ? 
_citation.pdbx_database_id_PubMed   23240687 
_citation.pdbx_database_id_DOI      10.1021/bi301572z 
# 
loop_
_citation_author.citation_id 
_citation_author.name 
_citation_author.ordinal 
_citation_author.identifier_ORCID 
primary 'Pryor, J.M.'      1 ? 
primary 'Gakhar, L.'       2 ? 
primary 'Washington, M.T.' 3 ? 
# 
_cell.entry_id           4ID3 
_cell.length_a           32.003 
_cell.length_b           82.491 
_cell.length_c           32.705 
_cell.angle_alpha        90.00 
_cell.angle_beta         91.49 
_cell.angle_gamma        90.00 
_cell.Z_PDB              4 
_cell.pdbx_unique_axis   ? 
_cell.length_a_esd       ? 
_cell.length_b_esd       ? 
_cell.length_c_esd       ? 
_cell.angle_alpha_esd    ? 
_cell.angle_beta_esd     ? 
_cell.angle_gamma_esd    ? 
# 
_symmetry.entry_id                         4ID3 
_symmetry.space_group_name_H-M             'P 1 21 1' 
_symmetry.pdbx_full_space_group_name_H-M   ? 
_symmetry.cell_setting                     ? 
_symmetry.Int_Tables_number                4 
_symmetry.space_group_name_Hall            ? 
# 
loop_
_entity.id 
_entity.type 
_entity.src_method 
_entity.pdbx_description 
_entity.formula_weight 
_entity.pdbx_number_of_molecules 
_entity.pdbx_ec 
_entity.pdbx_mutation 
_entity.pdbx_fragment 
_entity.details 
1 polymer man 'DNA repair protein REV1' 10592.367 2   2.7.7.- ? 'BRCT Domain' ? 
2 water   nat water                     18.015    108 ?       ? ?             ? 
# 
_entity_name_com.entity_id   1 
_entity_name_com.name        'Reversionless protein 1' 
# 
_entity_poly.entity_id                      1 
_entity_poly.type                           'polypeptide(L)' 
_entity_poly.nstd_linkage                   no 
_entity_poly.nstd_monomer                   no 
_entity_poly.pdbx_seq_one_letter_code       
;SSQSSKIFKNCVIYINGYTKPGRLQLHEMIVLHGGKFLHYLSSKKTVTHIVASNLPLKKRIEFANYKVVSPDWIVDSVKE
ARLLPWQNYSLT
;
_entity_poly.pdbx_seq_one_letter_code_can   
;SSQSSKIFKNCVIYINGYTKPGRLQLHEMIVLHGGKFLHYLSSKKTVTHIVASNLPLKKRIEFANYKVVSPDWIVDSVKE
ARLLPWQNYSLT
;
_entity_poly.pdbx_strand_id                 A,B 
_entity_poly.pdbx_target_identifier         ? 
# 
loop_
_entity_poly_seq.entity_id 
_entity_poly_seq.num 
_entity_poly_seq.mon_id 
_entity_poly_seq.hetero 
1 1  SER n 
1 2  SER n 
1 3  GLN n 
1 4  SER n 
1 5  SER n 
1 6  LYS n 
1 7  ILE n 
1 8  PHE n 
1 9  LYS n 
1 10 ASN n 
1 11 CYS n 
1 12 VAL n 
1 13 ILE n 
1 14 TYR n 
1 15 ILE n 
1 16 ASN n 
1 17 GLY n 
1 18 TYR n 
1 19 THR n 
1 20 LYS n 
1 21 PRO n 
1 22 GLY n 
1 23 ARG n 
1 24 LEU n 
1 25 GLN n 
1 26 LEU n 
1 27 HIS n 
1 28 GLU n 
1 29 MET n 
1 30 ILE n 
1 31 VAL n 
1 32 LEU n 
1 33 HIS n 
1 34 GLY n 
1 35 GLY n 
1 36 LYS n 
1 37 PHE n 
1 38 LEU n 
1 39 HIS n 
1 40 TYR n 
1 41 LEU n 
1 42 SER n 
1 43 SER n 
1 44 LYS n 
1 45 LYS n 
1 46 THR n 
1 47 VAL n 
1 48 THR n 
1 49 HIS n 
1 50 ILE n 
1 51 VAL n 
1 52 ALA n 
1 53 SER n 
1 54 ASN n 
1 55 LEU n 
1 56 PRO n 
1 57 LEU n 
1 58 LYS n 
1 59 LYS n 
1 60 ARG n 
1 61 ILE n 
1 62 GLU n 
1 63 PHE n 
1 64 ALA n 
1 65 ASN n 
1 66 TYR n 
1 67 LYS n 
1 68 VAL n 
1 69 VAL n 
1 70 SER n 
1 71 PRO n 
1 72 ASP n 
1 73 TRP n 
1 74 ILE n 
1 75 VAL n 
1 76 ASP n 
1 77 SER n 
1 78 VAL n 
1 79 LYS n 
1 80 GLU n 
1 81 ALA n 
1 82 ARG n 
1 83 LEU n 
1 84 LEU n 
1 85 PRO n 
1 86 TRP n 
1 87 GLN n 
1 88 ASN n 
1 89 TYR n 
1 90 SER n 
1 91 LEU n 
1 92 THR n 
# 
_entity_src_gen.entity_id                          1 
_entity_src_gen.pdbx_src_id                        1 
_entity_src_gen.pdbx_alt_source_flag               sample 
_entity_src_gen.pdbx_seq_type                      ? 
_entity_src_gen.pdbx_beg_seq_num                   ? 
_entity_src_gen.pdbx_end_seq_num                   ? 
_entity_src_gen.gene_src_common_name               
;Baker's yeast
;
_entity_src_gen.gene_src_genus                     ? 
_entity_src_gen.pdbx_gene_src_gene                 'REV1, YOR346W, O6339' 
_entity_src_gen.gene_src_species                   ? 
_entity_src_gen.gene_src_strain                    'ATCC 204508 / S288c' 
_entity_src_gen.gene_src_tissue                    ? 
_entity_src_gen.gene_src_tissue_fraction           ? 
_entity_src_gen.gene_src_details                   ? 
_entity_src_gen.pdbx_gene_src_fragment             ? 
_entity_src_gen.pdbx_gene_src_scientific_name      'Saccharomyces cerevisiae S288c' 
_entity_src_gen.pdbx_gene_src_ncbi_taxonomy_id     559292 
_entity_src_gen.pdbx_gene_src_variant              ? 
_entity_src_gen.pdbx_gene_src_cell_line            ? 
_entity_src_gen.pdbx_gene_src_atcc                 ? 
_entity_src_gen.pdbx_gene_src_organ                ? 
_entity_src_gen.pdbx_gene_src_organelle            ? 
_entity_src_gen.pdbx_gene_src_cell                 ? 
_entity_src_gen.pdbx_gene_src_cellular_location    ? 
_entity_src_gen.host_org_common_name               ? 
_entity_src_gen.pdbx_host_org_scientific_name      'Escherichia coli' 
_entity_src_gen.pdbx_host_org_ncbi_taxonomy_id     562 
_entity_src_gen.host_org_genus                     ? 
_entity_src_gen.pdbx_host_org_gene                 ? 
_entity_src_gen.pdbx_host_org_organ                ? 
_entity_src_gen.host_org_species                   ? 
_entity_src_gen.pdbx_host_org_tissue               ? 
_entity_src_gen.pdbx_host_org_tissue_fraction      ? 
_entity_src_gen.pdbx_host_org_strain               ? 
_entity_src_gen.pdbx_host_org_variant              ? 
_entity_src_gen.pdbx_host_org_cell_line            ? 
_entity_src_gen.pdbx_host_org_atcc                 ? 
_entity_src_gen.pdbx_host_org_culture_collection   ? 
_entity_src_gen.pdbx_host_org_cell                 ? 
_entity_src_gen.pdbx_host_org_organelle            ? 
_entity_src_gen.pdbx_host_org_cellular_location    ? 
_entity_src_gen.pdbx_host_org_vector_type          ? 
_entity_src_gen.pdbx_host_org_vector               ? 
_entity_src_gen.host_org_details                   ? 
_entity_src_gen.expression_system_id               ? 
_entity_src_gen.plasmid_name                       ? 
_entity_src_gen.plasmid_details                    ? 
_entity_src_gen.pdbx_description                   ? 
# 
_struct_ref.id                         1 
_struct_ref.db_name                    UNP 
_struct_ref.db_code                    REV1_YEAST 
_struct_ref.pdbx_db_accession          P12689 
_struct_ref.entity_id                  1 
_struct_ref.pdbx_seq_one_letter_code   
;SSQSSKIFKNCVIYINGYTKPGRLQLHEMIVLHGGKFLHYLSSKKTVTHIVASNLPLKKRIEFANYKVVSPDWIVDSVKE
ARLLPWQNYSLT
;
_struct_ref.pdbx_align_begin           159 
_struct_ref.pdbx_db_isoform            ? 
# 
loop_
_struct_ref_seq.align_id 
_struct_ref_seq.ref_id 
_struct_ref_seq.pdbx_PDB_id_code 
_struct_ref_seq.pdbx_strand_id 
_struct_ref_seq.seq_align_beg 
_struct_ref_seq.pdbx_seq_align_beg_ins_code 
_struct_ref_seq.seq_align_end 
_struct_ref_seq.pdbx_seq_align_end_ins_code 
_struct_ref_seq.pdbx_db_accession 
_struct_ref_seq.db_align_beg 
_struct_ref_seq.pdbx_db_align_beg_ins_code 
_struct_ref_seq.db_align_end 
_struct_ref_seq.pdbx_db_align_end_ins_code 
_struct_ref_seq.pdbx_auth_seq_align_beg 
_struct_ref_seq.pdbx_auth_seq_align_end 
1 1 4ID3 A 1 ? 92 ? P12689 159 ? 250 ? 159 250 
2 1 4ID3 B 1 ? 92 ? P12689 159 ? 250 ? 159 250 
# 
loop_
_chem_comp.id 
_chem_comp.type 
_chem_comp.mon_nstd_flag 
_chem_comp.name 
_chem_comp.pdbx_synonyms 
_chem_comp.formula 
_chem_comp.formula_weight 
ALA 'L-peptide linking' y ALANINE         ? 'C3 H7 N O2'     89.093  
ARG 'L-peptide linking' y ARGININE        ? 'C6 H15 N4 O2 1' 175.209 
ASN 'L-peptide linking' y ASPARAGINE      ? 'C4 H8 N2 O3'    132.118 
ASP 'L-peptide linking' y 'ASPARTIC ACID' ? 'C4 H7 N O4'     133.103 
CYS 'L-peptide linking' y CYSTEINE        ? 'C3 H7 N O2 S'   121.158 
GLN 'L-peptide linking' y GLUTAMINE       ? 'C5 H10 N2 O3'   146.144 
GLU 'L-peptide linking' y 'GLUTAMIC ACID' ? 'C5 H9 N O4'     147.129 
GLY 'peptide linking'   y GLYCINE         ? 'C2 H5 N O2'     75.067  
HIS 'L-peptide linking' y HISTIDINE       ? 'C6 H10 N3 O2 1' 156.162 
HOH non-polymer         . WATER           ? 'H2 O'           18.015  
ILE 'L-peptide linking' y ISOLEUCINE      ? 'C6 H13 N O2'    131.173 
LEU 'L-peptide linking' y LEUCINE         ? 'C6 H13 N O2'    131.173 
LYS 'L-peptide linking' y LYSINE          ? 'C6 H15 N2 O2 1' 147.195 
MET 'L-peptide linking' y METHIONINE      ? 'C5 H11 N O2 S'  149.211 
PHE 'L-peptide linking' y PHENYLALANINE   ? 'C9 H11 N O2'    165.189 
PRO 'L-peptide linking' y PROLINE         ? 'C5 H9 N O2'     115.130 
SER 'L-peptide linking' y SERINE          ? 'C3 H7 N O3'     105.093 
THR 'L-peptide linking' y THREONINE       ? 'C4 H9 N O3'     119.119 
TRP 'L-peptide linking' y TRYPTOPHAN      ? 'C11 H12 N2 O2'  204.225 
TYR 'L-peptide linking' y TYROSINE        ? 'C9 H11 N O3'    181.189 
VAL 'L-peptide linking' y VALINE          ? 'C5 H11 N O2'    117.146 
# 
_exptl.entry_id          4ID3 
_exptl.method            'X-RAY DIFFRACTION' 
_exptl.crystals_number   1 
# 
_exptl_crystal.id                    1 
_exptl_crystal.density_meas          ? 
_exptl_crystal.density_Matthews      2.04 
_exptl_crystal.density_percent_sol   39.62 
_exptl_crystal.description           ? 
_exptl_crystal.F_000                 ? 
_exptl_crystal.preparation           ? 
# 
_exptl_crystal_grow.crystal_id      1 
_exptl_crystal_grow.method          'VAPOR DIFFUSION, HANGING DROP' 
_exptl_crystal_grow.temp            291 
_exptl_crystal_grow.temp_details    ? 
_exptl_crystal_grow.pH              7 
_exptl_crystal_grow.pdbx_details    
;20% PEG 2000, 0.1M HEPES 
, pH 7, VAPOR DIFFUSION, HANGING DROP, temperature 291K
;
_exptl_crystal_grow.pdbx_pH_range   ? 
# 
_diffrn.id                     1 
_diffrn.ambient_temp           100 
_diffrn.ambient_temp_details   ? 
_diffrn.crystal_id             1 
# 
_diffrn_detector.diffrn_id              1 
_diffrn_detector.detector               'IMAGE PLATE' 
_diffrn_detector.type                   'RIGAKU RAXIS IV++' 
_diffrn_detector.pdbx_collection_date   2011-06-16 
_diffrn_detector.details                'Osmic blue' 
# 
_diffrn_radiation.diffrn_id                        1 
_diffrn_radiation.wavelength_id                    1 
_diffrn_radiation.pdbx_monochromatic_or_laue_m_l   M 
_diffrn_radiation.monochromator                    GRAPHITE 
_diffrn_radiation.pdbx_diffrn_protocol             'SINGLE WAVELENGTH' 
_diffrn_radiation.pdbx_scattering_type             x-ray 
# 
_diffrn_radiation_wavelength.id           1 
_diffrn_radiation_wavelength.wavelength   1.5418 
_diffrn_radiation_wavelength.wt           1.0 
# 
_diffrn_source.diffrn_id                   1 
_diffrn_source.source                      'ROTATING ANODE' 
_diffrn_source.type                        'RIGAKU RUH3R' 
_diffrn_source.pdbx_synchrotron_site       ? 
_diffrn_source.pdbx_synchrotron_beamline   ? 
_diffrn_source.pdbx_wavelength             ? 
_diffrn_source.pdbx_wavelength_list        1.5418 
# 
_reflns.entry_id                     4ID3 
_reflns.observed_criterion_sigma_I   0 
_reflns.observed_criterion_sigma_F   0 
_reflns.d_resolution_low             17.45 
_reflns.d_resolution_high            1.96 
_reflns.number_obs                   11413 
_reflns.number_all                   33181 
_reflns.percent_possible_obs         94.1 
_reflns.pdbx_Rmerge_I_obs            0.027 
_reflns.pdbx_Rsym_value              ? 
_reflns.pdbx_netI_over_sigmaI        19.5 
_reflns.B_iso_Wilson_estimate        30.4 
_reflns.pdbx_redundancy              2.3 
_reflns.R_free_details               ? 
_reflns.limit_h_max                  ? 
_reflns.limit_h_min                  ? 
_reflns.limit_k_max                  ? 
_reflns.limit_k_min                  ? 
_reflns.limit_l_max                  ? 
_reflns.limit_l_min                  ? 
_reflns.observed_criterion_F_max     ? 
_reflns.observed_criterion_F_min     ? 
_reflns.pdbx_chi_squared             ? 
_reflns.pdbx_scaling_rejects         ? 
_reflns.pdbx_ordinal                 1 
_reflns.pdbx_diffrn_id               1 
# 
_reflns_shell.d_res_high             1.96 
_reflns_shell.d_res_low              2.07 
_reflns_shell.percent_possible_all   85.1 
_reflns_shell.Rmerge_I_obs           0.255 
_reflns_shell.pdbx_Rsym_value        ? 
_reflns_shell.meanI_over_sigI_obs    4.7 
_reflns_shell.pdbx_redundancy        2.5 
_reflns_shell.percent_possible_obs   ? 
_reflns_shell.number_unique_all      ? 
_reflns_shell.number_measured_all    ? 
_reflns_shell.number_measured_obs    ? 
_reflns_shell.number_unique_obs      ? 
_reflns_shell.pdbx_chi_squared       ? 
_reflns_shell.pdbx_ordinal           1 
_reflns_shell.pdbx_diffrn_id         1 
# 
_refine.entry_id                                 4ID3 
_refine.ls_number_reflns_obs                     11404 
_refine.ls_number_reflns_all                     11404 
_refine.pdbx_ls_sigma_I                          ? 
_refine.pdbx_ls_sigma_F                          ? 
_refine.pdbx_data_cutoff_high_absF               ? 
_refine.pdbx_data_cutoff_low_absF                ? 
_refine.pdbx_data_cutoff_high_rms_absF           ? 
_refine.ls_d_res_low                             17.448 
_refine.ls_d_res_high                            1.9669 
_refine.ls_percent_reflns_obs                    94.12 
_refine.ls_R_factor_obs                          0.1920 
_refine.ls_R_factor_all                          .1920 
_refine.ls_R_factor_R_work                       0.1908 
_refine.ls_R_factor_R_free                       0.2332 
_refine.ls_R_factor_R_free_error                 ? 
_refine.ls_R_factor_R_free_error_details         ? 
_refine.ls_percent_reflns_R_free                 4.90 
_refine.ls_number_reflns_R_free                  559 
_refine.ls_number_parameters                     ? 
_refine.ls_number_restraints                     ? 
_refine.occupancy_min                            ? 
_refine.occupancy_max                            ? 
_refine.correlation_coeff_Fo_to_Fc               ? 
_refine.correlation_coeff_Fo_to_Fc_free          ? 
_refine.B_iso_mean                               ? 
_refine.aniso_B[1][1]                            ? 
_refine.aniso_B[2][2]                            ? 
_refine.aniso_B[3][3]                            ? 
_refine.aniso_B[1][2]                            ? 
_refine.aniso_B[1][3]                            ? 
_refine.aniso_B[2][3]                            ? 
_refine.solvent_model_details                    'FLAT BULK SOLVENT MODEL' 
_refine.solvent_model_param_ksol                 ? 
_refine.solvent_model_param_bsol                 ? 
_refine.pdbx_solvent_vdw_probe_radii             1.11 
_refine.pdbx_solvent_ion_probe_radii             ? 
_refine.pdbx_solvent_shrinkage_radii             0.90 
_refine.pdbx_ls_cross_valid_method               ? 
_refine.details                                  ? 
_refine.pdbx_starting_model                      'PDB ENTRY 2EBW' 
_refine.pdbx_method_to_determine_struct          'MOLECULAR REPLACEMENT' 
_refine.pdbx_isotropic_thermal_model             ? 
_refine.pdbx_stereochemistry_target_values       TWIN_LSQ_F 
_refine.pdbx_stereochem_target_val_spec_case     ? 
_refine.pdbx_R_Free_selection_details            RANDOM 
_refine.pdbx_overall_ESU_R                       ? 
_refine.pdbx_overall_ESU_R_Free                  ? 
_refine.overall_SU_ML                            . 
_refine.pdbx_overall_phase_error                 30.02 
_refine.overall_SU_B                             ? 
_refine.overall_SU_R_Cruickshank_DPI             ? 
_refine.ls_redundancy_reflns_obs                 ? 
_refine.B_iso_min                                ? 
_refine.B_iso_max                                ? 
_refine.overall_SU_R_free                        ? 
_refine.ls_wR_factor_R_free                      ? 
_refine.ls_wR_factor_R_work                      ? 
_refine.overall_FOM_free_R_set                   ? 
_refine.overall_FOM_work_R_set                   ? 
_refine.pdbx_diffrn_id                           1 
_refine.pdbx_refine_id                           'X-RAY DIFFRACTION' 
_refine.pdbx_TLS_residual_ADP_flag               ? 
_refine.pdbx_overall_SU_R_free_Cruickshank_DPI   ? 
_refine.pdbx_overall_SU_R_Blow_DPI               ? 
_refine.pdbx_overall_SU_R_free_Blow_DPI          ? 
# 
_refine_hist.pdbx_refine_id                   'X-RAY DIFFRACTION' 
_refine_hist.cycle_id                         LAST 
_refine_hist.pdbx_number_atoms_protein        1428 
_refine_hist.pdbx_number_atoms_nucleic_acid   0 
_refine_hist.pdbx_number_atoms_ligand         0 
_refine_hist.number_atoms_solvent             108 
_refine_hist.number_atoms_total               1536 
_refine_hist.d_res_high                       1.9669 
_refine_hist.d_res_low                        17.448 
# 
loop_
_refine_ls_restr.type 
_refine_ls_restr.dev_ideal 
_refine_ls_restr.dev_ideal_target 
_refine_ls_restr.weight 
_refine_ls_restr.number 
_refine_ls_restr.pdbx_restraint_function 
_refine_ls_restr.pdbx_refine_id 
f_bond_d           0.008  ? ? 1466 ? 'X-RAY DIFFRACTION' 
f_angle_d          1.096  ? ? 1984 ? 'X-RAY DIFFRACTION' 
f_dihedral_angle_d 11.170 ? ? 542  ? 'X-RAY DIFFRACTION' 
f_chiral_restr     0.069  ? ? 224  ? 'X-RAY DIFFRACTION' 
f_plane_restr      0.004  ? ? 238  ? 'X-RAY DIFFRACTION' 
# 
loop_
_refine_ls_restr_ncs.pdbx_ordinal 
_refine_ls_restr_ncs.pdbx_refine_id 
_refine_ls_restr_ncs.pdbx_ens_id 
_refine_ls_restr_ncs.dom_id 
_refine_ls_restr_ncs.pdbx_type 
_refine_ls_restr_ncs.pdbx_auth_asym_id 
_refine_ls_restr_ncs.pdbx_number 
_refine_ls_restr_ncs.rms_dev_position 
_refine_ls_restr_ncs.weight_position 
_refine_ls_restr_ncs.ncs_model_details 
_refine_ls_restr_ncs.rms_dev_B_iso 
_refine_ls_restr_ncs.weight_B_iso 
_refine_ls_restr_ncs.pdbx_asym_id 
_refine_ls_restr_ncs.pdbx_rms 
_refine_ls_restr_ncs.pdbx_weight 
1 'X-RAY DIFFRACTION' 1 1 POSITIONAL A 714 0.036 ? ? ? ? ? ? ? 
2 'X-RAY DIFFRACTION' 1 2 POSITIONAL B 714 0.036 ? ? ? ? ? ? ? 
# 
loop_
_refine_ls_shell.pdbx_total_number_of_bins_used 
_refine_ls_shell.d_res_high 
_refine_ls_shell.d_res_low 
_refine_ls_shell.number_reflns_R_work 
_refine_ls_shell.R_factor_R_work 
_refine_ls_shell.percent_reflns_obs 
_refine_ls_shell.R_factor_R_free 
_refine_ls_shell.R_factor_R_free_error 
_refine_ls_shell.percent_reflns_R_free 
_refine_ls_shell.number_reflns_R_free 
_refine_ls_shell.number_reflns_all 
_refine_ls_shell.R_factor_all 
_refine_ls_shell.number_reflns_obs 
_refine_ls_shell.redundancy_reflns_obs 
_refine_ls_shell.pdbx_refine_id 
. 1.9669 2.1637  2579 0.2628 86.00 0.3463 . . 140 . . . . 'X-RAY DIFFRACTION' 
. 2.1637 2.4743  2787 0.2459 93.00 0.2521 . . 116 . . . . 'X-RAY DIFFRACTION' 
. 2.4743 3.1076  2754 0.2311 92.00 0.2546 . . 142 . . . . 'X-RAY DIFFRACTION' 
. 3.1076 11.7087 2699 0.1439 89.00 0.2045 . . 139 . . . . 'X-RAY DIFFRACTION' 
# 
loop_
_struct_ncs_dom.pdbx_ens_id 
_struct_ncs_dom.id 
_struct_ncs_dom.details 
1 1 'chain A and (resseq 7:93 )' 
1 2 'chain B and (resseq 7:93 )' 
# 
loop_
_struct_ncs_dom_lim.pdbx_ens_id 
_struct_ncs_dom_lim.dom_id 
_struct_ncs_dom_lim.pdbx_component_id 
_struct_ncs_dom_lim.pdbx_refine_code 
_struct_ncs_dom_lim.beg_auth_asym_id 
_struct_ncs_dom_lim.beg_auth_seq_id 
_struct_ncs_dom_lim.end_auth_asym_id 
_struct_ncs_dom_lim.end_auth_seq_id 
_struct_ncs_dom_lim.selection_details 
_struct_ncs_dom_lim.beg_label_asym_id 
_struct_ncs_dom_lim.beg_label_comp_id 
_struct_ncs_dom_lim.beg_label_seq_id 
_struct_ncs_dom_lim.beg_label_alt_id 
_struct_ncs_dom_lim.end_label_asym_id 
_struct_ncs_dom_lim.end_label_comp_id 
_struct_ncs_dom_lim.end_label_seq_id 
_struct_ncs_dom_lim.end_label_alt_id 
_struct_ncs_dom_lim.beg_auth_comp_id 
_struct_ncs_dom_lim.end_auth_comp_id 
1 1 1 ? A 7 A 93 
;chain 'A' and (resseq 7:93 )
;
? ? ? ? ? ? ? ? ? ? 
1 2 1 ? B 7 B 93 
;chain 'B' and (resseq 7:93 )
;
? ? ? ? ? ? ? ? ? ? 
# 
_struct_ncs_ens.id        1 
_struct_ncs_ens.details   ? 
# 
_struct.entry_id                  4ID3 
_struct.title                     'Crystal Structure of the BRCT domain of S. Cerevisiae Rev1' 
_struct.pdbx_model_details        ? 
_struct.pdbx_CASP_flag            ? 
_struct.pdbx_model_type_details   ? 
# 
_struct_keywords.entry_id        4ID3 
_struct_keywords.pdbx_keywords   'PROTEIN BINDING' 
_struct_keywords.text            'BRCT domain, PROTEIN BINDING' 
# 
loop_
_struct_asym.id 
_struct_asym.pdbx_blank_PDB_chainid_flag 
_struct_asym.pdbx_modified 
_struct_asym.entity_id 
_struct_asym.details 
A N N 1 ? 
B N N 1 ? 
C N N 2 ? 
D N N 2 ? 
# 
_struct_biol.id        1 
_struct_biol.details   ? 
# 
loop_
_struct_conf.conf_type_id 
_struct_conf.id 
_struct_conf.pdbx_PDB_helix_id 
_struct_conf.beg_label_comp_id 
_struct_conf.beg_label_asym_id 
_struct_conf.beg_label_seq_id 
_struct_conf.pdbx_beg_PDB_ins_code 
_struct_conf.end_label_comp_id 
_struct_conf.end_label_asym_id 
_struct_conf.end_label_seq_id 
_struct_conf.pdbx_end_PDB_ins_code 
_struct_conf.beg_auth_comp_id 
_struct_conf.beg_auth_asym_id 
_struct_conf.beg_auth_seq_id 
_struct_conf.end_auth_comp_id 
_struct_conf.end_auth_asym_id 
_struct_conf.end_auth_seq_id 
_struct_conf.pdbx_PDB_helix_class 
_struct_conf.details 
_struct_conf.pdbx_PDB_helix_length 
HELX_P HELX_P1 1 GLY A 22 ? HIS A 33 ? GLY A 180 HIS A 191 1 ? 12 
HELX_P HELX_P2 2 PRO A 56 ? PHE A 63 ? PRO A 214 PHE A 221 1 ? 8  
HELX_P HELX_P3 3 PRO A 71 ? ALA A 81 ? PRO A 229 ALA A 239 1 ? 11 
HELX_P HELX_P4 4 PRO A 85 ? SER A 90 ? PRO A 243 SER A 248 5 ? 6  
HELX_P HELX_P5 5 GLY B 22 ? HIS B 33 ? GLY B 180 HIS B 191 1 ? 12 
HELX_P HELX_P6 6 PRO B 56 ? PHE B 63 ? PRO B 214 PHE B 221 1 ? 8  
HELX_P HELX_P7 7 PRO B 71 ? ALA B 81 ? PRO B 229 ALA B 239 1 ? 11 
HELX_P HELX_P8 8 PRO B 85 ? SER B 90 ? PRO B 243 SER B 248 5 ? 6  
# 
_struct_conf_type.id          HELX_P 
_struct_conf_type.criteria    ? 
_struct_conf_type.reference   ? 
# 
loop_
_struct_mon_prot_cis.pdbx_id 
_struct_mon_prot_cis.label_comp_id 
_struct_mon_prot_cis.label_seq_id 
_struct_mon_prot_cis.label_asym_id 
_struct_mon_prot_cis.label_alt_id 
_struct_mon_prot_cis.pdbx_PDB_ins_code 
_struct_mon_prot_cis.auth_comp_id 
_struct_mon_prot_cis.auth_seq_id 
_struct_mon_prot_cis.auth_asym_id 
_struct_mon_prot_cis.pdbx_label_comp_id_2 
_struct_mon_prot_cis.pdbx_label_seq_id_2 
_struct_mon_prot_cis.pdbx_label_asym_id_2 
_struct_mon_prot_cis.pdbx_PDB_ins_code_2 
_struct_mon_prot_cis.pdbx_auth_comp_id_2 
_struct_mon_prot_cis.pdbx_auth_seq_id_2 
_struct_mon_prot_cis.pdbx_auth_asym_id_2 
_struct_mon_prot_cis.pdbx_PDB_model_num 
_struct_mon_prot_cis.pdbx_omega_angle 
1 LYS 20 A . ? LYS 178 A PRO 21 A ? PRO 179 A 1 -3.74 
2 LYS 20 B . ? LYS 178 B PRO 21 B ? PRO 179 B 1 -3.54 
# 
loop_
_struct_sheet.id 
_struct_sheet.type 
_struct_sheet.number_strands 
_struct_sheet.details 
A ? 4 ? 
B ? 4 ? 
# 
loop_
_struct_sheet_order.sheet_id 
_struct_sheet_order.range_id_1 
_struct_sheet_order.range_id_2 
_struct_sheet_order.offset 
_struct_sheet_order.sense 
A 1 2 ? parallel 
A 2 3 ? parallel 
A 3 4 ? parallel 
B 1 2 ? parallel 
B 2 3 ? parallel 
B 3 4 ? parallel 
# 
loop_
_struct_sheet_range.sheet_id 
_struct_sheet_range.id 
_struct_sheet_range.beg_label_comp_id 
_struct_sheet_range.beg_label_asym_id 
_struct_sheet_range.beg_label_seq_id 
_struct_sheet_range.pdbx_beg_PDB_ins_code 
_struct_sheet_range.end_label_comp_id 
_struct_sheet_range.end_label_asym_id 
_struct_sheet_range.end_label_seq_id 
_struct_sheet_range.pdbx_end_PDB_ins_code 
_struct_sheet_range.beg_auth_comp_id 
_struct_sheet_range.beg_auth_asym_id 
_struct_sheet_range.beg_auth_seq_id 
_struct_sheet_range.end_auth_comp_id 
_struct_sheet_range.end_auth_asym_id 
_struct_sheet_range.end_auth_seq_id 
A 1 LYS A 36 ? LEU A 38 ? LYS A 194 LEU A 196 
A 2 VAL A 12 ? ILE A 15 ? VAL A 170 ILE A 173 
A 3 HIS A 49 ? VAL A 51 ? HIS A 207 VAL A 209 
A 4 VAL A 68 ? VAL A 69 ? VAL A 226 VAL A 227 
B 1 LYS B 36 ? LEU B 38 ? LYS B 194 LEU B 196 
B 2 VAL B 12 ? ILE B 15 ? VAL B 170 ILE B 173 
B 3 HIS B 49 ? VAL B 51 ? HIS B 207 VAL B 209 
B 4 VAL B 68 ? VAL B 69 ? VAL B 226 VAL B 227 
# 
loop_
_pdbx_struct_sheet_hbond.sheet_id 
_pdbx_struct_sheet_hbond.range_id_1 
_pdbx_struct_sheet_hbond.range_id_2 
_pdbx_struct_sheet_hbond.range_1_label_atom_id 
_pdbx_struct_sheet_hbond.range_1_label_comp_id 
_pdbx_struct_sheet_hbond.range_1_label_asym_id 
_pdbx_struct_sheet_hbond.range_1_label_seq_id 
_pdbx_struct_sheet_hbond.range_1_PDB_ins_code 
_pdbx_struct_sheet_hbond.range_1_auth_atom_id 
_pdbx_struct_sheet_hbond.range_1_auth_comp_id 
_pdbx_struct_sheet_hbond.range_1_auth_asym_id 
_pdbx_struct_sheet_hbond.range_1_auth_seq_id 
_pdbx_struct_sheet_hbond.range_2_label_atom_id 
_pdbx_struct_sheet_hbond.range_2_label_comp_id 
_pdbx_struct_sheet_hbond.range_2_label_asym_id 
_pdbx_struct_sheet_hbond.range_2_label_seq_id 
_pdbx_struct_sheet_hbond.range_2_PDB_ins_code 
_pdbx_struct_sheet_hbond.range_2_auth_atom_id 
_pdbx_struct_sheet_hbond.range_2_auth_comp_id 
_pdbx_struct_sheet_hbond.range_2_auth_asym_id 
_pdbx_struct_sheet_hbond.range_2_auth_seq_id 
A 1 2 O LYS A 36 ? O LYS A 194 N ILE A 13 ? N ILE A 171 
A 2 3 N TYR A 14 ? N TYR A 172 O VAL A 51 ? O VAL A 209 
A 3 4 N ILE A 50 ? N ILE A 208 O VAL A 69 ? O VAL A 227 
B 1 2 O LYS B 36 ? O LYS B 194 N ILE B 13 ? N ILE B 171 
B 2 3 N TYR B 14 ? N TYR B 172 O VAL B 51 ? O VAL B 209 
B 3 4 N ILE B 50 ? N ILE B 208 O VAL B 69 ? O VAL B 227 
# 
_atom_sites.entry_id                    4ID3 
_atom_sites.fract_transf_matrix[1][1]   0.01852780 
_atom_sites.fract_transf_matrix[1][2]   0.02373311 
_atom_sites.fract_transf_matrix[1][3]   -0.00839620 
_atom_sites.fract_transf_matrix[2][1]   0.00705404 
_atom_sites.fract_transf_matrix[2][2]   -0.00209884 
_atom_sites.fract_transf_matrix[2][3]   0.00963341 
_atom_sites.fract_transf_matrix[3][1]   0.01749802 
_atom_sites.fract_transf_matrix[3][2]   -0.01857723 
_atom_sites.fract_transf_matrix[3][3]   -0.01686032 
_atom_sites.fract_transf_vector[1]      0.399569 
_atom_sites.fract_transf_vector[2]      0.366805 
_atom_sites.fract_transf_vector[3]      0.706253 
# 
loop_
_atom_type.symbol 
C 
N 
O 
S 
# 
loop_
_atom_site.group_PDB 
_atom_site.id 
_atom_site.type_symbol 
_atom_site.label_atom_id 
_atom_site.label_alt_id 
_atom_site.label_comp_id 
_atom_site.label_asym_id 
_atom_site.label_entity_id 
_atom_site.label_seq_id 
_atom_site.pdbx_PDB_ins_code 
_atom_site.Cartn_x 
_atom_site.Cartn_y 
_atom_site.Cartn_z 
_atom_site.occupancy 
_atom_site.B_iso_or_equiv 
_atom_site.pdbx_formal_charge 
_atom_site.auth_seq_id 
_atom_site.auth_comp_id 
_atom_site.auth_asym_id 
_atom_site.auth_atom_id 
_atom_site.pdbx_PDB_model_num 
ATOM   1    N N   . LYS A 1 6  ? 14.079  -14.825 2.150   1.00 38.78 ? 164 LYS A N   1 
ATOM   2    C CA  . LYS A 1 6  ? 14.896  -13.635 1.919   1.00 44.23 ? 164 LYS A CA  1 
ATOM   3    C C   . LYS A 1 6  ? 14.235  -12.657 0.946   1.00 39.37 ? 164 LYS A C   1 
ATOM   4    O O   . LYS A 1 6  ? 14.810  -12.279 -0.078  1.00 37.76 ? 164 LYS A O   1 
ATOM   5    C CB  . LYS A 1 6  ? 16.314  -14.013 1.474   1.00 46.95 ? 164 LYS A CB  1 
ATOM   6    C CG  . LYS A 1 6  ? 17.122  -14.714 2.579   1.00 51.02 ? 164 LYS A CG  1 
ATOM   7    C CD  . LYS A 1 6  ? 18.562  -14.981 2.159   1.00 58.41 ? 164 LYS A CD  1 
ATOM   8    C CE  . LYS A 1 6  ? 19.510  -13.910 2.662   1.00 49.23 ? 164 LYS A CE  1 
ATOM   9    N NZ  . LYS A 1 6  ? 19.621  -13.909 4.155   1.00 51.80 ? 164 LYS A NZ  1 
ATOM   10   N N   . ILE A 1 7  ? 13.023  -12.240 1.300   1.00 36.78 ? 165 ILE A N   1 
ATOM   11   C CA  . ILE A 1 7  ? 12.243  -11.315 0.483   1.00 30.52 ? 165 ILE A CA  1 
ATOM   12   C C   . ILE A 1 7  ? 12.863  -9.919  0.356   1.00 37.13 ? 165 ILE A C   1 
ATOM   13   O O   . ILE A 1 7  ? 12.645  -9.247  -0.644  1.00 39.70 ? 165 ILE A O   1 
ATOM   14   C CB  . ILE A 1 7  ? 10.799  -11.198 1.006   1.00 37.52 ? 165 ILE A CB  1 
ATOM   15   C CG1 . ILE A 1 7  ? 10.788  -10.754 2.468   1.00 32.96 ? 165 ILE A CG1 1 
ATOM   16   C CG2 . ILE A 1 7  ? 10.110  -12.533 0.901   1.00 35.15 ? 165 ILE A CG2 1 
ATOM   17   C CD1 . ILE A 1 7  ? 9.400   -10.576 3.033   1.00 32.72 ? 165 ILE A CD1 1 
ATOM   18   N N   . PHE A 1 8  ? 13.642  -9.489  1.349   1.00 31.50 ? 166 PHE A N   1 
ATOM   19   C CA  . PHE A 1 8  ? 14.238  -8.158  1.320   1.00 27.41 ? 166 PHE A CA  1 
ATOM   20   C C   . PHE A 1 8  ? 15.666  -8.164  0.793   1.00 33.86 ? 166 PHE A C   1 
ATOM   21   O O   . PHE A 1 8  ? 16.429  -7.245  1.078   1.00 33.85 ? 166 PHE A O   1 
ATOM   22   C CB  . PHE A 1 8  ? 14.242  -7.504  2.710   1.00 26.76 ? 166 PHE A CB  1 
ATOM   23   C CG  . PHE A 1 8  ? 12.872  -7.272  3.286   1.00 28.52 ? 166 PHE A CG  1 
ATOM   24   C CD1 . PHE A 1 8  ? 11.996  -6.384  2.692   1.00 29.41 ? 166 PHE A CD1 1 
ATOM   25   C CD2 . PHE A 1 8  ? 12.472  -7.926  4.435   1.00 27.00 ? 166 PHE A CD2 1 
ATOM   26   C CE1 . PHE A 1 8  ? 10.731  -6.175  3.215   1.00 26.13 ? 166 PHE A CE1 1 
ATOM   27   C CE2 . PHE A 1 8  ? 11.207  -7.714  4.968   1.00 31.42 ? 166 PHE A CE2 1 
ATOM   28   C CZ  . PHE A 1 8  ? 10.340  -6.838  4.351   1.00 27.43 ? 166 PHE A CZ  1 
ATOM   29   N N   . LYS A 1 9  ? 16.046  -9.190  0.040   1.00 31.99 ? 167 LYS A N   1 
ATOM   30   C CA  . LYS A 1 9  ? 17.362  -9.176  -0.593  1.00 34.86 ? 167 LYS A CA  1 
ATOM   31   C C   . LYS A 1 9  ? 17.483  -7.911  -1.442  1.00 32.89 ? 167 LYS A C   1 
ATOM   32   O O   . LYS A 1 9  ? 16.524  -7.506  -2.084  1.00 38.46 ? 167 LYS A O   1 
ATOM   33   C CB  . LYS A 1 9  ? 17.569  -10.427 -1.456  1.00 43.20 ? 167 LYS A CB  1 
ATOM   34   C CG  . LYS A 1 9  ? 16.676  -10.505 -2.707  1.00 49.40 ? 167 LYS A CG  1 
ATOM   35   C CD  . LYS A 1 9  ? 16.908  -11.800 -3.486  1.00 62.25 ? 167 LYS A CD  1 
ATOM   36   C CE  . LYS A 1 9  ? 16.234  -11.777 -4.857  1.00 64.31 ? 167 LYS A CE  1 
ATOM   37   N NZ  . LYS A 1 9  ? 14.755  -11.679 -4.771  1.00 68.94 ? 167 LYS A NZ  1 
ATOM   38   N N   . ASN A 1 10 ? 18.649  -7.277  -1.407  1.00 39.30 ? 168 ASN A N   1 
ATOM   39   C CA  . ASN A 1 10 ? 18.912  -6.059  -2.186  1.00 42.29 ? 168 ASN A CA  1 
ATOM   40   C C   . ASN A 1 10 ? 18.149  -4.834  -1.701  1.00 38.24 ? 168 ASN A C   1 
ATOM   41   O O   . ASN A 1 10 ? 18.127  -3.807  -2.376  1.00 37.55 ? 168 ASN A O   1 
ATOM   42   C CB  . ASN A 1 10 ? 18.638  -6.265  -3.687  1.00 44.95 ? 168 ASN A CB  1 
ATOM   43   C CG  . ASN A 1 10 ? 19.474  -7.373  -4.286  1.00 49.60 ? 168 ASN A CG  1 
ATOM   44   O OD1 . ASN A 1 10 ? 20.677  -7.458  -4.039  1.00 46.69 ? 168 ASN A OD1 1 
ATOM   45   N ND2 . ASN A 1 10 ? 18.840  -8.234  -5.073  1.00 45.73 ? 168 ASN A ND2 1 
ATOM   46   N N   . CYS A 1 11 ? 17.506  -4.939  -0.547  1.00 36.29 ? 169 CYS A N   1 
ATOM   47   C CA  . CYS A 1 11 ? 16.881  -3.767  0.040   1.00 32.05 ? 169 CYS A CA  1 
ATOM   48   C C   . CYS A 1 11 ? 17.788  -3.210  1.115   1.00 28.83 ? 169 CYS A C   1 
ATOM   49   O O   . CYS A 1 11 ? 18.357  -3.954  1.913   1.00 28.97 ? 169 CYS A O   1 
ATOM   50   C CB  . CYS A 1 11 ? 15.521  -4.105  0.646   1.00 29.36 ? 169 CYS A CB  1 
ATOM   51   S SG  . CYS A 1 11 ? 14.298  -4.657  -0.530  1.00 30.98 ? 169 CYS A SG  1 
ATOM   52   N N   . VAL A 1 12 ? 17.936  -1.898  1.131   1.00 29.01 ? 170 VAL A N   1 
ATOM   53   C CA  . VAL A 1 12 ? 18.670  -1.256  2.200   1.00 27.28 ? 170 VAL A CA  1 
ATOM   54   C C   . VAL A 1 12 ? 17.782  -0.171  2.788   1.00 28.95 ? 170 VAL A C   1 
ATOM   55   O O   . VAL A 1 12 ? 17.457  0.821   2.134   1.00 29.52 ? 170 VAL A O   1 
ATOM   56   C CB  . VAL A 1 12 ? 19.980  -0.663  1.706   1.00 30.98 ? 170 VAL A CB  1 
ATOM   57   C CG1 . VAL A 1 12 ? 20.734  -0.040  2.874   1.00 32.64 ? 170 VAL A CG1 1 
ATOM   58   C CG2 . VAL A 1 12 ? 20.817  -1.740  1.030   1.00 30.11 ? 170 VAL A CG2 1 
ATOM   59   N N   . ILE A 1 13 ? 17.378  -0.373  4.030   1.00 28.63 ? 171 ILE A N   1 
ATOM   60   C CA  . ILE A 1 13 ? 16.279  0.394   4.583   1.00 27.39 ? 171 ILE A CA  1 
ATOM   61   C C   . ILE A 1 13 ? 16.716  1.368   5.678   1.00 23.93 ? 171 ILE A C   1 
ATOM   62   O O   . ILE A 1 13 ? 17.501  1.018   6.552   1.00 27.62 ? 171 ILE A O   1 
ATOM   63   C CB  . ILE A 1 13 ? 15.186  -0.578  5.066   1.00 24.47 ? 171 ILE A CB  1 
ATOM   64   C CG1 . ILE A 1 13 ? 14.563  -1.263  3.844   1.00 25.06 ? 171 ILE A CG1 1 
ATOM   65   C CG2 . ILE A 1 13 ? 14.137  0.146   5.883   1.00 27.23 ? 171 ILE A CG2 1 
ATOM   66   C CD1 . ILE A 1 13 ? 14.001  -2.620  4.096   1.00 28.19 ? 171 ILE A CD1 1 
ATOM   67   N N   . TYR A 1 14 ? 16.224  2.599   5.610   1.00 24.08 ? 172 TYR A N   1 
ATOM   68   C CA  . TYR A 1 14 ? 16.455  3.567   6.676   1.00 23.13 ? 172 TYR A CA  1 
ATOM   69   C C   . TYR A 1 14 ? 15.132  3.920   7.333   1.00 25.57 ? 172 TYR A C   1 
ATOM   70   O O   . TYR A 1 14 ? 14.200  4.353   6.666   1.00 25.47 ? 172 TYR A O   1 
ATOM   71   C CB  . TYR A 1 14 ? 17.109  4.839   6.142   1.00 23.63 ? 172 TYR A CB  1 
ATOM   72   C CG  . TYR A 1 14 ? 17.148  5.940   7.186   1.00 28.85 ? 172 TYR A CG  1 
ATOM   73   C CD1 . TYR A 1 14 ? 18.062  5.891   8.231   1.00 30.28 ? 172 TYR A CD1 1 
ATOM   74   C CD2 . TYR A 1 14 ? 16.266  7.024   7.140   1.00 26.48 ? 172 TYR A CD2 1 
ATOM   75   C CE1 . TYR A 1 14 ? 18.107  6.887   9.196   1.00 29.15 ? 172 TYR A CE1 1 
ATOM   76   C CE2 . TYR A 1 14 ? 16.303  8.019   8.104   1.00 27.99 ? 172 TYR A CE2 1 
ATOM   77   C CZ  . TYR A 1 14 ? 17.230  7.941   9.128   1.00 31.28 ? 172 TYR A CZ  1 
ATOM   78   O OH  . TYR A 1 14 ? 17.286  8.918   10.090  1.00 34.53 ? 172 TYR A OH  1 
ATOM   79   N N   . ILE A 1 15 ? 15.040  3.741   8.644   1.00 24.77 ? 173 ILE A N   1 
ATOM   80   C CA  . ILE A 1 15 ? 13.796  4.041   9.332   1.00 26.20 ? 173 ILE A CA  1 
ATOM   81   C C   . ILE A 1 15 ? 13.862  5.429   9.942   1.00 26.19 ? 173 ILE A C   1 
ATOM   82   O O   . ILE A 1 15 ? 14.801  5.761   10.663  1.00 25.24 ? 173 ILE A O   1 
ATOM   83   C CB  . ILE A 1 15 ? 13.454  2.969   10.385  1.00 28.00 ? 173 ILE A CB  1 
ATOM   84   C CG1 . ILE A 1 15 ? 13.520  1.584   9.751   1.00 20.57 ? 173 ILE A CG1 1 
ATOM   85   C CG2 . ILE A 1 15 ? 12.069  3.212   10.993  1.00 23.50 ? 173 ILE A CG2 1 
ATOM   86   C CD1 . ILE A 1 15 ? 13.177  0.487   10.704  1.00 26.13 ? 173 ILE A CD1 1 
ATOM   87   N N   . ASN A 1 16 ? 12.861  6.241   9.618   1.00 22.73 ? 174 ASN A N   1 
ATOM   88   C CA  . ASN A 1 16 ? 12.803  7.602   10.106  1.00 23.20 ? 174 ASN A CA  1 
ATOM   89   C C   . ASN A 1 16 ? 11.658  7.808   11.088  1.00 26.47 ? 174 ASN A C   1 
ATOM   90   O O   . ASN A 1 16 ? 10.507  7.504   10.794  1.00 28.68 ? 174 ASN A O   1 
ATOM   91   C CB  . ASN A 1 16 ? 12.676  8.576   8.946   1.00 28.40 ? 174 ASN A CB  1 
ATOM   92   C CG  . ASN A 1 16 ? 12.697  10.007  9.396   1.00 27.38 ? 174 ASN A CG  1 
ATOM   93   O OD1 . ASN A 1 16 ? 13.755  10.617  9.516   1.00 35.71 ? 174 ASN A OD1 1 
ATOM   94   N ND2 . ASN A 1 16 ? 11.525  10.559  9.646   1.00 27.81 ? 174 ASN A ND2 1 
ATOM   95   N N   . GLY A 1 17 ? 11.993  8.313   12.267  1.00 30.76 ? 175 GLY A N   1 
ATOM   96   C CA  . GLY A 1 17 ? 11.000  8.709   13.244  1.00 27.33 ? 175 GLY A CA  1 
ATOM   97   C C   . GLY A 1 17 ? 10.429  7.539   13.998  1.00 30.60 ? 175 GLY A C   1 
ATOM   98   O O   . GLY A 1 17 ? 10.988  6.445   13.973  1.00 28.16 ? 175 GLY A O   1 
ATOM   99   N N   . TYR A 1 18 ? 9.307   7.797   14.665  1.00 33.77 ? 176 TYR A N   1 
ATOM   100  C CA  . TYR A 1 18 ? 8.585   6.805   15.432  1.00 32.08 ? 176 TYR A CA  1 
ATOM   101  C C   . TYR A 1 18 ? 7.756   5.930   14.512  1.00 32.08 ? 176 TYR A C   1 
ATOM   102  O O   . TYR A 1 18 ? 7.135   6.423   13.572  1.00 34.25 ? 176 TYR A O   1 
ATOM   103  C CB  . TYR A 1 18 ? 7.669   7.499   16.455  1.00 37.73 ? 176 TYR A CB  1 
ATOM   104  C CG  . TYR A 1 18 ? 6.763   6.549   17.215  1.00 39.44 ? 176 TYR A CG  1 
ATOM   105  C CD1 . TYR A 1 18 ? 7.238   5.827   18.312  1.00 45.34 ? 176 TYR A CD1 1 
ATOM   106  C CD2 . TYR A 1 18 ? 5.439   6.363   16.830  1.00 38.23 ? 176 TYR A CD2 1 
ATOM   107  C CE1 . TYR A 1 18 ? 6.415   4.949   19.004  1.00 42.35 ? 176 TYR A CE1 1 
ATOM   108  C CE2 . TYR A 1 18 ? 4.608   5.483   17.513  1.00 40.67 ? 176 TYR A CE2 1 
ATOM   109  C CZ  . TYR A 1 18 ? 5.101   4.784   18.600  1.00 44.84 ? 176 TYR A CZ  1 
ATOM   110  O OH  . TYR A 1 18 ? 4.283   3.915   19.288  1.00 52.33 ? 176 TYR A OH  1 
ATOM   111  N N   . THR A 1 19 ? 7.755   4.626   14.789  1.00 32.26 ? 177 THR A N   1 
ATOM   112  C CA  . THR A 1 19 ? 6.967   3.662   14.033  1.00 32.94 ? 177 THR A CA  1 
ATOM   113  C C   . THR A 1 19 ? 6.385   2.616   14.966  1.00 34.18 ? 177 THR A C   1 
ATOM   114  O O   . THR A 1 19 ? 6.926   2.371   16.044  1.00 32.24 ? 177 THR A O   1 
ATOM   115  C CB  . THR A 1 19 ? 7.825   2.884   13.009  1.00 30.32 ? 177 THR A CB  1 
ATOM   116  O OG1 . THR A 1 19 ? 8.906   2.239   13.693  1.00 28.97 ? 177 THR A OG1 1 
ATOM   117  C CG2 . THR A 1 19 ? 8.366   3.799   11.914  1.00 21.62 ? 177 THR A CG2 1 
ATOM   118  N N   . LYS A 1 20 ? 5.285   2.001   14.533  1.00 30.59 ? 178 LYS A N   1 
ATOM   119  C CA  . LYS A 1 20 ? 4.755   0.789   15.141  1.00 32.45 ? 178 LYS A CA  1 
ATOM   120  C C   . LYS A 1 20 ? 4.692   -0.259  14.042  1.00 28.55 ? 178 LYS A C   1 
ATOM   121  O O   . LYS A 1 20 ? 4.062   -0.024  13.011  1.00 34.25 ? 178 LYS A O   1 
ATOM   122  C CB  . LYS A 1 20 ? 3.351   1.019   15.710  1.00 40.85 ? 178 LYS A CB  1 
ATOM   123  C CG  . LYS A 1 20 ? 3.299   1.992   16.885  1.00 52.57 ? 178 LYS A CG  1 
ATOM   124  C CD  . LYS A 1 20 ? 1.862   2.241   17.382  1.00 70.70 ? 178 LYS A CD  1 
ATOM   125  C CE  . LYS A 1 20 ? 1.020   3.047   16.382  1.00 66.09 ? 178 LYS A CE  1 
ATOM   126  N NZ  . LYS A 1 20 ? 1.467   4.471   16.249  1.00 56.01 ? 178 LYS A NZ  1 
ATOM   127  N N   . PRO A 1 21 ? 5.369   -1.404  14.225  1.00 26.10 ? 179 PRO A N   1 
ATOM   128  C CA  . PRO A 1 21 ? 6.262   -1.843  15.305  1.00 30.07 ? 179 PRO A CA  1 
ATOM   129  C C   . PRO A 1 21 ? 7.503   -0.952  15.426  1.00 34.04 ? 179 PRO A C   1 
ATOM   130  O O   . PRO A 1 21 ? 7.764   -0.169  14.517  1.00 33.35 ? 179 PRO A O   1 
ATOM   131  C CB  . PRO A 1 21 ? 6.693   -3.236  14.846  1.00 28.17 ? 179 PRO A CB  1 
ATOM   132  C CG  . PRO A 1 21 ? 5.621   -3.685  13.960  1.00 29.94 ? 179 PRO A CG  1 
ATOM   133  C CD  . PRO A 1 21 ? 5.194   -2.461  13.222  1.00 31.93 ? 179 PRO A CD  1 
ATOM   134  N N   . GLY A 1 22 ? 8.241   -1.077  16.529  1.00 35.81 ? 180 GLY A N   1 
ATOM   135  C CA  . GLY A 1 22 ? 9.384   -0.225  16.826  1.00 26.51 ? 180 GLY A CA  1 
ATOM   136  C C   . GLY A 1 22 ? 10.547  -0.493  15.894  1.00 26.05 ? 180 GLY A C   1 
ATOM   137  O O   . GLY A 1 22 ? 10.584  -1.531  15.237  1.00 26.67 ? 180 GLY A O   1 
ATOM   138  N N   . ARG A 1 23 ? 11.501  0.433   15.829  1.00 25.50 ? 181 ARG A N   1 
ATOM   139  C CA  . ARG A 1 23 ? 12.592  0.288   14.870  1.00 29.04 ? 181 ARG A CA  1 
ATOM   140  C C   . ARG A 1 23 ? 13.389  -0.986  15.096  1.00 25.64 ? 181 ARG A C   1 
ATOM   141  O O   . ARG A 1 23 ? 13.807  -1.622  14.149  1.00 28.48 ? 181 ARG A O   1 
ATOM   142  C CB  . ARG A 1 23 ? 13.498  1.532   14.812  1.00 32.60 ? 181 ARG A CB  1 
ATOM   143  C CG  . ARG A 1 23 ? 14.525  1.671   15.905  1.00 36.38 ? 181 ARG A CG  1 
ATOM   144  C CD  . ARG A 1 23 ? 15.179  3.055   15.861  1.00 33.33 ? 181 ARG A CD  1 
ATOM   145  N NE  . ARG A 1 23 ? 15.955  3.286   14.638  1.00 40.94 ? 181 ARG A NE  1 
ATOM   146  C CZ  . ARG A 1 23 ? 15.566  4.046   13.606  1.00 40.77 ? 181 ARG A CZ  1 
ATOM   147  N NH1 . ARG A 1 23 ? 14.391  4.673   13.637  1.00 35.16 ? 181 ARG A NH1 1 
ATOM   148  N NH2 . ARG A 1 23 ? 16.367  4.187   12.539  1.00 30.09 ? 181 ARG A NH2 1 
ATOM   149  N N   . LEU A 1 24 ? 13.564  -1.384  16.346  1.00 34.71 ? 182 LEU A N   1 
ATOM   150  C CA  . LEU A 1 24 ? 14.335  -2.590  16.625  1.00 33.85 ? 182 LEU A CA  1 
ATOM   151  C C   . LEU A 1 24 ? 13.625  -3.832  16.102  1.00 28.10 ? 182 LEU A C   1 
ATOM   152  O O   . LEU A 1 24 ? 14.253  -4.707  15.500  1.00 29.34 ? 182 LEU A O   1 
ATOM   153  C CB  . LEU A 1 24 ? 14.639  -2.728  18.115  1.00 33.47 ? 182 LEU A CB  1 
ATOM   154  C CG  . LEU A 1 24 ? 15.397  -4.022  18.433  1.00 44.98 ? 182 LEU A CG  1 
ATOM   155  C CD1 . LEU A 1 24 ? 16.713  -4.144  17.632  1.00 42.53 ? 182 LEU A CD1 1 
ATOM   156  C CD2 . LEU A 1 24 ? 15.640  -4.147  19.926  1.00 47.23 ? 182 LEU A CD2 1 
ATOM   157  N N   . GLN A 1 25 ? 12.313  -3.901  16.307  1.00 27.30 ? 183 GLN A N   1 
ATOM   158  C CA  . GLN A 1 25 ? 11.550  -5.026  15.783  1.00 26.16 ? 183 GLN A CA  1 
ATOM   159  C C   . GLN A 1 25 ? 11.573  -5.081  14.249  1.00 28.99 ? 183 GLN A C   1 
ATOM   160  O O   . GLN A 1 25 ? 11.765  -6.152  13.664  1.00 27.52 ? 183 GLN A O   1 
ATOM   161  C CB  . GLN A 1 25 ? 10.129  -5.008  16.315  1.00 31.05 ? 183 GLN A CB  1 
ATOM   162  C CG  . GLN A 1 25 ? 9.324   -6.219  15.898  1.00 44.51 ? 183 GLN A CG  1 
ATOM   163  C CD  . GLN A 1 25 ? 7.931   -6.215  16.499  1.00 59.70 ? 183 GLN A CD  1 
ATOM   164  O OE1 . GLN A 1 25 ? 7.633   -5.417  17.399  1.00 62.91 ? 183 GLN A OE1 1 
ATOM   165  N NE2 . GLN A 1 25 ? 7.069   -7.105  16.009  1.00 47.76 ? 183 GLN A NE2 1 
ATOM   166  N N   . LEU A 1 26 ? 11.408  -3.925  13.601  1.00 27.92 ? 184 LEU A N   1 
ATOM   167  C CA  . LEU A 1 26 ? 11.467  -3.851  12.130  1.00 26.97 ? 184 LEU A CA  1 
ATOM   168  C C   . LEU A 1 26 ? 12.845  -4.248  11.569  1.00 26.29 ? 184 LEU A C   1 
ATOM   169  O O   . LEU A 1 26 ? 12.923  -4.960  10.559  1.00 26.01 ? 184 LEU A O   1 
ATOM   170  C CB  . LEU A 1 26 ? 11.056  -2.446  11.638  1.00 30.80 ? 184 LEU A CB  1 
ATOM   171  C CG  . LEU A 1 26 ? 9.603   -2.004  11.898  1.00 25.83 ? 184 LEU A CG  1 
ATOM   172  C CD1 . LEU A 1 26 ? 9.381   -0.545  11.546  1.00 23.73 ? 184 LEU A CD1 1 
ATOM   173  C CD2 . LEU A 1 26 ? 8.648   -2.865  11.127  1.00 18.73 ? 184 LEU A CD2 1 
ATOM   174  N N   . HIS A 1 27 ? 13.914  -3.791  12.235  1.00 27.75 ? 185 HIS A N   1 
ATOM   175  C CA  . HIS A 1 27 ? 15.304  -4.135  11.886  1.00 23.50 ? 185 HIS A CA  1 
ATOM   176  C C   . HIS A 1 27 ? 15.537  -5.639  11.950  1.00 26.74 ? 185 HIS A C   1 
ATOM   177  O O   . HIS A 1 27 ? 16.247  -6.208  11.118  1.00 28.11 ? 185 HIS A O   1 
ATOM   178  C CB  . HIS A 1 27 ? 16.293  -3.449  12.834  1.00 24.27 ? 185 HIS A CB  1 
ATOM   179  C CG  . HIS A 1 27 ? 16.467  -1.981  12.586  1.00 27.40 ? 185 HIS A CG  1 
ATOM   180  N ND1 . HIS A 1 27 ? 17.225  -1.174  13.403  1.00 23.65 ? 185 HIS A ND1 1 
ATOM   181  C CD2 . HIS A 1 27 ? 15.989  -1.183  11.602  1.00 27.13 ? 185 HIS A CD2 1 
ATOM   182  C CE1 . HIS A 1 27 ? 17.197  0.063   12.945  1.00 23.12 ? 185 HIS A CE1 1 
ATOM   183  N NE2 . HIS A 1 27 ? 16.459  0.085   11.852  1.00 23.95 ? 185 HIS A NE2 1 
ATOM   184  N N   . GLU A 1 28 ? 14.954  -6.280  12.959  1.00 26.93 ? 186 GLU A N   1 
ATOM   185  C CA  . GLU A 1 28 ? 15.009  -7.733  13.071  1.00 31.03 ? 186 GLU A CA  1 
ATOM   186  C C   . GLU A 1 28 ? 14.324  -8.397  11.890  1.00 25.79 ? 186 GLU A C   1 
ATOM   187  O O   . GLU A 1 28 ? 14.876  -9.297  11.273  1.00 25.84 ? 186 GLU A O   1 
ATOM   188  C CB  . GLU A 1 28 ? 14.345  -8.217  14.369  1.00 33.08 ? 186 GLU A CB  1 
ATOM   189  C CG  . GLU A 1 28 ? 15.061  -7.802  15.639  1.00 39.30 ? 186 GLU A CG  1 
ATOM   190  C CD  . GLU A 1 28 ? 14.658  -8.650  16.850  1.00 51.89 ? 186 GLU A CD  1 
ATOM   191  O OE1 . GLU A 1 28 ? 14.082  -9.754  16.668  1.00 48.49 ? 186 GLU A OE1 1 
ATOM   192  O OE2 . GLU A 1 28 ? 14.919  -8.201  17.987  1.00 57.17 ? 186 GLU A OE2 1 
ATOM   193  N N   . MET A 1 29 ? 13.106  -7.953  11.588  1.00 28.13 ? 187 MET A N   1 
ATOM   194  C CA  . MET A 1 29 ? 12.367  -8.482  10.444  1.00 24.52 ? 187 MET A CA  1 
ATOM   195  C C   . MET A 1 29 ? 13.130  -8.295  9.142   1.00 25.98 ? 187 MET A C   1 
ATOM   196  O O   . MET A 1 29 ? 13.121  -9.169  8.285   1.00 27.57 ? 187 MET A O   1 
ATOM   197  C CB  . MET A 1 29 ? 10.987  -7.831  10.351  1.00 22.15 ? 187 MET A CB  1 
ATOM   198  C CG  . MET A 1 29 ? 10.125  -8.072  11.590  1.00 31.13 ? 187 MET A CG  1 
ATOM   199  S SD  . MET A 1 29 ? 8.519   -7.247  11.556  1.00 36.01 ? 187 MET A SD  1 
ATOM   200  C CE  . MET A 1 29 ? 7.745   -8.103  10.199  1.00 32.77 ? 187 MET A CE  1 
ATOM   201  N N   . ILE A 1 30 ? 13.786  -7.147  8.995   1.00 28.56 ? 188 ILE A N   1 
ATOM   202  C CA  . ILE A 1 30 ? 14.542  -6.856  7.786   1.00 24.93 ? 188 ILE A CA  1 
ATOM   203  C C   . ILE A 1 30 ? 15.724  -7.803  7.617   1.00 28.44 ? 188 ILE A C   1 
ATOM   204  O O   . ILE A 1 30 ? 15.870  -8.432  6.576   1.00 28.06 ? 188 ILE A O   1 
ATOM   205  C CB  . ILE A 1 30 ? 15.026  -5.386  7.755   1.00 28.57 ? 188 ILE A CB  1 
ATOM   206  C CG1 . ILE A 1 30 ? 13.830  -4.444  7.565   1.00 26.29 ? 188 ILE A CG1 1 
ATOM   207  C CG2 . ILE A 1 30 ? 16.058  -5.193  6.648   1.00 25.30 ? 188 ILE A CG2 1 
ATOM   208  C CD1 . ILE A 1 30 ? 14.090  -2.986  7.948   1.00 22.94 ? 188 ILE A CD1 1 
ATOM   209  N N   . VAL A 1 31 ? 16.564  -7.918  8.643   1.00 29.66 ? 189 VAL A N   1 
ATOM   210  C CA  . VAL A 1 31 ? 17.750  -8.762  8.525   1.00 30.56 ? 189 VAL A CA  1 
ATOM   211  C C   . VAL A 1 31 ? 17.390  -10.259 8.534   1.00 29.94 ? 189 VAL A C   1 
ATOM   212  O O   . VAL A 1 31 ? 18.054  -11.063 7.891   1.00 34.88 ? 189 VAL A O   1 
ATOM   213  C CB  . VAL A 1 31 ? 18.866  -8.407  9.566   1.00 34.47 ? 189 VAL A CB  1 
ATOM   214  C CG1 . VAL A 1 31 ? 19.164  -6.888  9.580   1.00 26.29 ? 189 VAL A CG1 1 
ATOM   215  C CG2 . VAL A 1 31 ? 18.486  -8.864  10.930  1.00 39.24 ? 189 VAL A CG2 1 
ATOM   216  N N   . LEU A 1 32 ? 16.318  -10.620 9.232   1.00 30.08 ? 190 LEU A N   1 
ATOM   217  C CA  . LEU A 1 32 ? 15.826  -11.997 9.236   1.00 32.46 ? 190 LEU A CA  1 
ATOM   218  C C   . LEU A 1 32 ? 15.369  -12.433 7.852   1.00 33.34 ? 190 LEU A C   1 
ATOM   219  O O   . LEU A 1 32 ? 15.389  -13.616 7.524   1.00 35.42 ? 190 LEU A O   1 
ATOM   220  C CB  . LEU A 1 32 ? 14.663  -12.140 10.209  1.00 30.27 ? 190 LEU A CB  1 
ATOM   221  C CG  . LEU A 1 32 ? 14.685  -13.336 11.158  1.00 38.94 ? 190 LEU A CG  1 
ATOM   222  C CD1 . LEU A 1 32 ? 16.115  -13.705 11.501  1.00 42.10 ? 190 LEU A CD1 1 
ATOM   223  C CD2 . LEU A 1 32 ? 13.908  -13.020 12.430  1.00 38.30 ? 190 LEU A CD2 1 
ATOM   224  N N   . HIS A 1 33 ? 14.957  -11.473 7.037   1.00 29.73 ? 191 HIS A N   1 
ATOM   225  C CA  . HIS A 1 33 ? 14.459  -11.793 5.714   1.00 29.72 ? 191 HIS A CA  1 
ATOM   226  C C   . HIS A 1 33 ? 15.327  -11.250 4.599   1.00 29.07 ? 191 HIS A C   1 
ATOM   227  O O   . HIS A 1 33 ? 14.831  -10.893 3.548   1.00 35.47 ? 191 HIS A O   1 
ATOM   228  C CB  . HIS A 1 33 ? 13.017  -11.322 5.567   1.00 26.64 ? 191 HIS A CB  1 
ATOM   229  C CG  . HIS A 1 33 ? 12.078  -12.048 6.464   1.00 30.72 ? 191 HIS A CG  1 
ATOM   230  N ND1 . HIS A 1 33 ? 11.530  -13.267 6.129   1.00 35.95 ? 191 HIS A ND1 1 
ATOM   231  C CD2 . HIS A 1 33 ? 11.627  -11.762 7.708   1.00 31.14 ? 191 HIS A CD2 1 
ATOM   232  C CE1 . HIS A 1 33 ? 10.759  -13.687 7.115   1.00 30.56 ? 191 HIS A CE1 1 
ATOM   233  N NE2 . HIS A 1 33 ? 10.801  -12.791 8.085   1.00 30.19 ? 191 HIS A NE2 1 
ATOM   234  N N   . GLY A 1 34 ? 16.630  -11.204 4.830   1.00 27.59 ? 192 GLY A N   1 
ATOM   235  C CA  . GLY A 1 34 ? 17.573  -10.989 3.752   1.00 32.76 ? 192 GLY A CA  1 
ATOM   236  C C   . GLY A 1 34 ? 18.075  -9.577  3.503   1.00 27.81 ? 192 GLY A C   1 
ATOM   237  O O   . GLY A 1 34 ? 18.989  -9.394  2.714   1.00 32.69 ? 192 GLY A O   1 
ATOM   238  N N   . GLY A 1 35 ? 17.500  -8.577  4.162   1.00 30.59 ? 193 GLY A N   1 
ATOM   239  C CA  . GLY A 1 35 ? 17.832  -7.196  3.847   1.00 26.60 ? 193 GLY A CA  1 
ATOM   240  C C   . GLY A 1 35 ? 18.840  -6.566  4.786   1.00 31.79 ? 193 GLY A C   1 
ATOM   241  O O   . GLY A 1 35 ? 19.352  -7.223  5.692   1.00 34.02 ? 193 GLY A O   1 
ATOM   242  N N   . LYS A 1 36 ? 19.129  -5.287  4.560   1.00 29.70 ? 194 LYS A N   1 
ATOM   243  C CA  . LYS A 1 36 ? 20.030  -4.520  5.418   1.00 28.65 ? 194 LYS A CA  1 
ATOM   244  C C   . LYS A 1 36 ? 19.307  -3.282  5.891   1.00 29.71 ? 194 LYS A C   1 
ATOM   245  O O   . LYS A 1 36 ? 18.341  -2.864  5.263   1.00 29.34 ? 194 LYS A O   1 
ATOM   246  C CB  . LYS A 1 36 ? 21.255  -4.060  4.628   1.00 30.19 ? 194 LYS A CB  1 
ATOM   247  C CG  . LYS A 1 36 ? 22.065  -5.179  3.991   1.00 36.36 ? 194 LYS A CG  1 
ATOM   248  C CD  . LYS A 1 36 ? 23.333  -4.621  3.346   1.00 43.80 ? 194 LYS A CD  1 
ATOM   249  C CE  . LYS A 1 36 ? 24.136  -5.728  2.682   1.00 54.26 ? 194 LYS A CE  1 
ATOM   250  N NZ  . LYS A 1 36 ? 24.257  -6.929  3.572   1.00 60.72 ? 194 LYS A NZ  1 
ATOM   251  N N   . PHE A 1 37 ? 19.775  -2.683  6.985   1.00 29.78 ? 195 PHE A N   1 
ATOM   252  C CA  . PHE A 1 37 ? 19.274  -1.377  7.399   1.00 30.40 ? 195 PHE A CA  1 
ATOM   253  C C   . PHE A 1 37 ? 20.419  -0.424  7.719   1.00 31.91 ? 195 PHE A C   1 
ATOM   254  O O   . PHE A 1 37 ? 21.540  -0.859  7.965   1.00 29.94 ? 195 PHE A O   1 
ATOM   255  C CB  . PHE A 1 37 ? 18.336  -1.495  8.594   1.00 26.24 ? 195 PHE A CB  1 
ATOM   256  C CG  . PHE A 1 37 ? 18.999  -2.004  9.836   1.00 28.26 ? 195 PHE A CG  1 
ATOM   257  C CD1 . PHE A 1 37 ? 19.623  -1.131  10.716  1.00 30.38 ? 195 PHE A CD1 1 
ATOM   258  C CD2 . PHE A 1 37 ? 19.002  -3.356  10.127  1.00 29.21 ? 195 PHE A CD2 1 
ATOM   259  C CE1 . PHE A 1 37 ? 20.242  -1.604  11.852  1.00 29.93 ? 195 PHE A CE1 1 
ATOM   260  C CE2 . PHE A 1 37 ? 19.613  -3.829  11.270  1.00 35.62 ? 195 PHE A CE2 1 
ATOM   261  C CZ  . PHE A 1 37 ? 20.230  -2.948  12.134  1.00 30.48 ? 195 PHE A CZ  1 
ATOM   262  N N   . LEU A 1 38 ? 20.116  0.872   7.712   1.00 30.06 ? 196 LEU A N   1 
ATOM   263  C CA  . LEU A 1 38 ? 21.074  1.924   8.053   1.00 27.16 ? 196 LEU A CA  1 
ATOM   264  C C   . LEU A 1 38 ? 20.617  2.659   9.295   1.00 28.05 ? 196 LEU A C   1 
ATOM   265  O O   . LEU A 1 38 ? 19.421  2.886   9.473   1.00 28.26 ? 196 LEU A O   1 
ATOM   266  C CB  . LEU A 1 38 ? 21.158  2.953   6.927   1.00 26.57 ? 196 LEU A CB  1 
ATOM   267  C CG  . LEU A 1 38 ? 21.770  2.516   5.609   1.00 34.10 ? 196 LEU A CG  1 
ATOM   268  C CD1 . LEU A 1 38 ? 21.977  3.726   4.737   1.00 42.79 ? 196 LEU A CD1 1 
ATOM   269  C CD2 . LEU A 1 38 ? 23.087  1.816   5.883   1.00 40.01 ? 196 LEU A CD2 1 
ATOM   270  N N   . HIS A 1 39 ? 21.573  3.044   10.141  1.00 33.75 ? 197 HIS A N   1 
ATOM   271  C CA  . HIS A 1 39 ? 21.293  3.899   11.292  1.00 32.11 ? 197 HIS A CA  1 
ATOM   272  C C   . HIS A 1 39 ? 21.344  5.364   10.864  1.00 31.94 ? 197 HIS A C   1 
ATOM   273  O O   . HIS A 1 39 ? 20.728  6.232   11.479  1.00 32.81 ? 197 HIS A O   1 
ATOM   274  C CB  . HIS A 1 39 ? 22.301  3.648   12.429  1.00 28.79 ? 197 HIS A CB  1 
ATOM   275  C CG  . HIS A 1 39 ? 22.109  2.340   13.137  1.00 32.10 ? 197 HIS A CG  1 
ATOM   276  N ND1 . HIS A 1 39 ? 20.944  2.017   13.801  1.00 35.91 ? 197 HIS A ND1 1 
ATOM   277  C CD2 . HIS A 1 39 ? 22.933  1.276   13.289  1.00 34.15 ? 197 HIS A CD2 1 
ATOM   278  C CE1 . HIS A 1 39 ? 21.059  0.808   14.324  1.00 32.23 ? 197 HIS A CE1 1 
ATOM   279  N NE2 . HIS A 1 39 ? 22.256  0.337   14.029  1.00 35.01 ? 197 HIS A NE2 1 
ATOM   280  N N   . TYR A 1 40 ? 22.097  5.631   9.809   1.00 33.61 ? 198 TYR A N   1 
ATOM   281  C CA  . TYR A 1 40 ? 22.285  6.990   9.333   1.00 39.75 ? 198 TYR A CA  1 
ATOM   282  C C   . TYR A 1 40 ? 21.926  7.069   7.856   1.00 42.52 ? 198 TYR A C   1 
ATOM   283  O O   . TYR A 1 40 ? 22.380  6.242   7.049   1.00 35.68 ? 198 TYR A O   1 
ATOM   284  C CB  . TYR A 1 40 ? 23.737  7.425   9.545   1.00 40.18 ? 198 TYR A CB  1 
ATOM   285  C CG  . TYR A 1 40 ? 24.101  8.735   8.875   1.00 53.59 ? 198 TYR A CG  1 
ATOM   286  C CD1 . TYR A 1 40 ? 23.496  9.928   9.263   1.00 53.89 ? 198 TYR A CD1 1 
ATOM   287  C CD2 . TYR A 1 40 ? 25.060  8.781   7.866   1.00 51.79 ? 198 TYR A CD2 1 
ATOM   288  C CE1 . TYR A 1 40 ? 23.838  11.128  8.671   1.00 54.96 ? 198 TYR A CE1 1 
ATOM   289  C CE2 . TYR A 1 40 ? 25.407  9.977   7.265   1.00 51.86 ? 198 TYR A CE2 1 
ATOM   290  C CZ  . TYR A 1 40 ? 24.789  11.148  7.673   1.00 62.25 ? 198 TYR A CZ  1 
ATOM   291  O OH  . TYR A 1 40 ? 25.118  12.349  7.084   1.00 68.22 ? 198 TYR A OH  1 
ATOM   292  N N   . LEU A 1 41 ? 21.107  8.061   7.514   1.00 37.26 ? 199 LEU A N   1 
ATOM   293  C CA  . LEU A 1 41 ? 20.674  8.248   6.140   1.00 36.87 ? 199 LEU A CA  1 
ATOM   294  C C   . LEU A 1 41 ? 21.773  8.894   5.312   1.00 42.81 ? 199 LEU A C   1 
ATOM   295  O O   . LEU A 1 41 ? 21.980  10.105  5.370   1.00 43.71 ? 199 LEU A O   1 
ATOM   296  C CB  . LEU A 1 41 ? 19.416  9.102   6.094   1.00 35.99 ? 199 LEU A CB  1 
ATOM   297  C CG  . LEU A 1 41 ? 18.841  9.301   4.696   1.00 34.00 ? 199 LEU A CG  1 
ATOM   298  C CD1 . LEU A 1 41 ? 18.201  8.034   4.158   1.00 32.69 ? 199 LEU A CD1 1 
ATOM   299  C CD2 . LEU A 1 41 ? 17.867  10.411  4.735   1.00 36.17 ? 199 LEU A CD2 1 
ATOM   300  N N   . SER A 1 42 ? 22.471  8.080   4.531   1.00 45.14 ? 200 SER A N   1 
ATOM   301  C CA  . SER A 1 42 ? 23.655  8.548   3.818   1.00 53.86 ? 200 SER A CA  1 
ATOM   302  C C   . SER A 1 42 ? 23.298  9.269   2.524   1.00 59.56 ? 200 SER A C   1 
ATOM   303  O O   . SER A 1 42 ? 23.493  10.491  2.400   1.00 57.80 ? 200 SER A O   1 
ATOM   304  C CB  . SER A 1 42 ? 24.588  7.373   3.524   1.00 54.06 ? 200 SER A CB  1 
ATOM   305  O OG  . SER A 1 42 ? 23.877  6.310   2.911   1.00 51.71 ? 200 SER A OG  1 
ATOM   306  N N   . SER A 1 43 ? 22.778  8.502   1.567   1.00 48.75 ? 201 SER A N   1 
ATOM   307  C CA  . SER A 1 43 ? 22.431  9.021   0.249   1.00 46.10 ? 201 SER A CA  1 
ATOM   308  C C   . SER A 1 43 ? 21.645  7.948   -0.490  1.00 52.60 ? 201 SER A C   1 
ATOM   309  O O   . SER A 1 43 ? 21.504  6.827   0.004   1.00 51.30 ? 201 SER A O   1 
ATOM   310  C CB  . SER A 1 43 ? 23.691  9.414   -0.548  1.00 46.24 ? 201 SER A CB  1 
ATOM   311  O OG  . SER A 1 43 ? 24.225  8.323   -1.278  1.00 44.20 ? 201 SER A OG  1 
ATOM   312  N N   . LYS A 1 44 ? 21.134  8.278   -1.672  1.00 45.77 ? 202 LYS A N   1 
ATOM   313  C CA  . LYS A 1 44 ? 20.399  7.295   -2.459  1.00 44.38 ? 202 LYS A CA  1 
ATOM   314  C C   . LYS A 1 44 ? 21.335  6.274   -3.093  1.00 45.17 ? 202 LYS A C   1 
ATOM   315  O O   . LYS A 1 44 ? 20.880  5.335   -3.735  1.00 45.17 ? 202 LYS A O   1 
ATOM   316  C CB  . LYS A 1 44 ? 19.560  7.965   -3.541  1.00 45.30 ? 202 LYS A CB  1 
ATOM   317  C CG  . LYS A 1 44 ? 18.581  8.973   -3.009  1.00 44.64 ? 202 LYS A CG  1 
ATOM   318  C CD  . LYS A 1 44 ? 17.465  9.254   -3.981  1.00 43.12 ? 202 LYS A CD  1 
ATOM   319  C CE  . LYS A 1 44 ? 18.009  9.708   -5.304  1.00 53.60 ? 202 LYS A CE  1 
ATOM   320  N NZ  . LYS A 1 44 ? 16.913  10.105  -6.222  1.00 60.52 ? 202 LYS A NZ  1 
ATOM   321  N N   . LYS A 1 45 ? 22.641  6.470   -2.923  1.00 49.59 ? 203 LYS A N   1 
ATOM   322  C CA  . LYS A 1 45 ? 23.618  5.508   -3.418  1.00 54.11 ? 203 LYS A CA  1 
ATOM   323  C C   . LYS A 1 45 ? 23.395  4.153   -2.730  1.00 53.80 ? 203 LYS A C   1 
ATOM   324  O O   . LYS A 1 45 ? 23.480  3.089   -3.348  1.00 55.96 ? 203 LYS A O   1 
ATOM   325  C CB  . LYS A 1 45 ? 25.054  6.013   -3.192  1.00 47.48 ? 203 LYS A CB  1 
ATOM   326  C CG  . LYS A 1 45 ? 26.120  5.161   -3.877  1.00 55.82 ? 203 LYS A CG  1 
ATOM   327  C CD  . LYS A 1 45 ? 27.539  5.729   -3.754  1.00 56.92 ? 203 LYS A CD  1 
ATOM   328  C CE  . LYS A 1 45 ? 28.532  4.843   -4.522  1.00 66.55 ? 203 LYS A CE  1 
ATOM   329  N NZ  . LYS A 1 45 ? 29.962  5.271   -4.452  1.00 67.53 ? 203 LYS A NZ  1 
ATOM   330  N N   . THR A 1 46 ? 23.075  4.203   -1.448  1.00 39.97 ? 204 THR A N   1 
ATOM   331  C CA  . THR A 1 46 ? 22.953  2.996   -0.669  1.00 42.76 ? 204 THR A CA  1 
ATOM   332  C C   . THR A 1 46 ? 21.495  2.707   -0.340  1.00 41.64 ? 204 THR A C   1 
ATOM   333  O O   . THR A 1 46 ? 20.993  1.625   -0.639  1.00 41.06 ? 204 THR A O   1 
ATOM   334  C CB  . THR A 1 46 ? 23.803  3.088   0.615   1.00 50.12 ? 204 THR A CB  1 
ATOM   335  O OG1 . THR A 1 46 ? 23.627  4.378   1.216   1.00 53.06 ? 204 THR A OG1 1 
ATOM   336  C CG2 . THR A 1 46 ? 25.275  2.914   0.277   1.00 60.65 ? 204 THR A CG2 1 
ATOM   337  N N   . VAL A 1 47 ? 20.818  3.688   0.251   1.00 35.95 ? 205 VAL A N   1 
ATOM   338  C CA  . VAL A 1 47 ? 19.431  3.532   0.680   1.00 35.33 ? 205 VAL A CA  1 
ATOM   339  C C   . VAL A 1 47 ? 18.477  3.179   -0.470  1.00 36.15 ? 205 VAL A C   1 
ATOM   340  O O   . VAL A 1 47 ? 18.426  3.880   -1.477  1.00 32.94 ? 205 VAL A O   1 
ATOM   341  C CB  . VAL A 1 47 ? 18.917  4.803   1.390   1.00 35.44 ? 205 VAL A CB  1 
ATOM   342  C CG1 . VAL A 1 47 ? 17.588  4.532   2.043   1.00 32.83 ? 205 VAL A CG1 1 
ATOM   343  C CG2 . VAL A 1 47 ? 19.898  5.247   2.435   1.00 40.10 ? 205 VAL A CG2 1 
ATOM   344  N N   . THR A 1 48 ? 17.730  2.082   -0.313  1.00 28.33 ? 206 THR A N   1 
ATOM   345  C CA  . THR A 1 48 ? 16.721  1.701   -1.291  1.00 27.36 ? 206 THR A CA  1 
ATOM   346  C C   . THR A 1 48 ? 15.320  2.184   -0.893  1.00 30.71 ? 206 THR A C   1 
ATOM   347  O O   . THR A 1 48 ? 14.531  2.610   -1.752  1.00 29.57 ? 206 THR A O   1 
ATOM   348  C CB  . THR A 1 48 ? 16.715  0.183   -1.538  1.00 30.98 ? 206 THR A CB  1 
ATOM   349  O OG1 . THR A 1 48 ? 16.233  -0.496  -0.373  1.00 27.89 ? 206 THR A OG1 1 
ATOM   350  C CG2 . THR A 1 48 ? 18.124  -0.298  -1.852  1.00 33.61 ? 206 THR A CG2 1 
ATOM   351  N N   . HIS A 1 49 ? 15.025  2.138   0.406   1.00 28.03 ? 207 HIS A N   1 
ATOM   352  C CA  . HIS A 1 49 ? 13.716  2.534   0.923   1.00 27.89 ? 207 HIS A CA  1 
ATOM   353  C C   . HIS A 1 49 ? 13.842  3.249   2.258   1.00 25.76 ? 207 HIS A C   1 
ATOM   354  O O   . HIS A 1 49 ? 14.659  2.877   3.091   1.00 25.83 ? 207 HIS A O   1 
ATOM   355  C CB  . HIS A 1 49 ? 12.822  1.309   1.141   1.00 25.84 ? 207 HIS A CB  1 
ATOM   356  C CG  . HIS A 1 49 ? 12.590  0.482   -0.086  1.00 27.38 ? 207 HIS A CG  1 
ATOM   357  N ND1 . HIS A 1 49 ? 13.552  -0.350  -0.616  1.00 29.14 ? 207 HIS A ND1 1 
ATOM   358  C CD2 . HIS A 1 49 ? 11.500  0.351   -0.880  1.00 24.27 ? 207 HIS A CD2 1 
ATOM   359  C CE1 . HIS A 1 49 ? 13.069  -0.954  -1.686  1.00 30.51 ? 207 HIS A CE1 1 
ATOM   360  N NE2 . HIS A 1 49 ? 11.820  -0.551  -1.863  1.00 28.72 ? 207 HIS A NE2 1 
ATOM   361  N N   . ILE A 1 50 ? 12.997  4.251   2.467   1.00 23.32 ? 208 ILE A N   1 
ATOM   362  C CA  . ILE A 1 50 ? 12.844  4.874   3.778   1.00 26.94 ? 208 ILE A CA  1 
ATOM   363  C C   . ILE A 1 50 ? 11.511  4.441   4.397   1.00 22.74 ? 208 ILE A C   1 
ATOM   364  O O   . ILE A 1 50 ? 10.492  4.411   3.722   1.00 25.27 ? 208 ILE A O   1 
ATOM   365  C CB  . ILE A 1 50 ? 12.936  6.426   3.676   1.00 24.42 ? 208 ILE A CB  1 
ATOM   366  C CG1 . ILE A 1 50 ? 14.315  6.831   3.129   1.00 21.56 ? 208 ILE A CG1 1 
ATOM   367  C CG2 . ILE A 1 50 ? 12.660  7.084   5.025   1.00 22.86 ? 208 ILE A CG2 1 
ATOM   368  C CD1 . ILE A 1 50 ? 14.584  8.317   3.117   1.00 30.05 ? 208 ILE A CD1 1 
ATOM   369  N N   . VAL A 1 51 ? 11.515  4.062   5.667   1.00 21.52 ? 209 VAL A N   1 
ATOM   370  C CA  . VAL A 1 51 ? 10.273  3.694   6.341   1.00 23.20 ? 209 VAL A CA  1 
ATOM   371  C C   . VAL A 1 51 ? 9.892   4.771   7.341   1.00 22.48 ? 209 VAL A C   1 
ATOM   372  O O   . VAL A 1 51 ? 10.721  5.196   8.133   1.00 29.49 ? 209 VAL A O   1 
ATOM   373  C CB  . VAL A 1 51 ? 10.391  2.326   7.069   1.00 25.82 ? 209 VAL A CB  1 
ATOM   374  C CG1 . VAL A 1 51 ? 9.165   2.068   7.940   1.00 22.24 ? 209 VAL A CG1 1 
ATOM   375  C CG2 . VAL A 1 51 ? 10.569  1.198   6.060   1.00 26.80 ? 209 VAL A CG2 1 
ATOM   376  N N   . ALA A 1 52 ? 8.640   5.211   7.310   1.00 25.82 ? 210 ALA A N   1 
ATOM   377  C CA  . ALA A 1 52 ? 8.186   6.266   8.199   1.00 22.81 ? 210 ALA A CA  1 
ATOM   378  C C   . ALA A 1 52 ? 6.697   6.141   8.380   1.00 26.83 ? 210 ALA A C   1 
ATOM   379  O O   . ALA A 1 52 ? 6.023   5.545   7.548   1.00 29.69 ? 210 ALA A O   1 
ATOM   380  C CB  . ALA A 1 52 ? 8.535   7.635   7.627   1.00 28.15 ? 210 ALA A CB  1 
ATOM   381  N N   . SER A 1 53 ? 6.194   6.693   9.483   1.00 33.72 ? 211 SER A N   1 
ATOM   382  C CA  . SER A 1 53 ? 4.773   6.646   9.819   1.00 34.00 ? 211 SER A CA  1 
ATOM   383  C C   . SER A 1 53 ? 4.052   7.840   9.207   1.00 44.69 ? 211 SER A C   1 
ATOM   384  O O   . SER A 1 53 ? 2.955   7.712   8.655   1.00 52.43 ? 211 SER A O   1 
ATOM   385  C CB  . SER A 1 53 ? 4.578   6.651   11.337  1.00 34.95 ? 211 SER A CB  1 
ATOM   386  O OG  . SER A 1 53 ? 4.877   5.381   11.892  1.00 37.79 ? 211 SER A OG  1 
ATOM   387  N N   . ASN A 1 54 ? 4.673   9.008   9.318   1.00 43.48 ? 212 ASN A N   1 
ATOM   388  C CA  . ASN A 1 54 ? 4.174   10.197  8.649   1.00 45.65 ? 212 ASN A CA  1 
ATOM   389  C C   . ASN A 1 54 ? 5.347   11.123  8.412   1.00 44.83 ? 212 ASN A C   1 
ATOM   390  O O   . ASN A 1 54 ? 6.457   10.836  8.857   1.00 51.91 ? 212 ASN A O   1 
ATOM   391  C CB  . ASN A 1 54 ? 3.090   10.885  9.478   1.00 48.35 ? 212 ASN A CB  1 
ATOM   392  C CG  . ASN A 1 54 ? 3.644   11.931  10.413  1.00 50.36 ? 212 ASN A CG  1 
ATOM   393  O OD1 . ASN A 1 54 ? 4.663   11.728  11.081  1.00 52.42 ? 212 ASN A OD1 1 
ATOM   394  N ND2 . ASN A 1 54 ? 2.968   13.069  10.467  1.00 56.54 ? 212 ASN A ND2 1 
ATOM   395  N N   . LEU A 1 55 ? 5.109   12.236  7.733   1.00 44.98 ? 213 LEU A N   1 
ATOM   396  C CA  . LEU A 1 55 ? 6.202   13.124  7.374   1.00 49.18 ? 213 LEU A CA  1 
ATOM   397  C C   . LEU A 1 55 ? 5.830   14.588  7.537   1.00 43.69 ? 213 LEU A C   1 
ATOM   398  O O   . LEU A 1 55 ? 4.983   15.095  6.801   1.00 48.89 ? 213 LEU A O   1 
ATOM   399  C CB  . LEU A 1 55 ? 6.624   12.886  5.919   1.00 44.89 ? 213 LEU A CB  1 
ATOM   400  C CG  . LEU A 1 55 ? 7.272   11.572  5.466   1.00 45.17 ? 213 LEU A CG  1 
ATOM   401  C CD1 . LEU A 1 55 ? 7.217   11.498  3.953   1.00 46.23 ? 213 LEU A CD1 1 
ATOM   402  C CD2 . LEU A 1 55 ? 8.714   11.437  5.954   1.00 36.74 ? 213 LEU A CD2 1 
ATOM   403  N N   . PRO A 1 56 ? 6.476   15.275  8.490   1.00 36.87 ? 214 PRO A N   1 
ATOM   404  C CA  . PRO A 1 56 ? 6.353   16.734  8.529   1.00 39.34 ? 214 PRO A CA  1 
ATOM   405  C C   . PRO A 1 56 ? 6.868   17.305  7.222   1.00 43.64 ? 214 PRO A C   1 
ATOM   406  O O   . PRO A 1 56 ? 7.755   16.703  6.614   1.00 41.52 ? 214 PRO A O   1 
ATOM   407  C CB  . PRO A 1 56 ? 7.273   17.141  9.683   1.00 39.42 ? 214 PRO A CB  1 
ATOM   408  C CG  . PRO A 1 56 ? 8.188   15.981  9.888   1.00 48.67 ? 214 PRO A CG  1 
ATOM   409  C CD  . PRO A 1 56 ? 7.383   14.766  9.530   1.00 42.33 ? 214 PRO A CD  1 
ATOM   410  N N   . LEU A 1 57 ? 6.304   18.431  6.797   1.00 43.23 ? 215 LEU A N   1 
ATOM   411  C CA  . LEU A 1 57 ? 6.696   19.098  5.555   1.00 40.21 ? 215 LEU A CA  1 
ATOM   412  C C   . LEU A 1 57 ? 8.203   19.061  5.280   1.00 36.23 ? 215 LEU A C   1 
ATOM   413  O O   . LEU A 1 57 ? 8.620   18.760  4.162   1.00 36.77 ? 215 LEU A O   1 
ATOM   414  C CB  . LEU A 1 57 ? 6.196   20.552  5.552   1.00 39.93 ? 215 LEU A CB  1 
ATOM   415  C CG  . LEU A 1 57 ? 6.861   21.485  4.537   1.00 43.40 ? 215 LEU A CG  1 
ATOM   416  C CD1 . LEU A 1 57 ? 6.366   21.165  3.139   1.00 38.55 ? 215 LEU A CD1 1 
ATOM   417  C CD2 . LEU A 1 57 ? 6.644   22.959  4.877   1.00 36.35 ? 215 LEU A CD2 1 
ATOM   418  N N   . LYS A 1 58 ? 9.005   19.348  6.303   1.00 33.48 ? 216 LYS A N   1 
ATOM   419  C CA  . LYS A 1 58 ? 10.451  19.366  6.158   1.00 31.19 ? 216 LYS A CA  1 
ATOM   420  C C   . LYS A 1 58 ? 10.992  18.026  5.680   1.00 34.33 ? 216 LYS A C   1 
ATOM   421  O O   . LYS A 1 58 ? 11.932  17.970  4.883   1.00 33.98 ? 216 LYS A O   1 
ATOM   422  C CB  . LYS A 1 58 ? 11.113  19.758  7.476   1.00 39.45 ? 216 LYS A CB  1 
ATOM   423  C CG  . LYS A 1 58 ? 12.615  19.546  7.479   1.00 56.52 ? 216 LYS A CG  1 
ATOM   424  C CD  . LYS A 1 58 ? 13.228  19.818  8.847   1.00 77.06 ? 216 LYS A CD  1 
ATOM   425  C CE  . LYS A 1 58 ? 14.741  19.565  8.842   1.00 88.12 ? 216 LYS A CE  1 
ATOM   426  N NZ  . LYS A 1 58 ? 15.491  20.493  7.941   1.00 74.34 ? 216 LYS A NZ  1 
ATOM   427  N N   . LYS A 1 59 ? 10.388  16.944  6.163   1.00 35.98 ? 217 LYS A N   1 
ATOM   428  C CA  . LYS A 1 59 ? 10.807  15.595  5.771   1.00 37.68 ? 217 LYS A CA  1 
ATOM   429  C C   . LYS A 1 59 ? 10.325  15.222  4.375   1.00 33.89 ? 217 LYS A C   1 
ATOM   430  O O   . LYS A 1 59 ? 11.026  14.531  3.631   1.00 33.06 ? 217 LYS A O   1 
ATOM   431  C CB  . LYS A 1 59 ? 10.345  14.553  6.789   1.00 34.27 ? 217 LYS A CB  1 
ATOM   432  C CG  . LYS A 1 59 ? 11.117  14.612  8.092   1.00 32.70 ? 217 LYS A CG  1 
ATOM   433  C CD  . LYS A 1 59 ? 12.596  14.460  7.830   1.00 34.27 ? 217 LYS A CD  1 
ATOM   434  C CE  . LYS A 1 59 ? 13.407  14.651  9.088   1.00 37.50 ? 217 LYS A CE  1 
ATOM   435  N NZ  . LYS A 1 59 ? 14.860  14.604  8.761   1.00 47.06 ? 217 LYS A NZ  1 
ATOM   436  N N   . ARG A 1 60 ? 9.131   15.684  4.020   1.00 32.37 ? 218 ARG A N   1 
ATOM   437  C CA  . ARG A 1 60 ? 8.618   15.485  2.675   1.00 34.26 ? 218 ARG A CA  1 
ATOM   438  C C   . ARG A 1 60 ? 9.550   16.145  1.667   1.00 37.53 ? 218 ARG A C   1 
ATOM   439  O O   . ARG A 1 60 ? 9.754   15.629  0.567   1.00 37.42 ? 218 ARG A O   1 
ATOM   440  C CB  . ARG A 1 60 ? 7.212   16.051  2.544   1.00 38.14 ? 218 ARG A CB  1 
ATOM   441  C CG  . ARG A 1 60 ? 6.243   15.521  3.593   1.00 46.77 ? 218 ARG A CG  1 
ATOM   442  C CD  . ARG A 1 60 ? 4.817   15.963  3.322   1.00 48.34 ? 218 ARG A CD  1 
ATOM   443  N NE  . ARG A 1 60 ? 4.116   15.088  2.387   1.00 59.58 ? 218 ARG A NE  1 
ATOM   444  C CZ  . ARG A 1 60 ? 3.006   15.418  1.731   1.00 70.80 ? 218 ARG A CZ  1 
ATOM   445  N NH1 . ARG A 1 60 ? 2.450   16.614  1.901   1.00 69.41 ? 218 ARG A NH1 1 
ATOM   446  N NH2 . ARG A 1 60 ? 2.451   14.547  0.898   1.00 77.25 ? 218 ARG A NH2 1 
ATOM   447  N N   . ILE A 1 61 ? 10.138  17.271  2.063   1.00 33.10 ? 219 ILE A N   1 
ATOM   448  C CA  . ILE A 1 61 ? 11.153  17.934  1.255   1.00 33.12 ? 219 ILE A CA  1 
ATOM   449  C C   . ILE A 1 61 ? 12.477  17.165  1.262   1.00 34.88 ? 219 ILE A C   1 
ATOM   450  O O   . ILE A 1 61 ? 13.062  16.896  0.209   1.00 32.01 ? 219 ILE A O   1 
ATOM   451  C CB  . ILE A 1 61 ? 11.400  19.376  1.753   1.00 37.76 ? 219 ILE A CB  1 
ATOM   452  C CG1 . ILE A 1 61 ? 10.114  20.205  1.651   1.00 39.34 ? 219 ILE A CG1 1 
ATOM   453  C CG2 . ILE A 1 61 ? 12.527  20.028  0.976   1.00 37.62 ? 219 ILE A CG2 1 
ATOM   454  C CD1 . ILE A 1 61 ? 9.639   20.416  0.244   1.00 37.51 ? 219 ILE A CD1 1 
ATOM   455  N N   . GLU A 1 62 ? 12.946  16.815  2.455   1.00 33.79 ? 220 GLU A N   1 
ATOM   456  C CA  . GLU A 1 62 ? 14.198  16.077  2.598   1.00 36.85 ? 220 GLU A CA  1 
ATOM   457  C C   . GLU A 1 62 ? 14.202  14.731  1.864   1.00 39.96 ? 220 GLU A C   1 
ATOM   458  O O   . GLU A 1 62 ? 15.236  14.320  1.329   1.00 36.09 ? 220 GLU A O   1 
ATOM   459  C CB  . GLU A 1 62 ? 14.518  15.852  4.076   1.00 34.04 ? 220 GLU A CB  1 
ATOM   460  C CG  . GLU A 1 62 ? 15.898  15.264  4.322   1.00 40.70 ? 220 GLU A CG  1 
ATOM   461  C CD  . GLU A 1 62 ? 16.214  15.116  5.803   1.00 49.12 ? 220 GLU A CD  1 
ATOM   462  O OE1 . GLU A 1 62 ? 15.522  15.764  6.622   1.00 48.03 ? 220 GLU A OE1 1 
ATOM   463  O OE2 . GLU A 1 62 ? 17.145  14.345  6.144   1.00 47.47 ? 220 GLU A OE2 1 
ATOM   464  N N   . PHE A 1 63 ? 13.050  14.059  1.839   1.00 34.83 ? 221 PHE A N   1 
ATOM   465  C CA  . PHE A 1 63 ? 12.944  12.701  1.299   1.00 34.84 ? 221 PHE A CA  1 
ATOM   466  C C   . PHE A 1 63 ? 12.259  12.631  -0.052  1.00 38.30 ? 221 PHE A C   1 
ATOM   467  O O   . PHE A 1 63 ? 11.786  11.565  -0.451  1.00 42.69 ? 221 PHE A O   1 
ATOM   468  C CB  . PHE A 1 63 ? 12.172  11.801  2.266   1.00 32.53 ? 221 PHE A CB  1 
ATOM   469  C CG  . PHE A 1 63 ? 12.828  11.653  3.602   1.00 31.63 ? 221 PHE A CG  1 
ATOM   470  C CD1 . PHE A 1 63 ? 14.198  11.830  3.734   1.00 29.97 ? 221 PHE A CD1 1 
ATOM   471  C CD2 . PHE A 1 63 ? 12.077  11.340  4.723   1.00 30.65 ? 221 PHE A CD2 1 
ATOM   472  C CE1 . PHE A 1 63 ? 14.805  11.702  4.961   1.00 32.21 ? 221 PHE A CE1 1 
ATOM   473  C CE2 . PHE A 1 63 ? 12.680  11.205  5.959   1.00 34.28 ? 221 PHE A CE2 1 
ATOM   474  C CZ  . PHE A 1 63 ? 14.054  11.390  6.081   1.00 31.61 ? 221 PHE A CZ  1 
ATOM   475  N N   . ALA A 1 64 ? 12.176  13.758  -0.747  1.00 37.56 ? 222 ALA A N   1 
ATOM   476  C CA  . ALA A 1 64 ? 11.535  13.762  -2.051  1.00 38.59 ? 222 ALA A CA  1 
ATOM   477  C C   . ALA A 1 64 ? 12.351  12.902  -3.001  1.00 39.90 ? 222 ALA A C   1 
ATOM   478  O O   . ALA A 1 64 ? 13.588  12.920  -2.968  1.00 42.67 ? 222 ALA A O   1 
ATOM   479  C CB  . ALA A 1 64 ? 11.426  15.163  -2.574  1.00 41.25 ? 222 ALA A CB  1 
ATOM   480  N N   . ASN A 1 65 ? 11.648  12.145  -3.836  1.00 41.25 ? 223 ASN A N   1 
ATOM   481  C CA  . ASN A 1 65 ? 12.267  11.170  -4.737  1.00 51.29 ? 223 ASN A CA  1 
ATOM   482  C C   . ASN A 1 65 ? 13.084  10.055  -4.045  1.00 47.74 ? 223 ASN A C   1 
ATOM   483  O O   . ASN A 1 65 ? 13.993  9.459   -4.633  1.00 41.71 ? 223 ASN A O   1 
ATOM   484  C CB  . ASN A 1 65 ? 13.074  11.856  -5.847  1.00 52.12 ? 223 ASN A CB  1 
ATOM   485  C CG  . ASN A 1 65 ? 13.274  10.954  -7.065  1.00 62.30 ? 223 ASN A CG  1 
ATOM   486  O OD1 . ASN A 1 65 ? 14.405  10.634  -7.432  1.00 64.57 ? 223 ASN A OD1 1 
ATOM   487  N ND2 . ASN A 1 65 ? 12.169  10.518  -7.676  1.00 56.74 ? 223 ASN A ND2 1 
ATOM   488  N N   . TYR A 1 66 ? 12.763  9.793   -2.786  1.00 38.13 ? 224 TYR A N   1 
ATOM   489  C CA  . TYR A 1 66 ? 13.104  8.517   -2.189  1.00 36.19 ? 224 TYR A CA  1 
ATOM   490  C C   . TYR A 1 66 ? 11.810  7.742   -2.240  1.00 30.90 ? 224 TYR A C   1 
ATOM   491  O O   . TYR A 1 66 ? 10.751  8.349   -2.293  1.00 35.56 ? 224 TYR A O   1 
ATOM   492  C CB  . TYR A 1 66 ? 13.480  8.687   -0.727  1.00 32.42 ? 224 TYR A CB  1 
ATOM   493  C CG  . TYR A 1 66 ? 14.921  9.030   -0.449  1.00 32.88 ? 224 TYR A CG  1 
ATOM   494  C CD1 . TYR A 1 66 ? 15.876  8.038   -0.301  1.00 39.18 ? 224 TYR A CD1 1 
ATOM   495  C CD2 . TYR A 1 66 ? 15.318  10.339  -0.296  1.00 32.32 ? 224 TYR A CD2 1 
ATOM   496  C CE1 . TYR A 1 66 ? 17.196  8.352   -0.024  1.00 42.70 ? 224 TYR A CE1 1 
ATOM   497  C CE2 . TYR A 1 66 ? 16.628  10.662  -0.024  1.00 34.15 ? 224 TYR A CE2 1 
ATOM   498  C CZ  . TYR A 1 66 ? 17.567  9.672   0.117   1.00 39.54 ? 224 TYR A CZ  1 
ATOM   499  O OH  . TYR A 1 66 ? 18.881  10.012  0.396   1.00 42.16 ? 224 TYR A OH  1 
ATOM   500  N N   . LYS A 1 67 ? 11.877  6.414   -2.223  1.00 31.05 ? 225 LYS A N   1 
ATOM   501  C CA  . LYS A 1 67 ? 10.681  5.629   -1.961  1.00 26.08 ? 225 LYS A CA  1 
ATOM   502  C C   . LYS A 1 67 ? 10.463  5.685   -0.461  1.00 29.48 ? 225 LYS A C   1 
ATOM   503  O O   . LYS A 1 67 ? 11.278  5.177   0.304   1.00 28.21 ? 225 LYS A O   1 
ATOM   504  C CB  . LYS A 1 67 ? 10.854  4.173   -2.397  1.00 28.19 ? 225 LYS A CB  1 
ATOM   505  C CG  . LYS A 1 67 ? 11.193  3.986   -3.868  1.00 28.96 ? 225 LYS A CG  1 
ATOM   506  C CD  . LYS A 1 67 ? 11.436  2.518   -4.175  1.00 30.33 ? 225 LYS A CD  1 
ATOM   507  C CE  . LYS A 1 67 ? 11.746  2.281   -5.632  1.00 31.01 ? 225 LYS A CE  1 
ATOM   508  N NZ  . LYS A 1 67 ? 12.905  3.103   -6.050  1.00 27.98 ? 225 LYS A NZ  1 
ATOM   509  N N   . VAL A 1 68 ? 9.378   6.315   -0.035  1.00 27.63 ? 226 VAL A N   1 
ATOM   510  C CA  . VAL A 1 68 ? 9.070   6.420   1.379   1.00 22.74 ? 226 VAL A CA  1 
ATOM   511  C C   . VAL A 1 68 ? 7.787   5.655   1.670   1.00 24.59 ? 226 VAL A C   1 
ATOM   512  O O   . VAL A 1 68 ? 6.736   5.979   1.126   1.00 31.03 ? 226 VAL A O   1 
ATOM   513  C CB  . VAL A 1 68 ? 8.908   7.879   1.821   1.00 20.82 ? 226 VAL A CB  1 
ATOM   514  C CG1 . VAL A 1 68 ? 8.626   7.930   3.316   1.00 28.42 ? 226 VAL A CG1 1 
ATOM   515  C CG2 . VAL A 1 68 ? 10.155  8.666   1.488   1.00 26.26 ? 226 VAL A CG2 1 
ATOM   516  N N   . VAL A 1 69 ? 7.886   4.638   2.525   1.00 24.20 ? 227 VAL A N   1 
ATOM   517  C CA  . VAL A 1 69 ? 6.815   3.671   2.709   1.00 24.46 ? 227 VAL A CA  1 
ATOM   518  C C   . VAL A 1 69 ? 6.478   3.526   4.192   1.00 26.88 ? 227 VAL A C   1 
ATOM   519  O O   . VAL A 1 69 ? 7.319   3.770   5.050   1.00 25.95 ? 227 VAL A O   1 
ATOM   520  C CB  . VAL A 1 69 ? 7.198   2.284   2.117   1.00 26.48 ? 227 VAL A CB  1 
ATOM   521  C CG1 . VAL A 1 69 ? 7.440   2.385   0.616   1.00 23.95 ? 227 VAL A CG1 1 
ATOM   522  C CG2 . VAL A 1 69 ? 8.424   1.734   2.806   1.00 22.63 ? 227 VAL A CG2 1 
ATOM   523  N N   . SER A 1 70 ? 5.244   3.148   4.495   1.00 29.52 ? 228 SER A N   1 
ATOM   524  C CA  . SER A 1 70 ? 4.850   2.934   5.883   1.00 30.66 ? 228 SER A CA  1 
ATOM   525  C C   . SER A 1 70 ? 5.455   1.618   6.383   1.00 29.29 ? 228 SER A C   1 
ATOM   526  O O   . SER A 1 70 ? 5.825   0.753   5.573   1.00 28.27 ? 228 SER A O   1 
ATOM   527  C CB  . SER A 1 70 ? 3.320   2.956   6.034   1.00 31.73 ? 228 SER A CB  1 
ATOM   528  O OG  . SER A 1 70 ? 2.684   1.937   5.274   1.00 36.24 ? 228 SER A OG  1 
ATOM   529  N N   . PRO A 1 71 ? 5.581   1.467   7.718   1.00 27.92 ? 229 PRO A N   1 
ATOM   530  C CA  . PRO A 1 71 ? 6.122   0.230   8.304   1.00 26.06 ? 229 PRO A CA  1 
ATOM   531  C C   . PRO A 1 71 ? 5.327   -1.024  7.928   1.00 25.52 ? 229 PRO A C   1 
ATOM   532  O O   . PRO A 1 71 ? 5.888   -2.114  7.970   1.00 25.68 ? 229 PRO A O   1 
ATOM   533  C CB  . PRO A 1 71 ? 6.022   0.481   9.812   1.00 28.69 ? 229 PRO A CB  1 
ATOM   534  C CG  . PRO A 1 71 ? 5.937   1.941   9.969   1.00 26.87 ? 229 PRO A CG  1 
ATOM   535  C CD  . PRO A 1 71 ? 5.269   2.478   8.746   1.00 23.52 ? 229 PRO A CD  1 
ATOM   536  N N   . ASP A 1 72 ? 4.051   -0.865  7.574   1.00 30.12 ? 230 ASP A N   1 
ATOM   537  C CA  . ASP A 1 72 ? 3.193   -1.971  7.151   1.00 25.88 ? 230 ASP A CA  1 
ATOM   538  C C   . ASP A 1 72 ? 3.777   -2.706  5.975   1.00 26.60 ? 230 ASP A C   1 
ATOM   539  O O   . ASP A 1 72 ? 3.512   -3.890  5.781   1.00 25.92 ? 230 ASP A O   1 
ATOM   540  C CB  . ASP A 1 72 ? 1.828   -1.458  6.722   1.00 28.39 ? 230 ASP A CB  1 
ATOM   541  C CG  . ASP A 1 72 ? 1.143   -0.688  7.799   1.00 41.65 ? 230 ASP A CG  1 
ATOM   542  O OD1 . ASP A 1 72 ? 1.572   -0.788  8.969   1.00 39.77 ? 230 ASP A OD1 1 
ATOM   543  O OD2 . ASP A 1 72 ? 0.169   0.018   7.470   1.00 50.10 ? 230 ASP A OD2 1 
ATOM   544  N N   . TRP A 1 73 ? 4.539   -1.987  5.162   1.00 27.09 ? 231 TRP A N   1 
ATOM   545  C CA  . TRP A 1 73 ? 5.179   -2.589  4.003   1.00 26.04 ? 231 TRP A CA  1 
ATOM   546  C C   . TRP A 1 73 ? 6.013   -3.782  4.414   1.00 25.71 ? 231 TRP A C   1 
ATOM   547  O O   . TRP A 1 73 ? 5.950   -4.827  3.783   1.00 28.58 ? 231 TRP A O   1 
ATOM   548  C CB  . TRP A 1 73 ? 6.065   -1.582  3.283   1.00 23.32 ? 231 TRP A CB  1 
ATOM   549  C CG  . TRP A 1 73 ? 6.767   -2.179  2.106   1.00 23.01 ? 231 TRP A CG  1 
ATOM   550  C CD1 . TRP A 1 73 ? 6.188   -2.791  1.024   1.00 25.21 ? 231 TRP A CD1 1 
ATOM   551  C CD2 . TRP A 1 73 ? 8.174   -2.216  1.882   1.00 25.74 ? 231 TRP A CD2 1 
ATOM   552  N NE1 . TRP A 1 73 ? 7.158   -3.206  0.144   1.00 27.39 ? 231 TRP A NE1 1 
ATOM   553  C CE2 . TRP A 1 73 ? 8.393   -2.855  0.647   1.00 24.27 ? 231 TRP A CE2 1 
ATOM   554  C CE3 . TRP A 1 73 ? 9.283   -1.765  2.608   1.00 24.62 ? 231 TRP A CE3 1 
ATOM   555  C CZ2 . TRP A 1 73 ? 9.666   -3.062  0.123   1.00 25.79 ? 231 TRP A CZ2 1 
ATOM   556  C CZ3 . TRP A 1 73 ? 10.538  -1.966  2.088   1.00 25.77 ? 231 TRP A CZ3 1 
ATOM   557  C CH2 . TRP A 1 73 ? 10.722  -2.611  0.859   1.00 26.09 ? 231 TRP A CH2 1 
ATOM   558  N N   . ILE A 1 74 ? 6.794   -3.600  5.475   1.00 22.32 ? 232 ILE A N   1 
ATOM   559  C CA  . ILE A 1 74 ? 7.643   -4.643  6.023   1.00 22.05 ? 232 ILE A CA  1 
ATOM   560  C C   . ILE A 1 74 ? 6.827   -5.753  6.681   1.00 27.38 ? 232 ILE A C   1 
ATOM   561  O O   . ILE A 1 74 ? 7.040   -6.942  6.416   1.00 26.26 ? 232 ILE A O   1 
ATOM   562  C CB  . ILE A 1 74 ? 8.597   -4.047  7.055   1.00 23.53 ? 232 ILE A CB  1 
ATOM   563  C CG1 . ILE A 1 74 ? 9.533   -3.049  6.373   1.00 27.86 ? 232 ILE A CG1 1 
ATOM   564  C CG2 . ILE A 1 74 ? 9.407   -5.142  7.723   1.00 26.16 ? 232 ILE A CG2 1 
ATOM   565  C CD1 . ILE A 1 74 ? 10.338  -2.256  7.332   1.00 32.95 ? 232 ILE A CD1 1 
ATOM   566  N N   . VAL A 1 75 ? 5.892   -5.359  7.544   1.00 28.09 ? 233 VAL A N   1 
ATOM   567  C CA  . VAL A 1 75 ? 5.063   -6.306  8.265   1.00 28.33 ? 233 VAL A CA  1 
ATOM   568  C C   . VAL A 1 75 ? 4.240   -7.151  7.309   1.00 29.57 ? 233 VAL A C   1 
ATOM   569  O O   . VAL A 1 75 ? 4.194   -8.375  7.432   1.00 35.43 ? 233 VAL A O   1 
ATOM   570  C CB  . VAL A 1 75 ? 4.112   -5.591  9.223   1.00 27.69 ? 233 VAL A CB  1 
ATOM   571  C CG1 . VAL A 1 75 ? 3.319   -6.607  10.016  1.00 33.78 ? 233 VAL A CG1 1 
ATOM   572  C CG2 . VAL A 1 75 ? 4.878   -4.693  10.152  1.00 28.12 ? 233 VAL A CG2 1 
ATOM   573  N N   . ASP A 1 76 ? 3.590   -6.498  6.354   1.00 26.38 ? 234 ASP A N   1 
ATOM   574  C CA  . ASP A 1 76 ? 2.743   -7.197  5.403   1.00 27.38 ? 234 ASP A CA  1 
ATOM   575  C C   . ASP A 1 76 ? 3.535   -8.104  4.465   1.00 30.05 ? 234 ASP A C   1 
ATOM   576  O O   . ASP A 1 76 ? 3.091   -9.214  4.152   1.00 26.95 ? 234 ASP A O   1 
ATOM   577  C CB  . ASP A 1 76 ? 1.883   -6.212  4.608   1.00 27.00 ? 234 ASP A CB  1 
ATOM   578  C CG  . ASP A 1 76 ? 0.824   -5.519  5.471   1.00 33.76 ? 234 ASP A CG  1 
ATOM   579  O OD1 . ASP A 1 76 ? 0.664   -5.855  6.666   1.00 31.57 ? 234 ASP A OD1 1 
ATOM   580  O OD2 . ASP A 1 76 ? 0.139   -4.631  4.940   1.00 35.10 ? 234 ASP A OD2 1 
ATOM   581  N N   . SER A 1 77 ? 4.694   -7.637  4.005   1.00 26.19 ? 235 SER A N   1 
ATOM   582  C CA  . SER A 1 77 ? 5.526   -8.451  3.113   1.00 23.81 ? 235 SER A CA  1 
ATOM   583  C C   . SER A 1 77 ? 5.963   -9.711  3.830   1.00 33.55 ? 235 SER A C   1 
ATOM   584  O O   . SER A 1 77 ? 5.928   -10.804 3.258   1.00 32.81 ? 235 SER A O   1 
ATOM   585  C CB  . SER A 1 77 ? 6.753   -7.693  2.637   1.00 27.14 ? 235 SER A CB  1 
ATOM   586  O OG  . SER A 1 77 ? 6.375   -6.643  1.782   1.00 27.62 ? 235 SER A OG  1 
ATOM   587  N N   . VAL A 1 78 ? 6.365   -9.560  5.090   1.00 28.86 ? 236 VAL A N   1 
ATOM   588  C CA  . VAL A 1 78 ? 6.761   -10.712 5.883   1.00 29.81 ? 236 VAL A CA  1 
ATOM   589  C C   . VAL A 1 78 ? 5.609   -11.719 6.044   1.00 31.60 ? 236 VAL A C   1 
ATOM   590  O O   . VAL A 1 78 ? 5.810   -12.917 5.851   1.00 33.10 ? 236 VAL A O   1 
ATOM   591  C CB  . VAL A 1 78 ? 7.353   -10.293 7.245   1.00 29.93 ? 236 VAL A CB  1 
ATOM   592  C CG1 . VAL A 1 78 ? 7.510   -11.504 8.150   1.00 31.53 ? 236 VAL A CG1 1 
ATOM   593  C CG2 . VAL A 1 78 ? 8.703   -9.616  7.044   1.00 26.39 ? 236 VAL A CG2 1 
ATOM   594  N N   . LYS A 1 79 ? 4.405   -11.237 6.366   1.00 31.49 ? 237 LYS A N   1 
ATOM   595  C CA  . LYS A 1 79 ? 3.263   -12.130 6.557   1.00 32.19 ? 237 LYS A CA  1 
ATOM   596  C C   . LYS A 1 79 ? 2.852   -12.821 5.267   1.00 35.28 ? 237 LYS A C   1 
ATOM   597  O O   . LYS A 1 79 ? 2.386   -13.954 5.285   1.00 38.58 ? 237 LYS A O   1 
ATOM   598  C CB  . LYS A 1 79 ? 2.065   -11.399 7.154   1.00 33.07 ? 237 LYS A CB  1 
ATOM   599  C CG  . LYS A 1 79 ? 2.324   -10.806 8.513   1.00 41.71 ? 237 LYS A CG  1 
ATOM   600  C CD  . LYS A 1 79 ? 1.021   -10.476 9.225   1.00 49.10 ? 237 LYS A CD  1 
ATOM   601  C CE  . LYS A 1 79 ? 0.232   -11.739 9.515   1.00 53.38 ? 237 LYS A CE  1 
ATOM   602  N NZ  . LYS A 1 79 ? 1.049   -12.788 10.215  1.00 48.57 ? 237 LYS A NZ  1 
ATOM   603  N N   . GLU A 1 80 ? 3.025   -12.142 4.144   1.00 34.60 ? 238 GLU A N   1 
ATOM   604  C CA  . GLU A 1 80 ? 2.687   -12.725 2.851   1.00 33.30 ? 238 GLU A CA  1 
ATOM   605  C C   . GLU A 1 80 ? 3.802   -13.619 2.351   1.00 36.17 ? 238 GLU A C   1 
ATOM   606  O O   . GLU A 1 80 ? 3.609   -14.396 1.415   1.00 38.15 ? 238 GLU A O   1 
ATOM   607  C CB  . GLU A 1 80 ? 2.419   -11.627 1.819   1.00 32.81 ? 238 GLU A CB  1 
ATOM   608  C CG  . GLU A 1 80 ? 1.031   -11.020 1.906   1.00 41.49 ? 238 GLU A CG  1 
ATOM   609  C CD  . GLU A 1 80 ? -0.065  -12.038 1.620   1.00 42.77 ? 238 GLU A CD  1 
ATOM   610  O OE1 . GLU A 1 80 ? 0.064   -12.784 0.621   1.00 42.30 ? 238 GLU A OE1 1 
ATOM   611  O OE2 . GLU A 1 80 ? -1.038  -12.101 2.412   1.00 42.15 ? 238 GLU A OE2 1 
ATOM   612  N N   . ALA A 1 81 ? 4.967   -13.499 2.980   1.00 32.91 ? 239 ALA A N   1 
ATOM   613  C CA  . ALA A 1 81 ? 6.184   -14.160 2.512   1.00 34.83 ? 239 ALA A CA  1 
ATOM   614  C C   . ALA A 1 81 ? 6.546   -13.809 1.062   1.00 33.17 ? 239 ALA A C   1 
ATOM   615  O O   . ALA A 1 81 ? 6.987   -14.665 0.292   1.00 33.38 ? 239 ALA A O   1 
ATOM   616  C CB  . ALA A 1 81 ? 6.089   -15.672 2.701   1.00 38.95 ? 239 ALA A CB  1 
ATOM   617  N N   . ARG A 1 82 ? 6.359   -12.546 0.694   1.00 31.09 ? 240 ARG A N   1 
ATOM   618  C CA  . ARG A 1 82 ? 6.796   -12.054 -0.604  1.00 35.04 ? 240 ARG A CA  1 
ATOM   619  C C   . ARG A 1 82 ? 6.902   -10.538 -0.551  1.00 31.03 ? 240 ARG A C   1 
ATOM   620  O O   . ARG A 1 82 ? 6.220   -9.894  0.237   1.00 33.46 ? 240 ARG A O   1 
ATOM   621  C CB  . ARG A 1 82 ? 5.835   -12.469 -1.709  1.00 39.78 ? 240 ARG A CB  1 
ATOM   622  C CG  . ARG A 1 82 ? 4.492   -11.793 -1.629  1.00 40.73 ? 240 ARG A CG  1 
ATOM   623  C CD  . ARG A 1 82 ? 3.787   -11.806 -2.985  1.00 55.24 ? 240 ARG A CD  1 
ATOM   624  N NE  . ARG A 1 82 ? 3.669   -13.145 -3.560  1.00 60.24 ? 240 ARG A NE  1 
ATOM   625  C CZ  . ARG A 1 82 ? 2.813   -14.070 -3.135  1.00 60.63 ? 240 ARG A CZ  1 
ATOM   626  N NH1 . ARG A 1 82 ? 2.006   -13.812 -2.113  1.00 56.14 ? 240 ARG A NH1 1 
ATOM   627  N NH2 . ARG A 1 82 ? 2.770   -15.259 -3.723  1.00 65.80 ? 240 ARG A NH2 1 
ATOM   628  N N   . LEU A 1 83 ? 7.779   -9.972  -1.366  1.00 31.57 ? 241 LEU A N   1 
ATOM   629  C CA  . LEU A 1 83 ? 7.964   -8.528  -1.356  1.00 31.01 ? 241 LEU A CA  1 
ATOM   630  C C   . LEU A 1 83 ? 6.774   -7.873  -2.024  1.00 33.38 ? 241 LEU A C   1 
ATOM   631  O O   . LEU A 1 83 ? 6.580   -8.002  -3.232  1.00 37.67 ? 241 LEU A O   1 
ATOM   632  C CB  . LEU A 1 83 ? 9.244   -8.126  -2.081  1.00 31.67 ? 241 LEU A CB  1 
ATOM   633  C CG  . LEU A 1 83 ? 9.680   -6.668  -1.887  1.00 29.06 ? 241 LEU A CG  1 
ATOM   634  C CD1 . LEU A 1 83 ? 9.777   -6.384  -0.414  1.00 33.47 ? 241 LEU A CD1 1 
ATOM   635  C CD2 . LEU A 1 83 ? 11.008  -6.427  -2.544  1.00 31.29 ? 241 LEU A CD2 1 
ATOM   636  N N   . LEU A 1 84 ? 5.968   -7.185  -1.230  1.00 31.42 ? 242 LEU A N   1 
ATOM   637  C CA  . LEU A 1 84 ? 4.802   -6.496  -1.744  1.00 26.80 ? 242 LEU A CA  1 
ATOM   638  C C   . LEU A 1 84 ? 5.213   -5.199  -2.455  1.00 37.26 ? 242 LEU A C   1 
ATOM   639  O O   . LEU A 1 84 ? 6.280   -4.649  -2.169  1.00 30.50 ? 242 LEU A O   1 
ATOM   640  C CB  . LEU A 1 84 ? 3.828   -6.232  -0.593  1.00 28.34 ? 242 LEU A CB  1 
ATOM   641  C CG  . LEU A 1 84 ? 3.333   -7.532  0.069   1.00 32.54 ? 242 LEU A CG  1 
ATOM   642  C CD1 . LEU A 1 84 ? 2.345   -7.273  1.206   1.00 26.95 ? 242 LEU A CD1 1 
ATOM   643  C CD2 . LEU A 1 84 ? 2.715   -8.469  -0.970  1.00 32.03 ? 242 LEU A CD2 1 
ATOM   644  N N   . PRO A 1 85 ? 4.380   -4.718  -3.407  1.00 30.80 ? 243 PRO A N   1 
ATOM   645  C CA  . PRO A 1 85 ? 4.700   -3.484  -4.135  1.00 31.02 ? 243 PRO A CA  1 
ATOM   646  C C   . PRO A 1 85 ? 4.821   -2.285  -3.213  1.00 28.68 ? 243 PRO A C   1 
ATOM   647  O O   . PRO A 1 85 ? 3.847   -1.871  -2.599  1.00 30.86 ? 243 PRO A O   1 
ATOM   648  C CB  . PRO A 1 85 ? 3.496   -3.297  -5.059  1.00 28.27 ? 243 PRO A CB  1 
ATOM   649  C CG  . PRO A 1 85 ? 2.985   -4.682  -5.276  1.00 34.82 ? 243 PRO A CG  1 
ATOM   650  C CD  . PRO A 1 85 ? 3.182   -5.379  -3.958  1.00 33.11 ? 243 PRO A CD  1 
ATOM   651  N N   . TRP A 1 86 ? 6.019   -1.727  -3.125  1.00 27.99 ? 244 TRP A N   1 
ATOM   652  C CA  . TRP A 1 86 ? 6.249   -0.553  -2.296  1.00 28.91 ? 244 TRP A CA  1 
ATOM   653  C C   . TRP A 1 86 ? 5.254   0.591   -2.549  1.00 27.16 ? 244 TRP A C   1 
ATOM   654  O O   . TRP A 1 86 ? 4.922   1.329   -1.630  1.00 29.56 ? 244 TRP A O   1 
ATOM   655  C CB  . TRP A 1 86 ? 7.700   -0.069  -2.435  1.00 27.63 ? 244 TRP A CB  1 
ATOM   656  C CG  . TRP A 1 86 ? 8.031   0.577   -3.769  1.00 34.84 ? 244 TRP A CG  1 
ATOM   657  C CD1 . TRP A 1 86 ? 8.610   -0.017  -4.858  1.00 32.12 ? 244 TRP A CD1 1 
ATOM   658  C CD2 . TRP A 1 86 ? 7.817   1.953   -4.132  1.00 34.21 ? 244 TRP A CD2 1 
ATOM   659  N NE1 . TRP A 1 86 ? 8.760   0.902   -5.875  1.00 31.88 ? 244 TRP A NE1 1 
ATOM   660  C CE2 . TRP A 1 86 ? 8.279   2.115   -5.454  1.00 31.19 ? 244 TRP A CE2 1 
ATOM   661  C CE3 . TRP A 1 86 ? 7.271   3.058   -3.465  1.00 34.10 ? 244 TRP A CE3 1 
ATOM   662  C CZ2 . TRP A 1 86 ? 8.215   3.335   -6.120  1.00 34.71 ? 244 TRP A CZ2 1 
ATOM   663  C CZ3 . TRP A 1 86 ? 7.207   4.269   -4.129  1.00 31.27 ? 244 TRP A CZ3 1 
ATOM   664  C CH2 . TRP A 1 86 ? 7.673   4.399   -5.442  1.00 36.27 ? 244 TRP A CH2 1 
ATOM   665  N N   . GLN A 1 87 ? 4.772   0.719   -3.783  1.00 28.80 ? 245 GLN A N   1 
ATOM   666  C CA  . GLN A 1 87 ? 3.869   1.813   -4.171  1.00 28.98 ? 245 GLN A CA  1 
ATOM   667  C C   . GLN A 1 87 ? 2.552   1.795   -3.402  1.00 28.28 ? 245 GLN A C   1 
ATOM   668  O O   . GLN A 1 87 ? 1.947   2.842   -3.142  1.00 23.65 ? 245 GLN A O   1 
ATOM   669  C CB  . GLN A 1 87 ? 3.580   1.759   -5.679  1.00 29.70 ? 245 GLN A CB  1 
ATOM   670  C CG  . GLN A 1 87 ? 4.795   1.973   -6.564  1.00 31.60 ? 245 GLN A CG  1 
ATOM   671  C CD  . GLN A 1 87 ? 5.432   0.676   -7.052  1.00 36.73 ? 245 GLN A CD  1 
ATOM   672  O OE1 . GLN A 1 87 ? 5.294   -0.380  -6.436  1.00 34.09 ? 245 GLN A OE1 1 
ATOM   673  N NE2 . GLN A 1 87 ? 6.151   0.762   -8.166  1.00 39.76 ? 245 GLN A NE2 1 
ATOM   674  N N   . ASN A 1 88 ? 2.115   0.586   -3.058  1.00 26.55 ? 246 ASN A N   1 
ATOM   675  C CA  . ASN A 1 88 ? 0.931   0.374   -2.249  1.00 28.90 ? 246 ASN A CA  1 
ATOM   676  C C   . ASN A 1 88 ? 1.050   0.994   -0.860  1.00 29.22 ? 246 ASN A C   1 
ATOM   677  O O   . ASN A 1 88 ? 0.040   1.271   -0.205  1.00 32.25 ? 246 ASN A O   1 
ATOM   678  C CB  . ASN A 1 88 ? 0.687   -1.129  -2.097  1.00 28.15 ? 246 ASN A CB  1 
ATOM   679  C CG  . ASN A 1 88 ? 0.306   -1.775  -3.383  1.00 26.06 ? 246 ASN A CG  1 
ATOM   680  O OD1 . ASN A 1 88 ? 0.187   -1.112  -4.398  1.00 23.24 ? 246 ASN A OD1 1 
ATOM   681  N ND2 . ASN A 1 88 ? 0.100   -3.078  -3.353  1.00 27.91 ? 246 ASN A ND2 1 
ATOM   682  N N   . TYR A 1 89 ? 2.289   1.180   -0.414  1.00 28.32 ? 247 TYR A N   1 
ATOM   683  C CA  . TYR A 1 89 ? 2.582   1.632   0.943   1.00 28.31 ? 247 TYR A CA  1 
ATOM   684  C C   . TYR A 1 89 ? 3.273   2.969   0.943   1.00 28.18 ? 247 TYR A C   1 
ATOM   685  O O   . TYR A 1 89 ? 3.711   3.434   1.986   1.00 29.24 ? 247 TYR A O   1 
ATOM   686  C CB  . TYR A 1 89 ? 3.453   0.615   1.672   1.00 24.13 ? 247 TYR A CB  1 
ATOM   687  C CG  . TYR A 1 89 ? 2.732   -0.694  1.895   1.00 24.01 ? 247 TYR A CG  1 
ATOM   688  C CD1 . TYR A 1 89 ? 1.934   -0.878  3.016   1.00 24.33 ? 247 TYR A CD1 1 
ATOM   689  C CD2 . TYR A 1 89 ? 2.822   -1.736  0.964   1.00 26.67 ? 247 TYR A CD2 1 
ATOM   690  C CE1 . TYR A 1 89 ? 1.252   -2.063  3.215   1.00 30.77 ? 247 TYR A CE1 1 
ATOM   691  C CE2 . TYR A 1 89 ? 2.141   -2.927  1.157   1.00 24.93 ? 247 TYR A CE2 1 
ATOM   692  C CZ  . TYR A 1 89 ? 1.355   -3.080  2.287   1.00 23.38 ? 247 TYR A CZ  1 
ATOM   693  O OH  . TYR A 1 89 ? 0.674   -4.250  2.525   1.00 31.03 ? 247 TYR A OH  1 
ATOM   694  N N   . SER A 1 90 ? 3.368   3.586   -0.228  1.00 25.54 ? 248 SER A N   1 
ATOM   695  C CA  . SER A 1 90 ? 4.034   4.873   -0.343  1.00 31.20 ? 248 SER A CA  1 
ATOM   696  C C   . SER A 1 90 ? 3.246   5.926   0.412   1.00 33.17 ? 248 SER A C   1 
ATOM   697  O O   . SER A 1 90 ? 2.019   5.918   0.400   1.00 32.88 ? 248 SER A O   1 
ATOM   698  C CB  . SER A 1 90 ? 4.192   5.271   -1.809  1.00 29.38 ? 248 SER A CB  1 
ATOM   699  O OG  . SER A 1 90 ? 4.971   6.447   -1.927  1.00 36.17 ? 248 SER A OG  1 
ATOM   700  N N   . LEU A 1 91 ? 3.964   6.817   1.085   1.00 37.13 ? 249 LEU A N   1 
ATOM   701  C CA  . LEU A 1 91 ? 3.344   7.910   1.818   1.00 43.40 ? 249 LEU A CA  1 
ATOM   702  C C   . LEU A 1 91 ? 3.010   9.055   0.862   1.00 44.04 ? 249 LEU A C   1 
ATOM   703  O O   . LEU A 1 91 ? 2.040   9.787   1.049   1.00 40.20 ? 249 LEU A O   1 
ATOM   704  C CB  . LEU A 1 91 ? 4.283   8.402   2.929   1.00 41.00 ? 249 LEU A CB  1 
ATOM   705  C CG  . LEU A 1 91 ? 4.163   7.806   4.342   1.00 38.17 ? 249 LEU A CG  1 
ATOM   706  C CD1 . LEU A 1 91 ? 4.374   6.314   4.339   1.00 37.60 ? 249 LEU A CD1 1 
ATOM   707  C CD2 . LEU A 1 91 ? 5.131   8.481   5.296   1.00 38.91 ? 249 LEU A CD2 1 
ATOM   708  N N   . THR A 1 92 ? 3.824   9.189   -0.174  1.00 51.08 ? 250 THR A N   1 
ATOM   709  C CA  . THR A 1 92 ? 3.727   10.316  -1.092  1.00 55.10 ? 250 THR A CA  1 
ATOM   710  C C   . THR A 1 92 ? 3.159   9.888   -2.441  1.00 51.45 ? 250 THR A C   1 
ATOM   711  O O   . THR A 1 92 ? 2.338   8.980   -2.528  1.00 51.88 ? 250 THR A O   1 
ATOM   712  C CB  . THR A 1 92 ? 5.109   10.957  -1.303  1.00 52.08 ? 250 THR A CB  1 
ATOM   713  O OG1 . THR A 1 92 ? 5.926   10.083  -2.096  1.00 54.97 ? 250 THR A OG1 1 
ATOM   714  C CG2 . THR A 1 92 ? 5.790   11.197  0.036   1.00 53.48 ? 250 THR A CG2 1 
ATOM   715  N N   . LYS B 1 6  ? -23.605 -4.558  5.485   1.00 38.78 ? 164 LYS B N   1 
ATOM   716  C CA  . LYS B 1 6  ? -22.712 -5.381  4.672   1.00 43.03 ? 164 LYS B CA  1 
ATOM   717  C C   . LYS B 1 6  ? -22.854 -5.128  3.159   1.00 40.10 ? 164 LYS B C   1 
ATOM   718  O O   . LYS B 1 6  ? -23.093 -6.045  2.368   1.00 35.98 ? 164 LYS B O   1 
ATOM   719  C CB  . LYS B 1 6  ? -22.868 -6.857  5.030   1.00 46.59 ? 164 LYS B CB  1 
ATOM   720  C CG  . LYS B 1 6  ? -22.406 -7.166  6.462   1.00 51.32 ? 164 LYS B CG  1 
ATOM   721  C CD  . LYS B 1 6  ? -22.477 -8.659  6.781   1.00 59.33 ? 164 LYS B CD  1 
ATOM   722  C CE  . LYS B 1 6  ? -21.128 -9.352  6.595   1.00 52.56 ? 164 LYS B CE  1 
ATOM   723  N NZ  . LYS B 1 6  ? -20.101 -8.894  7.585   1.00 53.28 ? 164 LYS B NZ  1 
ATOM   724  N N   . ILE B 1 7  ? -22.672 -3.869  2.773   1.00 34.92 ? 165 ILE B N   1 
ATOM   725  C CA  . ILE B 1 7  ? -22.784 -3.459  1.381   1.00 30.39 ? 165 ILE B CA  1 
ATOM   726  C C   . ILE B 1 7  ? -21.719 -4.066  0.464   1.00 36.46 ? 165 ILE B C   1 
ATOM   727  O O   . ILE B 1 7  ? -21.958 -4.213  -0.731  1.00 39.43 ? 165 ILE B O   1 
ATOM   728  C CB  . ILE B 1 7  ? -22.742 -1.932  1.244   1.00 37.20 ? 165 ILE B CB  1 
ATOM   729  C CG1 . ILE B 1 7  ? -21.460 -1.366  1.841   1.00 34.76 ? 165 ILE B CG1 1 
ATOM   730  C CG2 . ILE B 1 7  ? -23.909 -1.316  1.966   1.00 37.33 ? 165 ILE B CG2 1 
ATOM   731  C CD1 . ILE B 1 7  ? -21.357 0.133   1.724   1.00 33.06 ? 165 ILE B CD1 1 
ATOM   732  N N   . PHE B 1 8  ? -20.555 -4.426  1.011   1.00 33.19 ? 166 PHE B N   1 
ATOM   733  C CA  . PHE B 1 8  ? -19.473 -4.993  0.191   1.00 30.38 ? 166 PHE B CA  1 
ATOM   734  C C   . PHE B 1 8  ? -19.442 -6.512  0.201   1.00 32.72 ? 166 PHE B C   1 
ATOM   735  O O   . PHE B 1 8  ? -18.413 -7.104  -0.105  1.00 32.28 ? 166 PHE B O   1 
ATOM   736  C CB  . PHE B 1 8  ? -18.097 -4.464  0.617   1.00 27.49 ? 166 PHE B CB  1 
ATOM   737  C CG  . PHE B 1 8  ? -17.930 -2.980  0.443   1.00 28.84 ? 166 PHE B CG  1 
ATOM   738  C CD1 . PHE B 1 8  ? -17.943 -2.410  -0.814  1.00 27.94 ? 166 PHE B CD1 1 
ATOM   739  C CD2 . PHE B 1 8  ? -17.745 -2.161  1.539   1.00 27.05 ? 166 PHE B CD2 1 
ATOM   740  C CE1 . PHE B 1 8  ? -17.788 -1.045  -0.972  1.00 26.41 ? 166 PHE B CE1 1 
ATOM   741  C CE2 . PHE B 1 8  ? -17.591 -0.802  1.391   1.00 31.35 ? 166 PHE B CE2 1 
ATOM   742  C CZ  . PHE B 1 8  ? -17.611 -0.238  0.130   1.00 29.67 ? 166 PHE B CZ  1 
ATOM   743  N N   . LYS B 1 9  ? -20.554 -7.149  0.555   1.00 30.86 ? 167 LYS B N   1 
ATOM   744  C CA  . LYS B 1 9  ? -20.605 -8.609  0.511   1.00 35.75 ? 167 LYS B CA  1 
ATOM   745  C C   . LYS B 1 9  ? -20.259 -9.063  -0.905  1.00 35.24 ? 167 LYS B C   1 
ATOM   746  O O   . LYS B 1 9  ? -20.636 -8.402  -1.875  1.00 41.62 ? 167 LYS B O   1 
ATOM   747  C CB  . LYS B 1 9  ? -21.985 -9.126  0.937   1.00 41.35 ? 167 LYS B CB  1 
ATOM   748  C CG  . LYS B 1 9  ? -23.119 -8.793  -0.036  1.00 49.22 ? 167 LYS B CG  1 
ATOM   749  C CD  . LYS B 1 9  ? -24.476 -9.316  0.452   1.00 62.00 ? 167 LYS B CD  1 
ATOM   750  C CE  . LYS B 1 9  ? -25.555 -9.220  -0.629  1.00 65.04 ? 167 LYS B CE  1 
ATOM   751  N NZ  . LYS B 1 9  ? -25.837 -7.816  -1.059  1.00 68.93 ? 167 LYS B NZ  1 
ATOM   752  N N   . ASN B 1 10 ? -19.498 -10.146 -1.022  1.00 37.89 ? 168 ASN B N   1 
ATOM   753  C CA  . ASN B 1 10 ? -19.071 -10.656 -2.330  1.00 40.93 ? 168 ASN B CA  1 
ATOM   754  C C   . ASN B 1 10 ? -18.101 -9.754  -3.096  1.00 38.82 ? 168 ASN B C   1 
ATOM   755  O O   . ASN B 1 10 ? -17.819 -9.997  -4.270  1.00 37.92 ? 168 ASN B O   1 
ATOM   756  C CB  . ASN B 1 10 ? -20.273 -10.968 -3.230  1.00 43.26 ? 168 ASN B CB  1 
ATOM   757  C CG  . ASN B 1 10 ? -21.214 -11.972 -2.614  1.00 50.93 ? 168 ASN B CG  1 
ATOM   758  O OD1 . ASN B 1 10 ? -20.786 -13.003 -2.081  1.00 49.52 ? 168 ASN B OD1 1 
ATOM   759  N ND2 . ASN B 1 10 ? -22.510 -11.675 -2.673  1.00 47.09 ? 168 ASN B ND2 1 
ATOM   760  N N   . CYS B 1 11 ? -17.596 -8.708  -2.454  1.00 36.96 ? 169 CYS B N   1 
ATOM   761  C CA  . CYS B 1 11 ? -16.544 -7.922  -3.079  1.00 31.93 ? 169 CYS B CA  1 
ATOM   762  C C   . CYS B 1 11 ? -15.206 -8.369  -2.545  1.00 30.98 ? 169 CYS B C   1 
ATOM   763  O O   . CYS B 1 11 ? -15.055 -8.627  -1.353  1.00 30.21 ? 169 CYS B O   1 
ATOM   764  C CB  . CYS B 1 11 ? -16.712 -6.436  -2.810  1.00 28.07 ? 169 CYS B CB  1 
ATOM   765  S SG  . CYS B 1 11 ? -18.158 -5.757  -3.496  1.00 31.76 ? 169 CYS B SG  1 
ATOM   766  N N   . VAL B 1 12 ? -14.237 -8.475  -3.441  1.00 31.72 ? 170 VAL B N   1 
ATOM   767  C CA  . VAL B 1 12 ? -12.876 -8.735  -3.033  1.00 29.26 ? 170 VAL B CA  1 
ATOM   768  C C   . VAL B 1 12 ? -11.983 -7.671  -3.674  1.00 28.82 ? 170 VAL B C   1 
ATOM   769  O O   . VAL B 1 12 ? -11.806 -7.620  -4.890  1.00 30.14 ? 170 VAL B O   1 
ATOM   770  C CB  . VAL B 1 12 ? -12.421 -10.139 -3.415  1.00 29.66 ? 170 VAL B CB  1 
ATOM   771  C CG1 . VAL B 1 12 ? -11.010 -10.370 -2.906  1.00 33.99 ? 170 VAL B CG1 1 
ATOM   772  C CG2 . VAL B 1 12 ? -13.384 -11.180 -2.860  1.00 30.46 ? 170 VAL B CG2 1 
ATOM   773  N N   . ILE B 1 13 ? -11.421 -6.818  -2.836  1.00 28.61 ? 171 ILE B N   1 
ATOM   774  C CA  . ILE B 1 13 ? -10.790 -5.605  -3.312  1.00 27.45 ? 171 ILE B CA  1 
ATOM   775  C C   . ILE B 1 13 ? -9.260  -5.603  -3.182  1.00 25.06 ? 171 ILE B C   1 
ATOM   776  O O   . ILE B 1 13 ? -8.709  -6.015  -2.166  1.00 28.15 ? 171 ILE B O   1 
ATOM   777  C CB  . ILE B 1 13 ? -11.439 -4.416  -2.599  1.00 25.07 ? 171 ILE B CB  1 
ATOM   778  C CG1 . ILE B 1 13 ? -12.896 -4.307  -3.075  1.00 28.34 ? 171 ILE B CG1 1 
ATOM   779  C CG2 . ILE B 1 13 ? -10.673 -3.150  -2.869  1.00 28.37 ? 171 ILE B CG2 1 
ATOM   780  C CD1 . ILE B 1 13 ? -13.862 -3.697  -2.079  1.00 32.22 ? 171 ILE B CD1 1 
ATOM   781  N N   . TYR B 1 14 ? -8.578  -5.183  -4.242  1.00 24.18 ? 172 TYR B N   1 
ATOM   782  C CA  . TYR B 1 14 ? -7.141  -4.974  -4.186  1.00 23.77 ? 172 TYR B CA  1 
ATOM   783  C C   . TYR B 1 14 ? -6.831  -3.497  -4.379  1.00 25.60 ? 172 TYR B C   1 
ATOM   784  O O   . TYR B 1 14 ? -7.223  -2.891  -5.379  1.00 26.47 ? 172 TYR B O   1 
ATOM   785  C CB  . TYR B 1 14 ? -6.426  -5.779  -5.263  1.00 24.33 ? 172 TYR B CB  1 
ATOM   786  C CG  . TYR B 1 14 ? -4.955  -5.423  -5.373  1.00 29.23 ? 172 TYR B CG  1 
ATOM   787  C CD1 . TYR B 1 14 ? -4.049  -5.877  -4.432  1.00 28.66 ? 172 TYR B CD1 1 
ATOM   788  C CD2 . TYR B 1 14 ? -4.473  -4.631  -6.420  1.00 25.60 ? 172 TYR B CD2 1 
ATOM   789  C CE1 . TYR B 1 14 ? -2.714  -5.571  -4.521  1.00 27.92 ? 172 TYR B CE1 1 
ATOM   790  C CE2 . TYR B 1 14 ? -3.126  -4.317  -6.514  1.00 27.08 ? 172 TYR B CE2 1 
ATOM   791  C CZ  . TYR B 1 14 ? -2.258  -4.796  -5.556  1.00 30.25 ? 172 TYR B CZ  1 
ATOM   792  O OH  . TYR B 1 14 ? -0.918  -4.503  -5.615  1.00 33.46 ? 172 TYR B OH  1 
ATOM   793  N N   . ILE B 1 15 ? -6.133  -2.903  -3.424  1.00 24.68 ? 173 ILE B N   1 
ATOM   794  C CA  . ILE B 1 15 ? -5.798  -1.492  -3.544  1.00 24.18 ? 173 ILE B CA  1 
ATOM   795  C C   . ILE B 1 15 ? -4.409  -1.329  -4.129  1.00 26.51 ? 173 ILE B C   1 
ATOM   796  O O   . ILE B 1 15 ? -3.441  -1.921  -3.643  1.00 26.09 ? 173 ILE B O   1 
ATOM   797  C CB  . ILE B 1 15 ? -5.926  -0.764  -2.197  1.00 27.52 ? 173 ILE B CB  1 
ATOM   798  C CG1 . ILE B 1 15 ? -7.306  -1.027  -1.598  1.00 20.99 ? 173 ILE B CG1 1 
ATOM   799  C CG2 . ILE B 1 15 ? -5.705  0.708   -2.383  1.00 23.45 ? 173 ILE B CG2 1 
ATOM   800  C CD1 . ILE B 1 15 ? -7.519  -0.350  -0.283  1.00 25.85 ? 173 ILE B CD1 1 
ATOM   801  N N   . ASN B 1 16 ? -4.323  -0.542  -5.196  1.00 21.64 ? 174 ASN B N   1 
ATOM   802  C CA  . ASN B 1 16 ? -3.067  -0.314  -5.888  1.00 23.70 ? 174 ASN B CA  1 
ATOM   803  C C   . ASN B 1 16 ? -2.581  1.117   -5.724  1.00 27.52 ? 174 ASN B C   1 
ATOM   804  O O   . ASN B 1 16 ? -3.300  2.069   -6.030  1.00 31.08 ? 174 ASN B O   1 
ATOM   805  C CB  . ASN B 1 16 ? -3.221  -0.639  -7.375  1.00 28.81 ? 174 ASN B CB  1 
ATOM   806  C CG  . ASN B 1 16 ? -1.934  -0.513  -8.131  1.00 27.21 ? 174 ASN B CG  1 
ATOM   807  O OD1 . ASN B 1 16 ? -1.177  -1.472  -8.246  1.00 33.99 ? 174 ASN B OD1 1 
ATOM   808  N ND2 . ASN B 1 16 ? -1.668  0.675   -8.652  1.00 28.75 ? 174 ASN B ND2 1 
ATOM   809  N N   . GLY B 1 17 ? -1.358  1.259   -5.225  1.00 27.46 ? 175 GLY B N   1 
ATOM   810  C CA  . GLY B 1 17 ? -0.714  2.550   -5.111  1.00 27.81 ? 175 GLY B CA  1 
ATOM   811  C C   . GLY B 1 17 ? -1.213  3.388   -3.949  1.00 32.38 ? 175 GLY B C   1 
ATOM   812  O O   . GLY B 1 17 ? -1.872  2.887   -3.030  1.00 26.03 ? 175 GLY B O   1 
ATOM   813  N N   . TYR B 1 18 ? -0.890  4.679   -4.011  1.00 32.53 ? 176 TYR B N   1 
ATOM   814  C CA  . TYR B 1 18 ? -1.258  5.645   -2.988  1.00 30.79 ? 176 TYR B CA  1 
ATOM   815  C C   . TYR B 1 18 ? -2.704  6.056   -3.172  1.00 29.58 ? 176 TYR B C   1 
ATOM   816  O O   . TYR B 1 18 ? -3.157  6.272   -4.298  1.00 33.87 ? 176 TYR B O   1 
ATOM   817  C CB  . TYR B 1 18 ? -0.339  6.880   -3.072  1.00 35.63 ? 176 TYR B CB  1 
ATOM   818  C CG  . TYR B 1 18 ? -0.749  8.012   -2.155  1.00 37.81 ? 176 TYR B CG  1 
ATOM   819  C CD1 . TYR B 1 18 ? -0.408  7.994   -0.807  1.00 44.40 ? 176 TYR B CD1 1 
ATOM   820  C CD2 . TYR B 1 18 ? -1.493  9.089   -2.630  1.00 37.34 ? 176 TYR B CD2 1 
ATOM   821  C CE1 . TYR B 1 18 ? -0.792  9.024   0.045   1.00 45.13 ? 176 TYR B CE1 1 
ATOM   822  C CE2 . TYR B 1 18 ? -1.881  10.126  -1.786  1.00 38.69 ? 176 TYR B CE2 1 
ATOM   823  C CZ  . TYR B 1 18 ? -1.525  10.089  -0.454  1.00 44.46 ? 176 TYR B CZ  1 
ATOM   824  O OH  . TYR B 1 18 ? -1.911  11.105  0.392   1.00 50.73 ? 176 TYR B OH  1 
ATOM   825  N N   . THR B 1 19 ? -3.428  6.162   -2.062  1.00 30.51 ? 177 THR B N   1 
ATOM   826  C CA  . THR B 1 19 ? -4.820  6.599   -2.071  1.00 33.02 ? 177 THR B CA  1 
ATOM   827  C C   . THR B 1 19 ? -5.099  7.500   -0.880  1.00 30.91 ? 177 THR B C   1 
ATOM   828  O O   . THR B 1 19 ? -4.409  7.427   0.134   1.00 31.59 ? 177 THR B O   1 
ATOM   829  C CB  . THR B 1 19 ? -5.796  5.412   -1.945  1.00 30.90 ? 177 THR B CB  1 
ATOM   830  O OG1 . THR B 1 19 ? -5.472  4.666   -0.764  1.00 29.73 ? 177 THR B OG1 1 
ATOM   831  C CG2 . THR B 1 19 ? -5.736  4.503   -3.171  1.00 22.86 ? 177 THR B CG2 1 
ATOM   832  N N   . LYS B 1 20 ? -6.117  8.345   -1.014  1.00 31.28 ? 178 LYS B N   1 
ATOM   833  C CA  . LYS B 1 20 ? -6.689  9.071   0.117   1.00 32.69 ? 178 LYS B CA  1 
ATOM   834  C C   . LYS B 1 20 ? -8.162  8.730   0.151   1.00 26.80 ? 178 LYS B C   1 
ATOM   835  O O   . LYS B 1 20 ? -8.858  8.946   -0.844  1.00 37.05 ? 178 LYS B O   1 
ATOM   836  C CB  . LYS B 1 20 ? -6.527  10.586  -0.052  1.00 41.32 ? 178 LYS B CB  1 
ATOM   837  C CG  . LYS B 1 20 ? -5.089  11.079  -0.026  1.00 49.86 ? 178 LYS B CG  1 
ATOM   838  C CD  . LYS B 1 20 ? -4.991  12.590  -0.265  1.00 68.96 ? 178 LYS B CD  1 
ATOM   839  C CE  . LYS B 1 20 ? -5.360  12.973  -1.697  1.00 64.51 ? 178 LYS B CE  1 
ATOM   840  N NZ  . LYS B 1 20 ? -4.350  12.507  -2.683  1.00 57.71 ? 178 LYS B NZ  1 
ATOM   841  N N   . PRO B 1 21 ? -8.657  8.181   1.272   1.00 28.15 ? 179 PRO B N   1 
ATOM   842  C CA  . PRO B 1 21 ? -8.003  7.761   2.522   1.00 31.04 ? 179 PRO B CA  1 
ATOM   843  C C   . PRO B 1 21 ? -6.964  6.658   2.297   1.00 37.56 ? 179 PRO B C   1 
ATOM   844  O O   . PRO B 1 21 ? -6.955  6.072   1.203   1.00 36.54 ? 179 PRO B O   1 
ATOM   845  C CB  . PRO B 1 21 ? -9.162  7.201   3.344   1.00 28.90 ? 179 PRO B CB  1 
ATOM   846  C CG  . PRO B 1 21 ? -10.367 7.850   2.796   1.00 31.02 ? 179 PRO B CG  1 
ATOM   847  C CD  . PRO B 1 21 ? -10.114 7.986   1.335   1.00 32.15 ? 179 PRO B CD  1 
ATOM   848  N N   . GLY B 1 22 ? -6.114  6.390   3.295   1.00 36.14 ? 180 GLY B N   1 
ATOM   849  C CA  . GLY B 1 22 ? -5.010  5.449   3.150   1.00 28.67 ? 180 GLY B CA  1 
ATOM   850  C C   . GLY B 1 22 ? -5.505  4.022   3.042   1.00 27.96 ? 180 GLY B C   1 
ATOM   851  O O   . GLY B 1 22 ? -6.662  3.752   3.356   1.00 28.35 ? 180 GLY B O   1 
ATOM   852  N N   . ARG B 1 23 ? -4.640  3.108   2.601   1.00 25.71 ? 181 ARG B N   1 
ATOM   853  C CA  . ARG B 1 23 ? -5.071  1.739   2.384   1.00 27.15 ? 181 ARG B CA  1 
ATOM   854  C C   . ARG B 1 23 ? -5.598  1.090   3.656   1.00 26.55 ? 181 ARG B C   1 
ATOM   855  O O   . ARG B 1 23 ? -6.557  0.334   3.605   1.00 28.47 ? 181 ARG B O   1 
ATOM   856  C CB  . ARG B 1 23 ? -3.990  0.880   1.696   1.00 32.59 ? 181 ARG B CB  1 
ATOM   857  C CG  . ARG B 1 23 ? -2.894  0.330   2.586   1.00 36.43 ? 181 ARG B CG  1 
ATOM   858  C CD  . ARG B 1 23 ? -1.782  -0.292  1.752   1.00 33.54 ? 181 ARG B CD  1 
ATOM   859  N NE  . ARG B 1 23 ? -2.198  -1.477  0.997   1.00 38.84 ? 181 ARG B NE  1 
ATOM   860  C CZ  . ARG B 1 23 ? -2.470  -1.506  -0.314  1.00 41.11 ? 181 ARG B CZ  1 
ATOM   861  N NH1 . ARG B 1 23 ? -2.386  -0.392  -1.048  1.00 36.82 ? 181 ARG B NH1 1 
ATOM   862  N NH2 . ARG B 1 23 ? -2.832  -2.657  -0.897  1.00 28.51 ? 181 ARG B NH2 1 
ATOM   863  N N   . LEU B 1 24 ? -5.004  1.406   4.802   1.00 34.02 ? 182 LEU B N   1 
ATOM   864  C CA  . LEU B 1 24 ? -5.446  0.790   6.051   1.00 34.55 ? 182 LEU B CA  1 
ATOM   865  C C   . LEU B 1 24 ? -6.860  1.231   6.403   1.00 28.99 ? 182 LEU B C   1 
ATOM   866  O O   . LEU B 1 24 ? -7.692  0.419   6.803   1.00 31.29 ? 182 LEU B O   1 
ATOM   867  C CB  . LEU B 1 24 ? -4.482  1.081   7.207   1.00 33.78 ? 182 LEU B CB  1 
ATOM   868  C CG  . LEU B 1 24 ? -4.961  0.496   8.546   1.00 42.93 ? 182 LEU B CG  1 
ATOM   869  C CD1 . LEU B 1 24 ? -5.219  -1.015  8.484   1.00 38.21 ? 182 LEU B CD1 1 
ATOM   870  C CD2 . LEU B 1 24 ? -3.972  0.825   9.651   1.00 47.86 ? 182 LEU B CD2 1 
ATOM   871  N N   . GLN B 1 25 ? -7.138  2.517   6.230   1.00 30.94 ? 183 GLN B N   1 
ATOM   872  C CA  . GLN B 1 25 ? -8.473  3.024   6.498   1.00 27.24 ? 183 GLN B CA  1 
ATOM   873  C C   . GLN B 1 25 ? -9.509  2.421   5.553   1.00 28.37 ? 183 GLN B C   1 
ATOM   874  O O   . GLN B 1 25 ? -10.605 2.067   5.972   1.00 31.57 ? 183 GLN B O   1 
ATOM   875  C CB  . GLN B 1 25 ? -8.494  4.551   6.421   1.00 31.45 ? 183 GLN B CB  1 
ATOM   876  C CG  . GLN B 1 25 ? -9.816  5.143   6.853   1.00 43.20 ? 183 GLN B CG  1 
ATOM   877  C CD  . GLN B 1 25 ? -9.799  6.658   6.854   1.00 58.67 ? 183 GLN B CD  1 
ATOM   878  O OE1 . GLN B 1 25 ? -8.736  7.276   6.760   1.00 60.21 ? 183 GLN B OE1 1 
ATOM   879  N NE2 . GLN B 1 25 ? -10.981 7.267   6.955   1.00 49.50 ? 183 GLN B NE2 1 
ATOM   880  N N   . LEU B 1 26 ? -9.162  2.291   4.277   1.00 29.26 ? 184 LEU B N   1 
ATOM   881  C CA  . LEU B 1 26 ? -10.074 1.713   3.293   1.00 25.32 ? 184 LEU B CA  1 
ATOM   882  C C   . LEU B 1 26 ? -10.333 0.230   3.559   1.00 26.85 ? 184 LEU B C   1 
ATOM   883  O O   . LEU B 1 26 ? -11.466 -0.238  3.424   1.00 28.41 ? 184 LEU B O   1 
ATOM   884  C CB  . LEU B 1 26 ? -9.528  1.915   1.878   1.00 28.92 ? 184 LEU B CB  1 
ATOM   885  C CG  . LEU B 1 26 ? -9.446  3.355   1.366   1.00 25.37 ? 184 LEU B CG  1 
ATOM   886  C CD1 . LEU B 1 26 ? -8.745  3.421   0.014   1.00 23.49 ? 184 LEU B CD1 1 
ATOM   887  C CD2 . LEU B 1 26 ? -10.842 3.908   1.275   1.00 18.09 ? 184 LEU B CD2 1 
ATOM   888  N N   . HIS B 1 27 ? -9.278  -0.495  3.940   1.00 28.32 ? 185 HIS B N   1 
ATOM   889  C CA  . HIS B 1 27 ? -9.374  -1.902  4.358   1.00 23.55 ? 185 HIS B CA  1 
ATOM   890  C C   . HIS B 1 27 ? -10.324 -2.092  5.531   1.00 26.27 ? 185 HIS B C   1 
ATOM   891  O O   . HIS B 1 27 ? -11.069 -3.074  5.583   1.00 31.06 ? 185 HIS B O   1 
ATOM   892  C CB  . HIS B 1 27 ? -7.998  -2.436  4.750   1.00 26.70 ? 185 HIS B CB  1 
ATOM   893  C CG  . HIS B 1 27 ? -7.098  -2.697  3.584   1.00 27.77 ? 185 HIS B CG  1 
ATOM   894  N ND1 . HIS B 1 27 ? -5.780  -3.082  3.732   1.00 25.27 ? 185 HIS B ND1 1 
ATOM   895  C CD2 . HIS B 1 27 ? -7.323  -2.653  2.251   1.00 26.80 ? 185 HIS B CD2 1 
ATOM   896  C CE1 . HIS B 1 27 ? -5.236  -3.259  2.543   1.00 23.79 ? 185 HIS B CE1 1 
ATOM   897  N NE2 . HIS B 1 27 ? -6.154  -2.999  1.625   1.00 24.49 ? 185 HIS B NE2 1 
ATOM   898  N N   . GLU B 1 28 ? -10.286 -1.158  6.478   1.00 28.06 ? 186 GLU B N   1 
ATOM   899  C CA  . GLU B 1 28 ? -11.180 -1.181  7.627   1.00 28.45 ? 186 GLU B CA  1 
ATOM   900  C C   . GLU B 1 28 ? -12.603 -1.011  7.175   1.00 25.85 ? 186 GLU B C   1 
ATOM   901  O O   . GLU B 1 28 ? -13.470 -1.770  7.575   1.00 31.75 ? 186 GLU B O   1 
ATOM   902  C CB  . GLU B 1 28 ? -10.836 -0.065  8.619   1.00 34.27 ? 186 GLU B CB  1 
ATOM   903  C CG  . GLU B 1 28 ? -9.526  -0.264  9.359   1.00 39.30 ? 186 GLU B CG  1 
ATOM   904  C CD  . GLU B 1 28 ? -9.434  0.546   10.640  1.00 47.97 ? 186 GLU B CD  1 
ATOM   905  O OE1 . GLU B 1 28 ? -10.483 0.999   11.161  1.00 47.82 ? 186 GLU B OE1 1 
ATOM   906  O OE2 . GLU B 1 28 ? -8.299  0.723   11.126  1.00 56.16 ? 186 GLU B OE2 1 
ATOM   907  N N   . MET B 1 29 ? -12.843 -0.011  6.336   1.00 28.77 ? 187 MET B N   1 
ATOM   908  C CA  . MET B 1 29 ? -14.176 0.225   5.792   1.00 25.49 ? 187 MET B CA  1 
ATOM   909  C C   . MET B 1 29 ? -14.685 -0.987  5.016   1.00 25.58 ? 187 MET B C   1 
ATOM   910  O O   . MET B 1 29 ? -15.855 -1.318  5.069   1.00 30.47 ? 187 MET B O   1 
ATOM   911  C CB  . MET B 1 29 ? -14.172 1.462   4.894   1.00 22.99 ? 187 MET B CB  1 
ATOM   912  C CG  . MET B 1 29 ? -13.737 2.728   5.610   1.00 29.84 ? 187 MET B CG  1 
ATOM   913  S SD  . MET B 1 29 ? -13.570 4.168   4.530   1.00 36.61 ? 187 MET B SD  1 
ATOM   914  C CE  . MET B 1 29 ? -15.273 4.431   4.118   1.00 31.32 ? 187 MET B CE  1 
ATOM   915  N N   . ILE B 1 30 ? -13.796 -1.645  4.288   1.00 28.51 ? 188 ILE B N   1 
ATOM   916  C CA  . ILE B 1 30 ? -14.187 -2.795  3.490   1.00 26.49 ? 188 ILE B CA  1 
ATOM   917  C C   . ILE B 1 30 ? -14.652 -3.950  4.356   1.00 27.60 ? 188 ILE B C   1 
ATOM   918  O O   . ILE B 1 30 ? -15.759 -4.452  4.169   1.00 29.07 ? 188 ILE B O   1 
ATOM   919  C CB  . ILE B 1 30 ? -13.042 -3.249  2.536   1.00 29.68 ? 188 ILE B CB  1 
ATOM   920  C CG1 . ILE B 1 30 ? -12.856 -2.218  1.418   1.00 26.19 ? 188 ILE B CG1 1 
ATOM   921  C CG2 . ILE B 1 30 ? -13.333 -4.654  1.976   1.00 26.47 ? 188 ILE B CG2 1 
ATOM   922  C CD1 . ILE B 1 30 ? -11.515 -2.289  0.707   1.00 26.57 ? 188 ILE B CD1 1 
ATOM   923  N N   . VAL B 1 31 ? -13.821 -4.369  5.311   1.00 31.58 ? 189 VAL B N   1 
ATOM   924  C CA  . VAL B 1 31 ? -14.172 -5.503  6.171   1.00 31.08 ? 189 VAL B CA  1 
ATOM   925  C C   . VAL B 1 31 ? -15.291 -5.156  7.166   1.00 28.89 ? 189 VAL B C   1 
ATOM   926  O O   . VAL B 1 31 ? -16.098 -6.015  7.515   1.00 33.94 ? 189 VAL B O   1 
ATOM   927  C CB  . VAL B 1 31 ? -12.936 -6.126  6.888   1.00 35.26 ? 189 VAL B CB  1 
ATOM   928  C CG1 . VAL B 1 31 ? -11.816 -6.421  5.891   1.00 25.53 ? 189 VAL B CG1 1 
ATOM   929  C CG2 . VAL B 1 31 ? -12.436 -5.221  7.992   1.00 37.37 ? 189 VAL B CG2 1 
ATOM   930  N N   . LEU B 1 32 ? -15.360 -3.897  7.592   1.00 29.90 ? 190 LEU B N   1 
ATOM   931  C CA  . LEU B 1 32 ? -16.447 -3.437  8.454   1.00 31.41 ? 190 LEU B CA  1 
ATOM   932  C C   . LEU B 1 32 ? -17.790 -3.560  7.754   1.00 34.10 ? 190 LEU B C   1 
ATOM   933  O O   . LEU B 1 32 ? -18.819 -3.736  8.400   1.00 36.70 ? 190 LEU B O   1 
ATOM   934  C CB  . LEU B 1 32 ? -16.224 -1.985  8.861   1.00 29.76 ? 190 LEU B CB  1 
ATOM   935  C CG  . LEU B 1 32 ? -16.458 -1.630  10.326  1.00 41.31 ? 190 LEU B CG  1 
ATOM   936  C CD1 . LEU B 1 32 ? -16.098 -2.807  11.211  1.00 44.02 ? 190 LEU B CD1 1 
ATOM   937  C CD2 . LEU B 1 32 ? -15.624 -0.407  10.713  1.00 39.81 ? 190 LEU B CD2 1 
ATOM   938  N N   . HIS B 1 33 ? -17.780 -3.476  6.425   1.00 30.29 ? 191 HIS B N   1 
ATOM   939  C CA  . HIS B 1 33 ? -19.024 -3.522  5.682   1.00 27.81 ? 191 HIS B CA  1 
ATOM   940  C C   . HIS B 1 33 ? -19.168 -4.747  4.815   1.00 32.25 ? 191 HIS B C   1 
ATOM   941  O O   . HIS B 1 33 ? -19.793 -4.688  3.765   1.00 37.04 ? 191 HIS B O   1 
ATOM   942  C CB  . HIS B 1 33 ? -19.207 -2.253  4.866   1.00 27.93 ? 191 HIS B CB  1 
ATOM   943  C CG  . HIS B 1 33 ? -19.389 -1.038  5.715   1.00 31.53 ? 191 HIS B CG  1 
ATOM   944  N ND1 . HIS B 1 33 ? -20.612 -0.669  6.231   1.00 33.14 ? 191 HIS B ND1 1 
ATOM   945  C CD2 . HIS B 1 33 ? -18.494 -0.137  6.185   1.00 30.69 ? 191 HIS B CD2 1 
ATOM   946  C CE1 . HIS B 1 33 ? -20.468 0.424   6.960   1.00 31.68 ? 191 HIS B CE1 1 
ATOM   947  N NE2 . HIS B 1 33 ? -19.191 0.764   6.950   1.00 31.99 ? 191 HIS B NE2 1 
ATOM   948  N N   . GLY B 1 34 ? -18.594 -5.862  5.258   1.00 29.01 ? 192 GLY B N   1 
ATOM   949  C CA  . GLY B 1 34 ? -18.915 -7.149  4.675   1.00 29.56 ? 192 GLY B CA  1 
ATOM   950  C C   . GLY B 1 34 ? -17.968 -7.694  3.631   1.00 29.25 ? 192 GLY B C   1 
ATOM   951  O O   . GLY B 1 34 ? -18.122 -8.836  3.212   1.00 34.66 ? 192 GLY B O   1 
ATOM   952  N N   . GLY B 1 35 ? -16.982 -6.910  3.209   1.00 28.08 ? 193 GLY B N   1 
ATOM   953  C CA  . GLY B 1 35 ? -16.138 -7.331  2.105   1.00 29.20 ? 193 GLY B CA  1 
ATOM   954  C C   . GLY B 1 35 ? -14.798 -7.911  2.520   1.00 31.80 ? 193 GLY B C   1 
ATOM   955  O O   . GLY B 1 35 ? -14.513 -8.048  3.708   1.00 33.76 ? 193 GLY B O   1 
ATOM   956  N N   . LYS B 1 36 ? -13.972 -8.244  1.530   1.00 32.29 ? 194 LYS B N   1 
ATOM   957  C CA  . LYS B 1 36 ? -12.623 -8.749  1.766   1.00 29.92 ? 194 LYS B CA  1 
ATOM   958  C C   . LYS B 1 36 ? -11.644 -7.916  0.966   1.00 27.40 ? 194 LYS B C   1 
ATOM   959  O O   . LYS B 1 36 ? -12.025 -7.288  -0.006  1.00 29.59 ? 194 LYS B O   1 
ATOM   960  C CB  . LYS B 1 36 ? -12.494 -10.196 1.288   1.00 30.17 ? 194 LYS B CB  1 
ATOM   961  C CG  . LYS B 1 36 ? -13.454 -11.184 1.910   1.00 36.83 ? 194 LYS B CG  1 
ATOM   962  C CD  . LYS B 1 36 ? -13.160 -12.592 1.409   1.00 42.24 ? 194 LYS B CD  1 
ATOM   963  C CE  . LYS B 1 36 ? -14.177 -13.582 1.949   1.00 52.01 ? 194 LYS B CE  1 
ATOM   964  N NZ  . LYS B 1 36 ? -14.384 -13.354 3.401   1.00 61.12 ? 194 LYS B NZ  1 
ATOM   965  N N   . PHE B 1 37 ? -10.374 -7.923  1.364   1.00 29.37 ? 195 PHE B N   1 
ATOM   966  C CA  . PHE B 1 37 ? -9.326  -7.299  0.566   1.00 30.22 ? 195 PHE B CA  1 
ATOM   967  C C   . PHE B 1 37 ? -8.120  -8.234  0.390   1.00 33.86 ? 195 PHE B C   1 
ATOM   968  O O   . PHE B 1 37 ? -7.936  -9.184  1.159   1.00 31.15 ? 195 PHE B O   1 
ATOM   969  C CB  . PHE B 1 37 ? -8.881  -5.964  1.169   1.00 25.04 ? 195 PHE B CB  1 
ATOM   970  C CG  . PHE B 1 37 ? -8.229  -6.099  2.517   1.00 27.45 ? 195 PHE B CG  1 
ATOM   971  C CD1 . PHE B 1 37 ? -6.867  -6.348  2.626   1.00 30.03 ? 195 PHE B CD1 1 
ATOM   972  C CD2 . PHE B 1 37 ? -8.975  -5.986  3.676   1.00 31.13 ? 195 PHE B CD2 1 
ATOM   973  C CE1 . PHE B 1 37 ? -6.268  -6.487  3.866   1.00 29.36 ? 195 PHE B CE1 1 
ATOM   974  C CE2 . PHE B 1 37 ? -8.381  -6.118  4.920   1.00 33.41 ? 195 PHE B CE2 1 
ATOM   975  C CZ  . PHE B 1 37 ? -7.022  -6.361  5.011   1.00 28.79 ? 195 PHE B CZ  1 
ATOM   976  N N   . LEU B 1 38 ? -7.304  -7.951  -0.622  1.00 30.11 ? 196 LEU B N   1 
ATOM   977  C CA  . LEU B 1 38 ? -6.103  -8.725  -0.902  1.00 26.77 ? 196 LEU B CA  1 
ATOM   978  C C   . LEU B 1 38 ? -4.891  -7.836  -0.756  1.00 27.14 ? 196 LEU B C   1 
ATOM   979  O O   . LEU B 1 38 ? -4.938  -6.668  -1.134  1.00 28.80 ? 196 LEU B O   1 
ATOM   980  C CB  . LEU B 1 38 ? -6.120  -9.226  -2.344  1.00 28.41 ? 196 LEU B CB  1 
ATOM   981  C CG  . LEU B 1 38 ? -7.138  -10.296 -2.709  1.00 32.60 ? 196 LEU B CG  1 
ATOM   982  C CD1 . LEU B 1 38 ? -6.825  -10.799 -4.079  1.00 44.44 ? 196 LEU B CD1 1 
ATOM   983  C CD2 . LEU B 1 38 ? -7.063  -11.421 -1.700  1.00 37.10 ? 196 LEU B CD2 1 
ATOM   984  N N   . HIS B 1 39 ? -3.805  -8.398  -0.236  1.00 30.37 ? 197 HIS B N   1 
ATOM   985  C CA  . HIS B 1 39 ? -2.525  -7.698  -0.171  1.00 31.89 ? 197 HIS B CA  1 
ATOM   986  C C   . HIS B 1 39 ? -1.767  -7.892  -1.474  1.00 31.59 ? 197 HIS B C   1 
ATOM   987  O O   . HIS B 1 39 ? -0.940  -7.066  -1.863  1.00 31.65 ? 197 HIS B O   1 
ATOM   988  C CB  . HIS B 1 39 ? -1.678  -8.211  0.998   1.00 27.74 ? 197 HIS B CB  1 
ATOM   989  C CG  . HIS B 1 39 ? -2.159  -7.765  2.339   1.00 29.90 ? 197 HIS B CG  1 
ATOM   990  N ND1 . HIS B 1 39 ? -2.230  -6.434  2.703   1.00 33.87 ? 197 HIS B ND1 1 
ATOM   991  C CD2 . HIS B 1 39 ? -2.580  -8.467  3.417   1.00 34.68 ? 197 HIS B CD2 1 
ATOM   992  C CE1 . HIS B 1 39 ? -2.684  -6.341  3.936   1.00 32.87 ? 197 HIS B CE1 1 
ATOM   993  N NE2 . HIS B 1 39 ? -2.905  -7.561  4.396   1.00 37.49 ? 197 HIS B NE2 1 
ATOM   994  N N   . TYR B 1 40 ? -2.063  -8.999  -2.142  1.00 34.81 ? 198 TYR B N   1 
ATOM   995  C CA  . TYR B 1 40 ? -1.380  -9.365  -3.374  1.00 38.73 ? 198 TYR B CA  1 
ATOM   996  C C   . TYR B 1 40 ? -2.402  -9.609  -4.474  1.00 41.29 ? 198 TYR B C   1 
ATOM   997  O O   . TYR B 1 40 ? -3.387  -10.332 -4.273  1.00 38.31 ? 198 TYR B O   1 
ATOM   998  C CB  . TYR B 1 40 ? -0.525  -10.613 -3.150  1.00 39.52 ? 198 TYR B CB  1 
ATOM   999  C CG  . TYR B 1 40 ? 0.041   -11.212 -4.418  1.00 53.89 ? 198 TYR B CG  1 
ATOM   1000 C CD1 . TYR B 1 40 ? 0.964   -10.511 -5.187  1.00 53.13 ? 198 TYR B CD1 1 
ATOM   1001 C CD2 . TYR B 1 40 ? -0.334  -12.484 -4.841  1.00 51.79 ? 198 TYR B CD2 1 
ATOM   1002 C CE1 . TYR B 1 40 ? 1.491   -11.049 -6.344  1.00 54.70 ? 198 TYR B CE1 1 
ATOM   1003 C CE2 . TYR B 1 40 ? 0.189   -13.032 -6.001  1.00 53.09 ? 198 TYR B CE2 1 
ATOM   1004 C CZ  . TYR B 1 40 ? 1.103   -12.308 -6.748  1.00 61.27 ? 198 TYR B CZ  1 
ATOM   1005 O OH  . TYR B 1 40 ? 1.636   -12.835 -7.903  1.00 65.20 ? 198 TYR B OH  1 
ATOM   1006 N N   . LEU B 1 41 ? -2.169  -8.990  -5.631  1.00 40.01 ? 199 LEU B N   1 
ATOM   1007 C CA  . LEU B 1 41 ? -3.072  -9.113  -6.766  1.00 38.33 ? 199 LEU B CA  1 
ATOM   1008 C C   . LEU B 1 41 ? -2.859  -10.442 -7.466  1.00 41.80 ? 199 LEU B C   1 
ATOM   1009 O O   . LEU B 1 41 ? -1.925  -10.607 -8.245  1.00 41.31 ? 199 LEU B O   1 
ATOM   1010 C CB  . LEU B 1 41 ? -2.869  -7.968  -7.750  1.00 36.53 ? 199 LEU B CB  1 
ATOM   1011 C CG  . LEU B 1 41 ? -3.839  -7.975  -8.931  1.00 36.09 ? 199 LEU B CG  1 
ATOM   1012 C CD1 . LEU B 1 41 ? -5.243  -7.571  -8.488  1.00 34.15 ? 199 LEU B CD1 1 
ATOM   1013 C CD2 . LEU B 1 41 ? -3.336  -7.062  -10.007 1.00 38.52 ? 199 LEU B CD2 1 
ATOM   1014 N N   . SER B 1 42 ? -3.740  -11.389 -7.184  1.00 46.72 ? 200 SER B N   1 
ATOM   1015 C CA  . SER B 1 42 ? -3.570  -12.749 -7.670  1.00 53.08 ? 200 SER B CA  1 
ATOM   1016 C C   . SER B 1 42 ? -4.032  -12.911 -9.116  1.00 57.37 ? 200 SER B C   1 
ATOM   1017 O O   . SER B 1 42 ? -3.211  -13.133 -10.013 1.00 54.62 ? 200 SER B O   1 
ATOM   1018 C CB  . SER B 1 42 ? -4.320  -13.720 -6.760  1.00 53.81 ? 200 SER B CB  1 
ATOM   1019 O OG  . SER B 1 42 ? -5.655  -13.283 -6.553  1.00 56.11 ? 200 SER B OG  1 
ATOM   1020 N N   . SER B 1 43 ? -5.343  -12.798 -9.329  1.00 49.13 ? 201 SER B N   1 
ATOM   1021 C CA  . SER B 1 43 ? -5.949  -12.991 -10.643 1.00 46.38 ? 201 SER B CA  1 
ATOM   1022 C C   . SER B 1 43 ? -7.397  -12.547 -10.564 1.00 54.08 ? 201 SER B C   1 
ATOM   1023 O O   . SER B 1 43 ? -7.889  -12.222 -9.481  1.00 55.70 ? 201 SER B O   1 
ATOM   1024 C CB  . SER B 1 43 ? -5.873  -14.461 -11.069 1.00 45.08 ? 201 SER B CB  1 
ATOM   1025 O OG  . SER B 1 43 ? -6.967  -15.211 -10.566 1.00 43.27 ? 201 SER B OG  1 
ATOM   1026 N N   . LYS B 1 44 ? -8.086  -12.532 -11.699 1.00 49.20 ? 202 LYS B N   1 
ATOM   1027 C CA  . LYS B 1 44 ? -9.494  -12.153 -11.707 1.00 45.25 ? 202 LYS B CA  1 
ATOM   1028 C C   . LYS B 1 44 ? -10.375 -13.236 -11.092 1.00 45.49 ? 202 LYS B C   1 
ATOM   1029 O O   . LYS B 1 44 ? -11.580 -13.036 -10.918 1.00 50.07 ? 202 LYS B O   1 
ATOM   1030 C CB  . LYS B 1 44 ? -9.954  -11.829 -13.130 1.00 47.03 ? 202 LYS B CB  1 
ATOM   1031 C CG  . LYS B 1 44 ? -9.158  -10.720 -13.777 1.00 46.39 ? 202 LYS B CG  1 
ATOM   1032 C CD  . LYS B 1 44 ? -9.939  -10.031 -14.877 1.00 44.38 ? 202 LYS B CD  1 
ATOM   1033 C CE  . LYS B 1 44 ? -10.366 -11.031 -15.922 1.00 55.27 ? 202 LYS B CE  1 
ATOM   1034 N NZ  . LYS B 1 44 ? -11.026 -10.343 -17.059 1.00 61.04 ? 202 LYS B NZ  1 
ATOM   1035 N N   . LYS B 1 45 ? -9.776  -14.382 -10.772 1.00 47.90 ? 203 LYS B N   1 
ATOM   1036 C CA  . LYS B 1 45 ? -10.514 -15.480 -10.161 1.00 54.41 ? 203 LYS B CA  1 
ATOM   1037 C C   . LYS B 1 45 ? -11.057 -15.026 -8.808  1.00 54.55 ? 203 LYS B C   1 
ATOM   1038 O O   . LYS B 1 45 ? -12.183 -15.348 -8.423  1.00 55.76 ? 203 LYS B O   1 
ATOM   1039 C CB  . LYS B 1 45 ? -9.619  -16.716 -9.987  1.00 50.26 ? 203 LYS B CB  1 
ATOM   1040 C CG  . LYS B 1 45 ? -10.377 -17.956 -9.523  1.00 57.39 ? 203 LYS B CG  1 
ATOM   1041 C CD  . LYS B 1 45 ? -9.513  -19.216 -9.485  1.00 58.56 ? 203 LYS B CD  1 
ATOM   1042 C CE  . LYS B 1 45 ? -10.363 -20.422 -9.064  1.00 66.19 ? 203 LYS B CE  1 
ATOM   1043 N NZ  . LYS B 1 45 ? -9.617  -21.719 -8.952  1.00 68.43 ? 203 LYS B NZ  1 
ATOM   1044 N N   . THR B 1 46 ? -10.256 -14.250 -8.100  1.00 39.73 ? 204 THR B N   1 
ATOM   1045 C CA  . THR B 1 46 ? -10.625 -13.826 -6.767  1.00 43.41 ? 204 THR B CA  1 
ATOM   1046 C C   . THR B 1 46 ? -11.024 -12.354 -6.752  1.00 42.50 ? 204 THR B C   1 
ATOM   1047 O O   . THR B 1 46 ? -12.143 -12.019 -6.349  1.00 45.23 ? 204 THR B O   1 
ATOM   1048 C CB  . THR B 1 46 ? -9.478  -14.105 -5.782  1.00 51.88 ? 204 THR B CB  1 
ATOM   1049 O OG1 . THR B 1 46 ? -8.239  -13.692 -6.370  1.00 52.89 ? 204 THR B OG1 1 
ATOM   1050 C CG2 . THR B 1 46 ? -9.395  -15.603 -5.483  1.00 59.55 ? 204 THR B CG2 1 
ATOM   1051 N N   . VAL B 1 47 ? -10.123 -11.491 -7.223  1.00 36.90 ? 205 VAL B N   1 
ATOM   1052 C CA  . VAL B 1 47 ? -10.345 -10.045 -7.213  1.00 35.18 ? 205 VAL B CA  1 
ATOM   1053 C C   . VAL B 1 47 ? -11.625 -9.627  -7.951  1.00 34.83 ? 205 VAL B C   1 
ATOM   1054 O O   . VAL B 1 47 ? -11.844 -9.996  -9.098  1.00 33.82 ? 205 VAL B O   1 
ATOM   1055 C CB  . VAL B 1 47 ? -9.137  -9.276  -7.808  1.00 36.62 ? 205 VAL B CB  1 
ATOM   1056 C CG1 . VAL B 1 47 ? -9.251  -7.807  -7.501  1.00 31.67 ? 205 VAL B CG1 1 
ATOM   1057 C CG2 . VAL B 1 47 ? -7.851  -9.794  -7.229  1.00 45.15 ? 205 VAL B CG2 1 
ATOM   1058 N N   . THR B 1 48 ? -12.466 -8.846  -7.282  1.00 30.96 ? 206 THR B N   1 
ATOM   1059 C CA  . THR B 1 48 ? -13.648 -8.278  -7.917  1.00 27.40 ? 206 THR B CA  1 
ATOM   1060 C C   . THR B 1 48 ? -13.420 -6.826  -8.366  1.00 29.58 ? 206 THR B C   1 
ATOM   1061 O O   . THR B 1 48 ? -13.901 -6.402  -9.423  1.00 28.01 ? 206 THR B O   1 
ATOM   1062 C CB  . THR B 1 48 ? -14.893 -8.378  -6.996  1.00 31.45 ? 206 THR B CB  1 
ATOM   1063 O OG1 . THR B 1 48 ? -14.738 -7.506  -5.875  1.00 26.65 ? 206 THR B OG1 1 
ATOM   1064 C CG2 . THR B 1 48 ? -15.068 -9.811  -6.497  1.00 35.84 ? 206 THR B CG2 1 
ATOM   1065 N N   . HIS B 1 49 ? -12.680 -6.067  -7.566  1.00 27.70 ? 207 HIS B N   1 
ATOM   1066 C CA  . HIS B 1 49 ? -12.431 -4.655  -7.857  1.00 27.89 ? 207 HIS B CA  1 
ATOM   1067 C C   . HIS B 1 49 ? -11.010 -4.268  -7.497  1.00 25.67 ? 207 HIS B C   1 
ATOM   1068 O O   . HIS B 1 49 ? -10.467 -4.736  -6.509  1.00 25.68 ? 207 HIS B O   1 
ATOM   1069 C CB  . HIS B 1 49 ? -13.394 -3.746  -7.066  1.00 27.13 ? 207 HIS B CB  1 
ATOM   1070 C CG  . HIS B 1 49 ? -14.846 -4.009  -7.337  1.00 28.52 ? 207 HIS B CG  1 
ATOM   1071 N ND1 . HIS B 1 49 ? -15.505 -5.127  -6.870  1.00 31.95 ? 207 HIS B ND1 1 
ATOM   1072 C CD2 . HIS B 1 49 ? -15.767 -3.293  -8.026  1.00 25.50 ? 207 HIS B CD2 1 
ATOM   1073 C CE1 . HIS B 1 49 ? -16.765 -5.093  -7.261  1.00 30.42 ? 207 HIS B CE1 1 
ATOM   1074 N NE2 . HIS B 1 49 ? -16.954 -3.986  -7.957  1.00 30.36 ? 207 HIS B NE2 1 
ATOM   1075 N N   . ILE B 1 50 ? -10.421 -3.385  -8.295  1.00 27.07 ? 208 ILE B N   1 
ATOM   1076 C CA  . ILE B 1 50 ? -9.148  -2.775  -7.947  1.00 29.05 ? 208 ILE B CA  1 
ATOM   1077 C C   . ILE B 1 50 ? -9.390  -1.302  -7.632  1.00 25.66 ? 208 ILE B C   1 
ATOM   1078 O O   . ILE B 1 50 ? -10.088 -0.621  -8.372  1.00 28.18 ? 208 ILE B O   1 
ATOM   1079 C CB  . ILE B 1 50 ? -8.128  -2.916  -9.104  1.00 27.71 ? 208 ILE B CB  1 
ATOM   1080 C CG1 . ILE B 1 50 ? -7.783  -4.393  -9.315  1.00 21.77 ? 208 ILE B CG1 1 
ATOM   1081 C CG2 . ILE B 1 50 ? -6.873  -2.109  -8.815  1.00 24.94 ? 208 ILE B CG2 1 
ATOM   1082 C CD1 . ILE B 1 50 ? -6.711  -4.620  -10.332 1.00 31.62 ? 208 ILE B CD1 1 
ATOM   1083 N N   . VAL B 1 51 ? -8.840  -0.816  -6.524  1.00 23.79 ? 209 VAL B N   1 
ATOM   1084 C CA  . VAL B 1 51 ? -8.993  0.594   -6.173  1.00 21.65 ? 209 VAL B CA  1 
ATOM   1085 C C   . VAL B 1 51 ? -7.676  1.326   -6.392  1.00 23.58 ? 209 VAL B C   1 
ATOM   1086 O O   . VAL B 1 51 ? -6.632  0.894   -5.920  1.00 30.72 ? 209 VAL B O   1 
ATOM   1087 C CB  . VAL B 1 51 ? -9.428  0.770   -4.704  1.00 26.61 ? 209 VAL B CB  1 
ATOM   1088 C CG1 . VAL B 1 51 ? -9.339  2.227   -4.290  1.00 23.31 ? 209 VAL B CG1 1 
ATOM   1089 C CG2 . VAL B 1 51 ? -10.840 0.225   -4.486  1.00 25.71 ? 209 VAL B CG2 1 
ATOM   1090 N N   . ALA B 1 52 ? -7.727  2.438   -7.114  1.00 26.60 ? 210 ALA B N   1 
ATOM   1091 C CA  . ALA B 1 52 ? -6.547  3.228   -7.390  1.00 22.70 ? 210 ALA B CA  1 
ATOM   1092 C C   . ALA B 1 52 ? -6.926  4.693   -7.559  1.00 27.18 ? 210 ALA B C   1 
ATOM   1093 O O   . ALA B 1 52 ? -8.070  5.007   -7.866  1.00 28.52 ? 210 ALA B O   1 
ATOM   1094 C CB  . ALA B 1 52 ? -5.868  2.722   -8.647  1.00 26.86 ? 210 ALA B CB  1 
ATOM   1095 N N   . SER B 1 53 ? -5.953  5.579   -7.348  1.00 34.24 ? 211 SER B N   1 
ATOM   1096 C CA  . SER B 1 53 ? -6.136  7.024   -7.497  1.00 32.91 ? 211 SER B CA  1 
ATOM   1097 C C   . SER B 1 53 ? -5.908  7.446   -8.938  1.00 43.20 ? 211 SER B C   1 
ATOM   1098 O O   . SER B 1 53 ? -6.666  8.241   -9.491  1.00 52.40 ? 211 SER B O   1 
ATOM   1099 C CB  . SER B 1 53 ? -5.164  7.784   -6.596  1.00 34.57 ? 211 SER B CB  1 
ATOM   1100 O OG  . SER B 1 53 ? -5.566  7.727   -5.240  1.00 40.28 ? 211 SER B OG  1 
ATOM   1101 N N   . ASN B 1 54 ? -4.845  6.925   -9.536  1.00 41.04 ? 212 ASN B N   1 
ATOM   1102 C CA  . ASN B 1 54 ? -4.608  7.116   -10.956 1.00 42.67 ? 212 ASN B CA  1 
ATOM   1103 C C   . ASN B 1 54 ? -3.799  5.938   -11.459 1.00 43.13 ? 212 ASN B C   1 
ATOM   1104 O O   . ASN B 1 54 ? -3.390  5.089   -10.670 1.00 50.20 ? 212 ASN B O   1 
ATOM   1105 C CB  . ASN B 1 54 ? -3.885  8.436   -11.217 1.00 46.93 ? 212 ASN B CB  1 
ATOM   1106 C CG  . ASN B 1 54 ? -2.383  8.289   -11.213 1.00 50.51 ? 212 ASN B CG  1 
ATOM   1107 O OD1 . ASN B 1 54 ? -1.807  7.594   -10.372 1.00 56.58 ? 212 ASN B OD1 1 
ATOM   1108 N ND2 . ASN B 1 54 ? -1.732  8.948   -12.161 1.00 58.74 ? 212 ASN B ND2 1 
ATOM   1109 N N   . LEU B 1 55 ? -3.550  5.884   -12.758 1.00 44.88 ? 213 LEU B N   1 
ATOM   1110 C CA  . LEU B 1 55 ? -2.853  4.740   -13.327 1.00 51.19 ? 213 LEU B CA  1 
ATOM   1111 C C   . LEU B 1 55 ? -1.823  5.144   -14.372 1.00 44.69 ? 213 LEU B C   1 
ATOM   1112 O O   . LEU B 1 55 ? -2.183  5.671   -15.431 1.00 54.34 ? 213 LEU B O   1 
ATOM   1113 C CB  . LEU B 1 55 ? -3.857  3.786   -13.979 1.00 45.60 ? 213 LEU B CB  1 
ATOM   1114 C CG  . LEU B 1 55 ? -4.893  3.037   -13.152 1.00 43.48 ? 213 LEU B CG  1 
ATOM   1115 C CD1 . LEU B 1 55 ? -5.961  2.490   -14.088 1.00 47.73 ? 213 LEU B CD1 1 
ATOM   1116 C CD2 . LEU B 1 55 ? -4.252  1.911   -12.353 1.00 37.85 ? 213 LEU B CD2 1 
ATOM   1117 N N   . PRO B 1 56 ? -0.539  4.888   -14.089 1.00 38.62 ? 214 PRO B N   1 
ATOM   1118 C CA  . PRO B 1 56 ? 0.477   5.039   -15.139 1.00 39.99 ? 214 PRO B CA  1 
ATOM   1119 C C   . PRO B 1 56 ? 0.173   4.059   -16.251 1.00 45.49 ? 214 PRO B C   1 
ATOM   1120 O O   . PRO B 1 56 ? -0.398  3.003   -15.964 1.00 46.35 ? 214 PRO B O   1 
ATOM   1121 C CB  . PRO B 1 56 ? 1.771   4.624   -14.443 1.00 41.40 ? 214 PRO B CB  1 
ATOM   1122 C CG  . PRO B 1 56 ? 1.331   3.808   -13.265 1.00 46.68 ? 214 PRO B CG  1 
ATOM   1123 C CD  . PRO B 1 56 ? 0.036   4.415   -12.823 1.00 42.48 ? 214 PRO B CD  1 
ATOM   1124 N N   . LEU B 1 57 ? 0.543   4.405   -17.483 1.00 44.03 ? 215 LEU B N   1 
ATOM   1125 C CA  . LEU B 1 57 ? 0.258   3.589   -18.657 1.00 40.43 ? 215 LEU B CA  1 
ATOM   1126 C C   . LEU B 1 57 ? 0.438   2.090   -18.402 1.00 36.44 ? 215 LEU B C   1 
ATOM   1127 O O   . LEU B 1 57 ? -0.404  1.283   -18.786 1.00 36.79 ? 215 LEU B O   1 
ATOM   1128 C CB  . LEU B 1 57 ? 1.128   4.042   -19.835 1.00 36.92 ? 215 LEU B CB  1 
ATOM   1129 C CG  . LEU B 1 57 ? 1.271   3.037   -20.974 1.00 41.48 ? 215 LEU B CG  1 
ATOM   1130 C CD1 . LEU B 1 57 ? -0.026  2.950   -21.773 1.00 38.61 ? 215 LEU B CD1 1 
ATOM   1131 C CD2 . LEU B 1 57 ? 2.466   3.390   -21.859 1.00 33.43 ? 215 LEU B CD2 1 
ATOM   1132 N N   . LYS B 1 58 ? 1.523   1.733   -17.721 1.00 35.33 ? 216 LYS B N   1 
ATOM   1133 C CA  . LYS B 1 58 ? 1.843   0.337   -17.466 1.00 33.47 ? 216 LYS B CA  1 
ATOM   1134 C C   . LYS B 1 58 ? 0.756   -0.356  -16.650 1.00 37.01 ? 216 LYS B C   1 
ATOM   1135 O O   . LYS B 1 58 ? 0.485   -1.550  -16.829 1.00 34.55 ? 216 LYS B O   1 
ATOM   1136 C CB  . LYS B 1 58 ? 3.181   0.231   -16.740 1.00 40.58 ? 216 LYS B CB  1 
ATOM   1137 C CG  . LYS B 1 58 ? 3.456   -1.151  -16.176 1.00 56.15 ? 216 LYS B CG  1 
ATOM   1138 C CD  . LYS B 1 58 ? 4.721   -1.176  -15.326 1.00 75.34 ? 216 LYS B CD  1 
ATOM   1139 C CE  . LYS B 1 58 ? 4.973   -2.568  -14.743 1.00 87.92 ? 216 LYS B CE  1 
ATOM   1140 N NZ  . LYS B 1 58 ? 5.222   -3.605  -15.791 1.00 75.30 ? 216 LYS B NZ  1 
ATOM   1141 N N   . LYS B 1 59 ? 0.132   0.403   -15.751 1.00 36.83 ? 217 LYS B N   1 
ATOM   1142 C CA  . LYS B 1 59 ? -0.931  -0.138  -14.912 1.00 38.82 ? 217 LYS B CA  1 
ATOM   1143 C C   . LYS B 1 59 ? -2.240  -0.238  -15.674 1.00 35.19 ? 217 LYS B C   1 
ATOM   1144 O O   . LYS B 1 59 ? -3.002  -1.187  -15.474 1.00 31.51 ? 217 LYS B O   1 
ATOM   1145 C CB  . LYS B 1 59 ? -1.108  0.693   -13.642 1.00 33.89 ? 217 LYS B CB  1 
ATOM   1146 C CG  . LYS B 1 59 ? -0.016  0.465   -12.632 1.00 34.63 ? 217 LYS B CG  1 
ATOM   1147 C CD  . LYS B 1 59 ? 0.113   -1.012  -12.311 1.00 34.25 ? 217 LYS B CD  1 
ATOM   1148 C CE  . LYS B 1 59 ? 1.315   -1.279  -11.426 1.00 41.87 ? 217 LYS B CE  1 
ATOM   1149 N NZ  . LYS B 1 59 ? 1.485   -2.737  -11.209 1.00 44.22 ? 217 LYS B NZ  1 
ATOM   1150 N N   . ARG B 1 60 ? -2.492  0.739   -16.543 1.00 33.41 ? 218 ARG B N   1 
ATOM   1151 C CA  . ARG B 1 60 ? -3.670  0.713   -17.397 1.00 33.06 ? 218 ARG B CA  1 
ATOM   1152 C C   . ARG B 1 60 ? -3.626  -0.531  -18.272 1.00 38.74 ? 218 ARG B C   1 
ATOM   1153 O O   . ARG B 1 60 ? -4.665  -1.129  -18.561 1.00 40.70 ? 218 ARG B O   1 
ATOM   1154 C CB  . ARG B 1 60 ? -3.751  1.969   -18.253 1.00 39.54 ? 218 ARG B CB  1 
ATOM   1155 C CG  . ARG B 1 60 ? -3.699  3.260   -17.457 1.00 46.75 ? 218 ARG B CG  1 
ATOM   1156 C CD  . ARG B 1 60 ? -3.954  4.492   -18.329 1.00 46.63 ? 218 ARG B CD  1 
ATOM   1157 N NE  . ARG B 1 60 ? -5.378  4.773   -18.482 1.00 58.10 ? 218 ARG B NE  1 
ATOM   1158 C CZ  . ARG B 1 60 ? -5.895  5.519   -19.453 1.00 70.31 ? 218 ARG B CZ  1 
ATOM   1159 N NH1 . ARG B 1 60 ? -5.101  6.058   -20.367 1.00 70.39 ? 218 ARG B NH1 1 
ATOM   1160 N NH2 . ARG B 1 60 ? -7.205  5.723   -19.512 1.00 73.42 ? 218 ARG B NH2 1 
ATOM   1161 N N   . ILE B 1 61 ? -2.419  -0.935  -18.664 1.00 35.03 ? 219 ILE B N   1 
ATOM   1162 C CA  . ILE B 1 61 ? -2.224  -2.176  -19.407 1.00 33.71 ? 219 ILE B CA  1 
ATOM   1163 C C   . ILE B 1 61 ? -2.377  -3.401  -18.506 1.00 36.90 ? 219 ILE B C   1 
ATOM   1164 O O   . ILE B 1 61 ? -3.097  -4.354  -18.836 1.00 35.14 ? 219 ILE B O   1 
ATOM   1165 C CB  . ILE B 1 61 ? -0.830  -2.209  -20.054 1.00 39.61 ? 219 ILE B CB  1 
ATOM   1166 C CG1 . ILE B 1 61 ? -0.673  -1.055  -21.051 1.00 41.18 ? 219 ILE B CG1 1 
ATOM   1167 C CG2 . ILE B 1 61 ? -0.584  -3.557  -20.737 1.00 41.67 ? 219 ILE B CG2 1 
ATOM   1168 C CD1 . ILE B 1 61 ? -1.569  -1.173  -22.240 1.00 38.98 ? 219 ILE B CD1 1 
ATOM   1169 N N   . GLU B 1 62 ? -1.696  -3.373  -17.365 1.00 35.94 ? 220 GLU B N   1 
ATOM   1170 C CA  . GLU B 1 62 ? -1.783  -4.465  -16.398 1.00 38.58 ? 220 GLU B CA  1 
ATOM   1171 C C   . GLU B 1 62 ? -3.215  -4.745  -15.907 1.00 43.02 ? 220 GLU B C   1 
ATOM   1172 O O   . GLU B 1 62 ? -3.594  -5.908  -15.707 1.00 39.95 ? 220 GLU B O   1 
ATOM   1173 C CB  . GLU B 1 62 ? -0.866  -4.194  -15.201 1.00 35.37 ? 220 GLU B CB  1 
ATOM   1174 C CG  . GLU B 1 62 ? -0.733  -5.383  -14.251 1.00 41.86 ? 220 GLU B CG  1 
ATOM   1175 C CD  . GLU B 1 62 ? 0.246   -5.116  -13.115 1.00 51.44 ? 220 GLU B CD  1 
ATOM   1176 O OE1 . GLU B 1 62 ? 1.064   -4.168  -13.230 1.00 52.05 ? 220 GLU B OE1 1 
ATOM   1177 O OE2 . GLU B 1 62 ? 0.192   -5.851  -12.102 1.00 50.52 ? 220 GLU B OE2 1 
ATOM   1178 N N   . PHE B 1 63 ? -4.005  -3.685  -15.725 1.00 36.68 ? 221 PHE B N   1 
ATOM   1179 C CA  . PHE B 1 63 ? -5.342  -3.814  -15.142 1.00 37.82 ? 221 PHE B CA  1 
ATOM   1180 C C   . PHE B 1 63 ? -6.458  -3.693  -16.157 1.00 40.76 ? 221 PHE B C   1 
ATOM   1181 O O   . PHE B 1 63 ? -7.595  -3.399  -15.792 1.00 46.39 ? 221 PHE B O   1 
ATOM   1182 C CB  . PHE B 1 63 ? -5.570  -2.749  -14.064 1.00 31.49 ? 221 PHE B CB  1 
ATOM   1183 C CG  . PHE B 1 63 ? -4.608  -2.841  -12.924 1.00 33.95 ? 221 PHE B CG  1 
ATOM   1184 C CD1 . PHE B 1 63 ? -4.022  -4.053  -12.594 1.00 30.84 ? 221 PHE B CD1 1 
ATOM   1185 C CD2 . PHE B 1 63 ? -4.283  -1.717  -12.185 1.00 31.82 ? 221 PHE B CD2 1 
ATOM   1186 C CE1 . PHE B 1 63 ? -3.132  -4.143  -11.557 1.00 32.57 ? 221 PHE B CE1 1 
ATOM   1187 C CE2 . PHE B 1 63 ? -3.391  -1.805  -11.135 1.00 34.99 ? 221 PHE B CE2 1 
ATOM   1188 C CZ  . PHE B 1 63 ? -2.815  -3.026  -10.824 1.00 34.96 ? 221 PHE B CZ  1 
ATOM   1189 N N   . ALA B 1 64 ? -6.146  -3.885  -17.431 1.00 39.36 ? 222 ALA B N   1 
ATOM   1190 C CA  . ALA B 1 64 ? -7.195  -3.807  -18.442 1.00 40.78 ? 222 ALA B CA  1 
ATOM   1191 C C   . ALA B 1 64 ? -8.213  -4.914  -18.214 1.00 42.95 ? 222 ALA B C   1 
ATOM   1192 O O   . ALA B 1 64 ? -7.849  -6.041  -17.843 1.00 45.02 ? 222 ALA B O   1 
ATOM   1193 C CB  . ALA B 1 64 ? -6.607  -3.906  -19.822 1.00 46.23 ? 222 ALA B CB  1 
ATOM   1194 N N   . ASN B 1 65 ? -9.484  -4.579  -18.425 1.00 41.52 ? 223 ASN B N   1 
ATOM   1195 C CA  . ASN B 1 65 ? -10.597 -5.484  -18.135 1.00 50.74 ? 223 ASN B CA  1 
ATOM   1196 C C   . ASN B 1 65 ? -10.683 -5.966  -16.674 1.00 50.22 ? 223 ASN B C   1 
ATOM   1197 O O   . ASN B 1 65 ? -11.198 -7.055  -16.389 1.00 46.99 ? 223 ASN B O   1 
ATOM   1198 C CB  . ASN B 1 65 ? -10.621 -6.667  -19.107 1.00 52.04 ? 223 ASN B CB  1 
ATOM   1199 C CG  . ASN B 1 65 ? -11.980 -7.333  -19.174 1.00 60.45 ? 223 ASN B CG  1 
ATOM   1200 O OD1 . ASN B 1 65 ? -12.123 -8.521  -18.873 1.00 62.90 ? 223 ASN B OD1 1 
ATOM   1201 N ND2 . ASN B 1 65 ? -12.993 -6.564  -19.555 1.00 59.23 ? 223 ASN B ND2 1 
ATOM   1202 N N   . TYR B 1 66 ? -10.150 -5.159  -15.757 1.00 43.24 ? 224 TYR B N   1 
ATOM   1203 C CA  . TYR B 1 66 ? -10.518 -5.259  -14.354 1.00 37.12 ? 224 TYR B CA  1 
ATOM   1204 C C   . TYR B 1 66 ? -11.458 -4.084  -14.176 1.00 34.20 ? 224 TYR B C   1 
ATOM   1205 O O   . TYR B 1 66 ? -11.388 -3.120  -14.934 1.00 36.37 ? 224 TYR B O   1 
ATOM   1206 C CB  . TYR B 1 66 ? -9.309  -5.055  -13.434 1.00 35.15 ? 224 TYR B CB  1 
ATOM   1207 C CG  . TYR B 1 66 ? -8.486  -6.288  -13.111 1.00 34.46 ? 224 TYR B CG  1 
ATOM   1208 C CD1 . TYR B 1 66 ? -8.825  -7.115  -12.051 1.00 42.33 ? 224 TYR B CD1 1 
ATOM   1209 C CD2 . TYR B 1 66 ? -7.349  -6.602  -13.851 1.00 35.57 ? 224 TYR B CD2 1 
ATOM   1210 C CE1 . TYR B 1 66 ? -8.055  -8.235  -11.741 1.00 45.82 ? 224 TYR B CE1 1 
ATOM   1211 C CE2 . TYR B 1 66 ? -6.585  -7.709  -13.557 1.00 34.58 ? 224 TYR B CE2 1 
ATOM   1212 C CZ  . TYR B 1 66 ? -6.935  -8.522  -12.499 1.00 40.95 ? 224 TYR B CZ  1 
ATOM   1213 O OH  . TYR B 1 66 ? -6.168  -9.634  -12.199 1.00 50.41 ? 224 TYR B OH  1 
ATOM   1214 N N   . LYS B 1 67 ? -12.342 -4.143  -13.189 1.00 36.81 ? 225 LYS B N   1 
ATOM   1215 C CA  . LYS B 1 67 ? -13.053 -2.936  -12.790 1.00 27.86 ? 225 LYS B CA  1 
ATOM   1216 C C   . LYS B 1 67 ? -12.079 -2.170  -11.917 1.00 31.04 ? 225 LYS B C   1 
ATOM   1217 O O   . LYS B 1 67 ? -11.702 -2.640  -10.849 1.00 28.96 ? 225 LYS B O   1 
ATOM   1218 C CB  . LYS B 1 67 ? -14.311 -3.268  -11.983 1.00 32.79 ? 225 LYS B CB  1 
ATOM   1219 C CG  . LYS B 1 67 ? -15.323 -4.131  -12.697 1.00 30.71 ? 225 LYS B CG  1 
ATOM   1220 C CD  . LYS B 1 67 ? -16.440 -4.498  -11.757 1.00 29.81 ? 225 LYS B CD  1 
ATOM   1221 C CE  . LYS B 1 67 ? -17.467 -5.355  -12.451 1.00 34.28 ? 225 LYS B CE  1 
ATOM   1222 N NZ  . LYS B 1 67 ? -16.834 -6.568  -13.036 1.00 29.08 ? 225 LYS B NZ  1 
ATOM   1223 N N   . VAL B 1 68 ? -11.647 -1.007  -12.382 1.00 29.30 ? 226 VAL B N   1 
ATOM   1224 C CA  . VAL B 1 68 ? -10.720 -0.190  -11.620 1.00 24.69 ? 226 VAL B CA  1 
ATOM   1225 C C   . VAL B 1 68 ? -11.415 1.098   -11.234 1.00 25.40 ? 226 VAL B C   1 
ATOM   1226 O O   . VAL B 1 68 ? -11.863 1.846   -12.105 1.00 32.26 ? 226 VAL B O   1 
ATOM   1227 C CB  . VAL B 1 68 ? -9.462  0.124   -12.416 1.00 21.71 ? 226 VAL B CB  1 
ATOM   1228 C CG1 . VAL B 1 68 ? -8.509  0.952   -11.558 1.00 30.65 ? 226 VAL B CG1 1 
ATOM   1229 C CG2 . VAL B 1 68 ? -8.785  -1.166  -12.853 1.00 26.44 ? 226 VAL B CG2 1 
ATOM   1230 N N   . VAL B 1 69 ? -11.511 1.345   -9.925  1.00 24.28 ? 227 VAL B N   1 
ATOM   1231 C CA  . VAL B 1 69 ? -12.371 2.398   -9.395  1.00 22.95 ? 227 VAL B CA  1 
ATOM   1232 C C   . VAL B 1 69 ? -11.585 3.273   -8.434  1.00 28.01 ? 227 VAL B C   1 
ATOM   1233 O O   . VAL B 1 69 ? -10.593 2.836   -7.860  1.00 26.84 ? 227 VAL B O   1 
ATOM   1234 C CB  . VAL B 1 69 ? -13.623 1.820   -8.659  1.00 28.63 ? 227 VAL B CB  1 
ATOM   1235 C CG1 . VAL B 1 69 ? -14.514 1.019   -9.615  1.00 24.94 ? 227 VAL B CG1 1 
ATOM   1236 C CG2 . VAL B 1 69 ? -13.220 0.958   -7.477  1.00 24.07 ? 227 VAL B CG2 1 
ATOM   1237 N N   . SER B 1 70 ? -12.005 4.521   -8.279  1.00 29.59 ? 228 SER B N   1 
ATOM   1238 C CA  . SER B 1 70 ? -11.315 5.423   -7.366  1.00 33.35 ? 228 SER B CA  1 
ATOM   1239 C C   . SER B 1 70 ? -11.739 5.058   -5.947  1.00 28.14 ? 228 SER B C   1 
ATOM   1240 O O   . SER B 1 70 ? -12.770 4.407   -5.768  1.00 28.60 ? 228 SER B O   1 
ATOM   1241 C CB  . SER B 1 70 ? -11.624 6.898   -7.701  1.00 30.94 ? 228 SER B CB  1 
ATOM   1242 O OG  . SER B 1 70 ? -13.009 7.184   -7.618  1.00 37.39 ? 228 SER B OG  1 
ATOM   1243 N N   . PRO B 1 71 ? -10.936 5.448   -4.941  1.00 25.22 ? 229 PRO B N   1 
ATOM   1244 C CA  . PRO B 1 71 ? -11.253 5.175   -3.533  1.00 26.86 ? 229 PRO B CA  1 
ATOM   1245 C C   . PRO B 1 71 ? -12.583 5.776   -3.076  1.00 28.37 ? 229 PRO B C   1 
ATOM   1246 O O   . PRO B 1 71 ? -13.134 5.308   -2.082  1.00 26.50 ? 229 PRO B O   1 
ATOM   1247 C CB  . PRO B 1 71 ? -10.107 5.850   -2.777  1.00 30.53 ? 229 PRO B CB  1 
ATOM   1248 C CG  . PRO B 1 71 ? -9.007  5.985   -3.770  1.00 28.66 ? 229 PRO B CG  1 
ATOM   1249 C CD  . PRO B 1 71 ? -9.638  6.136   -5.101  1.00 22.71 ? 229 PRO B CD  1 
ATOM   1250 N N   . ASP B 1 72 ? -13.077 6.794   -3.786  1.00 33.38 ? 230 ASP B N   1 
ATOM   1251 C CA  . ASP B 1 72 ? -14.351 7.446   -3.467  1.00 26.66 ? 230 ASP B CA  1 
ATOM   1252 C C   . ASP B 1 72 ? -15.488 6.469   -3.538  1.00 27.04 ? 230 ASP B C   1 
ATOM   1253 O O   . ASP B 1 72 ? -16.505 6.631   -2.860  1.00 28.15 ? 230 ASP B O   1 
ATOM   1254 C CB  . ASP B 1 72 ? -14.648 8.549   -4.467  1.00 30.83 ? 230 ASP B CB  1 
ATOM   1255 C CG  . ASP B 1 72 ? -13.571 9.577   -4.525  1.00 42.57 ? 230 ASP B CG  1 
ATOM   1256 O OD1 . ASP B 1 72 ? -12.739 9.617   -3.592  1.00 44.46 ? 230 ASP B OD1 1 
ATOM   1257 O OD2 . ASP B 1 72 ? -13.563 10.357  -5.503  1.00 49.68 ? 230 ASP B OD2 1 
ATOM   1258 N N   . TRP B 1 73 ? -15.329 5.458   -4.386  1.00 28.85 ? 231 TRP B N   1 
ATOM   1259 C CA  . TRP B 1 73 ? -16.342 4.418   -4.518  1.00 26.96 ? 231 TRP B CA  1 
ATOM   1260 C C   . TRP B 1 73 ? -16.644 3.799   -3.169  1.00 27.07 ? 231 TRP B C   1 
ATOM   1261 O O   . TRP B 1 73 ? -17.810 3.617   -2.809  1.00 34.13 ? 231 TRP B O   1 
ATOM   1262 C CB  . TRP B 1 73 ? -15.885 3.333   -5.487  1.00 25.14 ? 231 TRP B CB  1 
ATOM   1263 C CG  . TRP B 1 73 ? -16.876 2.217   -5.606  1.00 23.36 ? 231 TRP B CG  1 
ATOM   1264 C CD1 . TRP B 1 73 ? -18.172 2.318   -6.005  1.00 28.06 ? 231 TRP B CD1 1 
ATOM   1265 C CD2 . TRP B 1 73 ? -16.650 0.823   -5.327  1.00 26.87 ? 231 TRP B CD2 1 
ATOM   1266 N NE1 . TRP B 1 73 ? -18.770 1.077   -5.994  1.00 25.94 ? 231 TRP B NE1 1 
ATOM   1267 C CE2 . TRP B 1 73 ? -17.856 0.147   -5.590  1.00 24.13 ? 231 TRP B CE2 1 
ATOM   1268 C CE3 . TRP B 1 73 ? -15.548 0.086   -4.888  1.00 24.64 ? 231 TRP B CE3 1 
ATOM   1269 C CZ2 . TRP B 1 73 ? -17.985 -1.224  -5.427  1.00 26.54 ? 231 TRP B CZ2 1 
ATOM   1270 C CZ3 . TRP B 1 73 ? -15.685 -1.270  -4.727  1.00 28.28 ? 231 TRP B CZ3 1 
ATOM   1271 C CH2 . TRP B 1 73 ? -16.892 -1.910  -4.989  1.00 28.01 ? 231 TRP B CH2 1 
ATOM   1272 N N   . ILE B 1 74 ? -15.590 3.478   -2.427  1.00 26.41 ? 232 ILE B N   1 
ATOM   1273 C CA  . ILE B 1 74 ? -15.727 2.892   -1.098  1.00 26.72 ? 232 ILE B CA  1 
ATOM   1274 C C   . ILE B 1 74 ? -16.294 3.901   -0.100  1.00 26.75 ? 232 ILE B C   1 
ATOM   1275 O O   . ILE B 1 74 ? -17.244 3.609   0.608   1.00 29.11 ? 232 ILE B O   1 
ATOM   1276 C CB  . ILE B 1 74 ? -14.361 2.393   -0.599  1.00 25.31 ? 232 ILE B CB  1 
ATOM   1277 C CG1 . ILE B 1 74 ? -13.875 1.261   -1.499  1.00 28.08 ? 232 ILE B CG1 1 
ATOM   1278 C CG2 . ILE B 1 74 ? -14.459 1.897   0.846   1.00 24.65 ? 232 ILE B CG2 1 
ATOM   1279 C CD1 . ILE B 1 74 ? -12.454 0.902   -1.266  1.00 33.36 ? 232 ILE B CD1 1 
ATOM   1280 N N   . VAL B 1 75 ? -15.699 5.088   -0.058  1.00 29.07 ? 233 VAL B N   1 
ATOM   1281 C CA  . VAL B 1 75 ? -16.110 6.132   0.873   1.00 29.50 ? 233 VAL B CA  1 
ATOM   1282 C C   . VAL B 1 75 ? -17.557 6.532   0.630   1.00 31.02 ? 233 VAL B C   1 
ATOM   1283 O O   . VAL B 1 75 ? -18.343 6.635   1.564   1.00 39.02 ? 233 VAL B O   1 
ATOM   1284 C CB  . VAL B 1 75 ? -15.245 7.386   0.729   1.00 29.56 ? 233 VAL B CB  1 
ATOM   1285 C CG1 . VAL B 1 75 ? -15.666 8.418   1.753   1.00 34.84 ? 233 VAL B CG1 1 
ATOM   1286 C CG2 . VAL B 1 75 ? -13.775 7.036   0.874   1.00 30.45 ? 233 VAL B CG2 1 
ATOM   1287 N N   . ASP B 1 76 ? -17.913 6.765   -0.629  1.00 29.95 ? 234 ASP B N   1 
ATOM   1288 C CA  . ASP B 1 76 ? -19.275 7.183   -0.942  1.00 29.23 ? 234 ASP B CA  1 
ATOM   1289 C C   . ASP B 1 76 ? -20.308 6.083   -0.682  1.00 31.33 ? 234 ASP B C   1 
ATOM   1290 O O   . ASP B 1 76 ? -21.414 6.358   -0.199  1.00 30.26 ? 234 ASP B O   1 
ATOM   1291 C CB  . ASP B 1 76 ? -19.379 7.699   -2.384  1.00 30.38 ? 234 ASP B CB  1 
ATOM   1292 C CG  . ASP B 1 76 ? -18.616 8.993   -2.601  1.00 34.36 ? 234 ASP B CG  1 
ATOM   1293 O OD1 . ASP B 1 76 ? -18.121 9.588   -1.621  1.00 33.81 ? 234 ASP B OD1 1 
ATOM   1294 O OD2 . ASP B 1 76 ? -18.511 9.421   -3.765  1.00 38.85 ? 234 ASP B OD2 1 
ATOM   1295 N N   . SER B 1 77 ? -19.965 4.841   -1.014  1.00 31.26 ? 235 SER B N   1 
ATOM   1296 C CA  . SER B 1 77 ? -20.881 3.723   -0.781  1.00 26.83 ? 235 SER B CA  1 
ATOM   1297 C C   . SER B 1 77 ? -21.175 3.607   0.698   1.00 34.31 ? 235 SER B C   1 
ATOM   1298 O O   . SER B 1 77 ? -22.323 3.423   1.097   1.00 33.94 ? 235 SER B O   1 
ATOM   1299 C CB  . SER B 1 77 ? -20.296 2.400   -1.274  1.00 29.03 ? 235 SER B CB  1 
ATOM   1300 O OG  . SER B 1 77 ? -20.265 2.345   -2.683  1.00 30.63 ? 235 SER B OG  1 
ATOM   1301 N N   . VAL B 1 78 ? -20.132 3.730   1.510   1.00 29.59 ? 236 VAL B N   1 
ATOM   1302 C CA  . VAL B 1 78 ? -20.297 3.655   2.954   1.00 31.62 ? 236 VAL B CA  1 
ATOM   1303 C C   . VAL B 1 78 ? -21.209 4.775   3.481   1.00 32.33 ? 236 VAL B C   1 
ATOM   1304 O O   . VAL B 1 78 ? -22.135 4.511   4.245   1.00 33.23 ? 236 VAL B O   1 
ATOM   1305 C CB  . VAL B 1 78 ? -18.929 3.638   3.675   1.00 30.05 ? 236 VAL B CB  1 
ATOM   1306 C CG1 . VAL B 1 78 ? -19.107 3.848   5.160   1.00 31.39 ? 236 VAL B CG1 1 
ATOM   1307 C CG2 . VAL B 1 78 ? -18.209 2.307   3.402   1.00 27.21 ? 236 VAL B CG2 1 
ATOM   1308 N N   . LYS B 1 79 ? -20.968 6.011   3.053   1.00 32.85 ? 237 LYS B N   1 
ATOM   1309 C CA  . LYS B 1 79 ? -21.785 7.140   3.499   1.00 32.88 ? 237 LYS B CA  1 
ATOM   1310 C C   . LYS B 1 79 ? -23.232 7.031   3.045   1.00 36.84 ? 237 LYS B C   1 
ATOM   1311 O O   . LYS B 1 79 ? -24.142 7.467   3.752   1.00 40.69 ? 237 LYS B O   1 
ATOM   1312 C CB  . LYS B 1 79 ? -21.205 8.468   3.019   1.00 36.42 ? 237 LYS B CB  1 
ATOM   1313 C CG  . LYS B 1 79 ? -19.817 8.769   3.533   1.00 44.04 ? 237 LYS B CG  1 
ATOM   1314 C CD  . LYS B 1 79 ? -19.486 10.252  3.408   1.00 49.21 ? 237 LYS B CD  1 
ATOM   1315 C CE  . LYS B 1 79 ? -20.403 11.096  4.288   1.00 54.21 ? 237 LYS B CE  1 
ATOM   1316 N NZ  . LYS B 1 79 ? -20.448 10.618  5.705   1.00 48.98 ? 237 LYS B NZ  1 
ATOM   1317 N N   . GLU B 1 80 ? -23.448 6.454   1.864   1.00 35.63 ? 238 GLU B N   1 
ATOM   1318 C CA  . GLU B 1 80 ? -24.800 6.260   1.360   1.00 35.12 ? 238 GLU B CA  1 
ATOM   1319 C C   . GLU B 1 80 ? -25.459 5.045   1.993   1.00 38.99 ? 238 GLU B C   1 
ATOM   1320 O O   . GLU B 1 80 ? -26.680 4.886   1.926   1.00 40.08 ? 238 GLU B O   1 
ATOM   1321 C CB  . GLU B 1 80 ? -24.794 6.108   -0.162  1.00 33.46 ? 238 GLU B CB  1 
ATOM   1322 C CG  . GLU B 1 80 ? -24.723 7.422   -0.899  1.00 41.45 ? 238 GLU B CG  1 
ATOM   1323 C CD  . GLU B 1 80 ? -25.916 8.313   -0.609  1.00 40.16 ? 238 GLU B CD  1 
ATOM   1324 O OE1 . GLU B 1 80 ? -27.060 7.819   -0.679  1.00 42.53 ? 238 GLU B OE1 1 
ATOM   1325 O OE2 . GLU B 1 80 ? -25.700 9.506   -0.303  1.00 41.30 ? 238 GLU B OE2 1 
ATOM   1326 N N   . ALA B 1 81 ? -24.639 4.191   2.600   1.00 37.19 ? 239 ALA B N   1 
ATOM   1327 C CA  . ALA B 1 81 ? -25.083 2.898   3.112   1.00 35.78 ? 239 ALA B CA  1 
ATOM   1328 C C   . ALA B 1 81 ? -25.711 2.021   2.026   1.00 32.50 ? 239 ALA B C   1 
ATOM   1329 O O   . ALA B 1 81 ? -26.699 1.327   2.261   1.00 32.29 ? 239 ALA B O   1 
ATOM   1330 C CB  . ALA B 1 81 ? -26.035 3.075   4.301   1.00 40.00 ? 239 ALA B CB  1 
ATOM   1331 N N   . ARG B 1 82 ? -25.126 2.052   0.835   1.00 32.33 ? 240 ARG B N   1 
ATOM   1332 C CA  . ARG B 1 82 ? -25.505 1.128   -0.226  1.00 33.53 ? 240 ARG B CA  1 
ATOM   1333 C C   . ARG B 1 82 ? -24.376 1.044   -1.237  1.00 31.59 ? 240 ARG B C   1 
ATOM   1334 O O   . ARG B 1 82 ? -23.582 1.967   -1.364  1.00 34.92 ? 240 ARG B O   1 
ATOM   1335 C CB  . ARG B 1 82 ? -26.790 1.569   -0.917  1.00 38.42 ? 240 ARG B CB  1 
ATOM   1336 C CG  . ARG B 1 82 ? -26.659 2.858   -1.685  1.00 42.52 ? 240 ARG B CG  1 
ATOM   1337 C CD  . ARG B 1 82 ? -27.751 2.966   -2.725  1.00 54.79 ? 240 ARG B CD  1 
ATOM   1338 N NE  . ARG B 1 82 ? -29.098 2.864   -2.160  1.00 62.34 ? 240 ARG B NE  1 
ATOM   1339 C CZ  . ARG B 1 82 ? -29.696 3.829   -1.464  1.00 62.34 ? 240 ARG B CZ  1 
ATOM   1340 N NH1 . ARG B 1 82 ? -29.072 4.984   -1.242  1.00 55.45 ? 240 ARG B NH1 1 
ATOM   1341 N NH2 . ARG B 1 82 ? -30.925 3.645   -0.996  1.00 66.19 ? 240 ARG B NH2 1 
ATOM   1342 N N   . LEU B 1 83 ? -24.293 -0.069  -1.951  1.00 33.03 ? 241 LEU B N   1 
ATOM   1343 C CA  . LEU B 1 83 ? -23.227 -0.233  -2.920  1.00 29.79 ? 241 LEU B CA  1 
ATOM   1344 C C   . LEU B 1 83 ? -23.536 0.617   -4.137  1.00 33.37 ? 241 LEU B C   1 
ATOM   1345 O O   . LEU B 1 83 ? -24.477 0.333   -4.873  1.00 40.37 ? 241 LEU B O   1 
ATOM   1346 C CB  . LEU B 1 83 ? -23.083 -1.704  -3.321  1.00 30.57 ? 241 LEU B CB  1 
ATOM   1347 C CG  . LEU B 1 83 ? -21.827 -2.020  -4.131  1.00 30.12 ? 241 LEU B CG  1 
ATOM   1348 C CD1 . LEU B 1 83 ? -20.636 -1.547  -3.340  1.00 33.97 ? 241 LEU B CD1 1 
ATOM   1349 C CD2 . LEU B 1 83 ? -21.715 -3.504  -4.415  1.00 33.06 ? 241 LEU B CD2 1 
ATOM   1350 N N   . LEU B 1 84 ? -22.751 1.668   -4.343  1.00 32.46 ? 242 LEU B N   1 
ATOM   1351 C CA  . LEU B 1 84 ? -22.947 2.540   -5.484  1.00 27.77 ? 242 LEU B CA  1 
ATOM   1352 C C   . LEU B 1 84 ? -22.408 1.891   -6.766  1.00 38.50 ? 242 LEU B C   1 
ATOM   1353 O O   . LEU B 1 84 ? -21.531 1.025   -6.695  1.00 34.41 ? 242 LEU B O   1 
ATOM   1354 C CB  . LEU B 1 84 ? -22.298 3.893   -5.206  1.00 29.69 ? 242 LEU B CB  1 
ATOM   1355 C CG  . LEU B 1 84 ? -22.883 4.593   -3.972  1.00 32.53 ? 242 LEU B CG  1 
ATOM   1356 C CD1 . LEU B 1 84 ? -22.205 5.916   -3.732  1.00 30.82 ? 242 LEU B CD1 1 
ATOM   1357 C CD2 . LEU B 1 84 ? -24.376 4.801   -4.132  1.00 32.75 ? 242 LEU B CD2 1 
ATOM   1358 N N   . PRO B 1 85 ? -22.954 2.279   -7.942  1.00 32.83 ? 243 PRO B N   1 
ATOM   1359 C CA  . PRO B 1 85 ? -22.475 1.720   -9.215  1.00 31.70 ? 243 PRO B CA  1 
ATOM   1360 C C   . PRO B 1 85 ? -20.998 1.966   -9.455  1.00 30.03 ? 243 PRO B C   1 
ATOM   1361 O O   . PRO B 1 85 ? -20.578 3.110   -9.618  1.00 34.88 ? 243 PRO B O   1 
ATOM   1362 C CB  . PRO B 1 85 ? -23.289 2.482   -10.260 1.00 27.98 ? 243 PRO B CB  1 
ATOM   1363 C CG  . PRO B 1 85 ? -24.545 2.856   -9.541  1.00 32.05 ? 243 PRO B CG  1 
ATOM   1364 C CD  . PRO B 1 85 ? -24.108 3.174   -8.140  1.00 31.98 ? 243 PRO B CD  1 
ATOM   1365 N N   . TRP B 1 86 ? -20.220 0.895   -9.494  1.00 29.94 ? 244 TRP B N   1 
ATOM   1366 C CA  . TRP B 1 86 ? -18.789 1.014   -9.739  1.00 29.52 ? 244 TRP B CA  1 
ATOM   1367 C C   . TRP B 1 86 ? -18.434 1.843   -10.981 1.00 30.10 ? 244 TRP B C   1 
ATOM   1368 O O   . TRP B 1 86 ? -17.402 2.514   -11.000 1.00 32.86 ? 244 TRP B O   1 
ATOM   1369 C CB  . TRP B 1 86 ? -18.141 -0.371  -9.799  1.00 29.28 ? 244 TRP B CB  1 
ATOM   1370 C CG  . TRP B 1 86 ? -18.485 -1.180  -11.022 1.00 34.44 ? 244 TRP B CG  1 
ATOM   1371 C CD1 . TRP B 1 86 ? -19.456 -2.142  -11.133 1.00 33.18 ? 244 TRP B CD1 1 
ATOM   1372 C CD2 . TRP B 1 86 ? -17.832 -1.119  -12.292 1.00 33.04 ? 244 TRP B CD2 1 
ATOM   1373 N NE1 . TRP B 1 86 ? -19.451 -2.673  -12.406 1.00 34.18 ? 244 TRP B NE1 1 
ATOM   1374 C CE2 . TRP B 1 86 ? -18.466 -2.059  -13.136 1.00 33.22 ? 244 TRP B CE2 1 
ATOM   1375 C CE3 . TRP B 1 86 ? -16.778 -0.354  -12.803 1.00 34.04 ? 244 TRP B CE3 1 
ATOM   1376 C CZ2 . TRP B 1 86 ? -18.075 -2.257  -14.462 1.00 33.23 ? 244 TRP B CZ2 1 
ATOM   1377 C CZ3 . TRP B 1 86 ? -16.390 -0.549  -14.120 1.00 32.64 ? 244 TRP B CZ3 1 
ATOM   1378 C CH2 . TRP B 1 86 ? -17.038 -1.495  -14.933 1.00 37.27 ? 244 TRP B CH2 1 
ATOM   1379 N N   . GLN B 1 87 ? -19.295 1.824   -11.998 1.00 29.37 ? 245 GLN B N   1 
ATOM   1380 C CA  . GLN B 1 87 ? -19.020 2.499   -13.269 1.00 28.60 ? 245 GLN B CA  1 
ATOM   1381 C C   . GLN B 1 87 ? -18.929 4.018   -13.105 1.00 29.98 ? 245 GLN B C   1 
ATOM   1382 O O   . GLN B 1 87 ? -18.269 4.715   -13.881 1.00 27.68 ? 245 GLN B O   1 
ATOM   1383 C CB  . GLN B 1 87 ? -20.110 2.164   -14.299 1.00 33.19 ? 245 GLN B CB  1 
ATOM   1384 C CG  . GLN B 1 87 ? -20.219 0.685   -14.679 1.00 35.32 ? 245 GLN B CG  1 
ATOM   1385 C CD  . GLN B 1 87 ? -21.276 -0.089  -13.875 1.00 39.63 ? 245 GLN B CD  1 
ATOM   1386 O OE1 . GLN B 1 87 ? -21.659 0.303   -12.761 1.00 36.27 ? 245 GLN B OE1 1 
ATOM   1387 N NE2 . GLN B 1 87 ? -21.748 -1.199  -14.446 1.00 40.25 ? 245 GLN B NE2 1 
ATOM   1388 N N   . ASN B 1 88 ? -19.627 4.531   -12.102 1.00 28.03 ? 246 ASN B N   1 
ATOM   1389 C CA  . ASN B 1 88 ? -19.575 5.947   -11.787 1.00 28.54 ? 246 ASN B CA  1 
ATOM   1390 C C   . ASN B 1 88 ? -18.198 6.375   -11.295 1.00 31.33 ? 246 ASN B C   1 
ATOM   1391 O O   . ASN B 1 88 ? -17.872 7.569   -11.304 1.00 29.65 ? 246 ASN B O   1 
ATOM   1392 C CB  . ASN B 1 88 ? -20.597 6.276   -10.704 1.00 29.47 ? 246 ASN B CB  1 
ATOM   1393 C CG  . ASN B 1 88 ? -22.002 6.067   -11.158 1.00 27.16 ? 246 ASN B CG  1 
ATOM   1394 O OD1 . ASN B 1 88 ? -22.245 5.781   -12.327 1.00 24.23 ? 246 ASN B OD1 1 
ATOM   1395 N ND2 . ASN B 1 88 ? -22.954 6.238   -10.244 1.00 29.03 ? 246 ASN B ND2 1 
ATOM   1396 N N   . TYR B 1 89 ? -17.412 5.397   -10.848 1.00 31.83 ? 247 TYR B N   1 
ATOM   1397 C CA  . TYR B 1 89 ? -16.125 5.651   -10.213 1.00 28.87 ? 247 TYR B CA  1 
ATOM   1398 C C   . TYR B 1 89 ? -14.994 5.015   -10.980 1.00 29.26 ? 247 TYR B C   1 
ATOM   1399 O O   . TYR B 1 89 ? -13.849 5.047   -10.532 1.00 31.14 ? 247 TYR B O   1 
ATOM   1400 C CB  . TYR B 1 89 ? -16.126 5.128   -8.780  1.00 24.22 ? 247 TYR B CB  1 
ATOM   1401 C CG  . TYR B 1 89 ? -17.082 5.879   -7.893  1.00 24.36 ? 247 TYR B CG  1 
ATOM   1402 C CD1 . TYR B 1 89 ? -16.681 7.022   -7.223  1.00 25.13 ? 247 TYR B CD1 1 
ATOM   1403 C CD2 . TYR B 1 89 ? -18.396 5.454   -7.745  1.00 30.08 ? 247 TYR B CD2 1 
ATOM   1404 C CE1 . TYR B 1 89 ? -17.558 7.720   -6.421  1.00 30.64 ? 247 TYR B CE1 1 
ATOM   1405 C CE2 . TYR B 1 89 ? -19.283 6.150   -6.940  1.00 28.25 ? 247 TYR B CE2 1 
ATOM   1406 C CZ  . TYR B 1 89 ? -18.851 7.276   -6.283  1.00 22.93 ? 247 TYR B CZ  1 
ATOM   1407 O OH  . TYR B 1 89 ? -19.734 7.951   -5.484  1.00 31.94 ? 247 TYR B OH  1 
ATOM   1408 N N   . SER B 1 90 ? -15.315 4.445   -12.139 1.00 31.26 ? 248 SER B N   1 
ATOM   1409 C CA  . SER B 1 90 ? -14.315 3.783   -12.959 1.00 31.01 ? 248 SER B CA  1 
ATOM   1410 C C   . SER B 1 90 ? -13.301 4.798   -13.456 1.00 35.64 ? 248 SER B C   1 
ATOM   1411 O O   . SER B 1 90 ? -13.650 5.928   -13.802 1.00 36.68 ? 248 SER B O   1 
ATOM   1412 C CB  . SER B 1 90 ? -14.964 3.074   -14.137 1.00 29.68 ? 248 SER B CB  1 
ATOM   1413 O OG  . SER B 1 90 ? -13.992 2.341   -14.856 1.00 37.12 ? 248 SER B OG  1 
ATOM   1414 N N   . LEU B 1 91 ? -12.035 4.398   -13.462 1.00 41.38 ? 249 LEU B N   1 
ATOM   1415 C CA  . LEU B 1 91 ? -10.963 5.270   -13.943 1.00 47.36 ? 249 LEU B CA  1 
ATOM   1416 C C   . LEU B 1 91 ? -10.895 5.210   -15.471 1.00 50.08 ? 249 LEU B C   1 
ATOM   1417 O O   . LEU B 1 91 ? -10.571 6.199   -16.143 1.00 49.22 ? 249 LEU B O   1 
ATOM   1418 C CB  . LEU B 1 91 ? -9.617  4.854   -13.329 1.00 40.14 ? 249 LEU B CB  1 
ATOM   1419 C CG  . LEU B 1 91 ? -9.150  5.488   -12.009 1.00 38.99 ? 249 LEU B CG  1 
ATOM   1420 C CD1 . LEU B 1 91 ? -10.145 5.288   -10.888 1.00 35.74 ? 249 LEU B CD1 1 
ATOM   1421 C CD2 . LEU B 1 91 ? -7.769  4.956   -11.597 1.00 40.31 ? 249 LEU B CD2 1 
ATOM   1422 N N   . THR B 1 92 ? -11.228 4.041   -16.009 1.00 53.27 ? 250 THR B N   1 
ATOM   1423 C CA  . THR B 1 92 ? -11.095 3.772   -17.433 1.00 55.71 ? 250 THR B CA  1 
ATOM   1424 C C   . THR B 1 92 ? -12.454 3.791   -18.138 1.00 52.44 ? 250 THR B C   1 
ATOM   1425 O O   . THR B 1 92 ? -13.359 4.552   -17.767 1.00 55.75 ? 250 THR B O   1 
ATOM   1426 C CB  . THR B 1 92 ? -10.397 2.411   -17.657 1.00 53.71 ? 250 THR B CB  1 
ATOM   1427 O OG1 . THR B 1 92 ? -11.302 1.342   -17.366 1.00 56.32 ? 250 THR B OG1 1 
ATOM   1428 C CG2 . THR B 1 92 ? -9.187  2.284   -16.747 1.00 54.54 ? 250 THR B CG2 1 
HETATM 1429 O O   . HOH C 2 .  ? 7.516   7.244   -1.927  1.00 27.69 ? 301 HOH A O   1 
HETATM 1430 O O   . HOH C 2 .  ? 16.897  3.047   10.607  1.00 29.35 ? 302 HOH A O   1 
HETATM 1431 O O   . HOH C 2 .  ? 8.014   8.110   11.214  1.00 28.80 ? 303 HOH A O   1 
HETATM 1432 O O   . HOH C 2 .  ? 26.559  9.925   -2.374  1.00 35.80 ? 304 HOH A O   1 
HETATM 1433 O O   . HOH C 2 .  ? 20.496  -5.714  0.807   1.00 35.42 ? 305 HOH A O   1 
HETATM 1434 O O   . HOH C 2 .  ? 11.100  -2.514  -3.735  1.00 29.69 ? 306 HOH A O   1 
HETATM 1435 O O   . HOH C 2 .  ? 8.261   -3.386  -4.589  1.00 31.19 ? 307 HOH A O   1 
HETATM 1436 O O   . HOH C 2 .  ? 9.237   -11.614 -3.038  1.00 34.64 ? 308 HOH A O   1 
HETATM 1437 O O   . HOH C 2 .  ? 15.338  1.906   -4.605  1.00 29.75 ? 309 HOH A O   1 
HETATM 1438 O O   . HOH C 2 .  ? 14.103  -7.553  -2.685  1.00 41.36 ? 310 HOH A O   1 
HETATM 1439 O O   . HOH C 2 .  ? 18.968  6.183   13.508  1.00 27.02 ? 311 HOH A O   1 
HETATM 1440 O O   . HOH C 2 .  ? 7.651   -6.223  -5.049  1.00 37.17 ? 312 HOH A O   1 
HETATM 1441 O O   . HOH C 2 .  ? 14.608  5.260   -2.282  1.00 29.63 ? 313 HOH A O   1 
HETATM 1442 O O   . HOH C 2 .  ? 16.105  11.010  9.430   1.00 38.17 ? 314 HOH A O   1 
HETATM 1443 O O   . HOH C 2 .  ? 21.061  -2.536  -2.745  1.00 30.24 ? 315 HOH A O   1 
HETATM 1444 O O   . HOH C 2 .  ? 21.574  -8.977  6.502   1.00 43.71 ? 316 HOH A O   1 
HETATM 1445 O O   . HOH C 2 .  ? 0.282   -4.528  8.720   1.00 36.84 ? 317 HOH A O   1 
HETATM 1446 O O   . HOH C 2 .  ? 3.071   -1.339  10.957  1.00 32.98 ? 318 HOH A O   1 
HETATM 1447 O O   . HOH C 2 .  ? 12.819  0.029   18.897  1.00 39.47 ? 319 HOH A O   1 
HETATM 1448 O O   . HOH C 2 .  ? 0.659   3.548   3.480   1.00 36.09 ? 320 HOH A O   1 
HETATM 1449 O O   . HOH C 2 .  ? 3.694   3.246   12.631  1.00 34.16 ? 321 HOH A O   1 
HETATM 1450 O O   . HOH C 2 .  ? 6.655   -2.239  -6.765  1.00 34.26 ? 322 HOH A O   1 
HETATM 1451 O O   . HOH C 2 .  ? 18.305  -1.329  15.954  1.00 40.26 ? 323 HOH A O   1 
HETATM 1452 O O   . HOH C 2 .  ? 28.118  10.002  -4.615  1.00 40.39 ? 324 HOH A O   1 
HETATM 1453 O O   . HOH C 2 .  ? 20.175  -10.824 6.311   1.00 38.80 ? 325 HOH A O   1 
HETATM 1454 O O   . HOH C 2 .  ? 20.247  9.829   9.443   1.00 35.88 ? 326 HOH A O   1 
HETATM 1455 O O   . HOH C 2 .  ? 18.339  4.790   -4.162  1.00 40.05 ? 327 HOH A O   1 
HETATM 1456 O O   . HOH C 2 .  ? -1.805  -3.742  6.899   1.00 42.66 ? 328 HOH A O   1 
HETATM 1457 O O   . HOH C 2 .  ? 21.730  -0.278  -2.483  1.00 31.49 ? 329 HOH A O   1 
HETATM 1458 O O   . HOH C 2 .  ? 12.633  -10.469 -2.982  1.00 42.36 ? 330 HOH A O   1 
HETATM 1459 O O   . HOH C 2 .  ? 12.350  -14.361 3.533   1.00 35.54 ? 331 HOH A O   1 
HETATM 1460 O O   . HOH C 2 .  ? 16.179  -7.124  -5.589  1.00 43.80 ? 332 HOH A O   1 
HETATM 1461 O O   . HOH C 2 .  ? 8.795   10.691  -1.420  1.00 45.53 ? 333 HOH A O   1 
HETATM 1462 O O   . HOH C 2 .  ? 10.784  3.227   15.092  1.00 38.92 ? 334 HOH A O   1 
HETATM 1463 O O   . HOH C 2 .  ? 7.764   14.214  -0.458  1.00 37.23 ? 335 HOH A O   1 
HETATM 1464 O O   . HOH C 2 .  ? -1.194  3.841   1.669   1.00 40.32 ? 336 HOH A O   1 
HETATM 1465 O O   . HOH C 2 .  ? 1.799   15.760  10.401  1.00 43.76 ? 337 HOH A O   1 
HETATM 1466 O O   . HOH C 2 .  ? 26.606  8.166   -0.098  1.00 43.79 ? 338 HOH A O   1 
HETATM 1467 O O   . HOH C 2 .  ? 4.989   -16.333 -1.927  1.00 42.89 ? 339 HOH A O   1 
HETATM 1468 O O   . HOH C 2 .  ? -0.396  -8.216  7.559   1.00 42.59 ? 340 HOH A O   1 
HETATM 1469 O O   . HOH C 2 .  ? 0.915   9.999   3.195   1.00 44.76 ? 341 HOH A O   1 
HETATM 1470 O O   . HOH C 2 .  ? 3.699   7.630   -4.990  1.00 59.23 ? 342 HOH A O   1 
HETATM 1471 O O   . HOH C 2 .  ? 8.430   7.579   -4.481  1.00 38.42 ? 343 HOH A O   1 
HETATM 1472 O O   . HOH C 2 .  ? 5.348   14.725  -0.937  1.00 43.04 ? 344 HOH A O   1 
HETATM 1473 O O   . HOH C 2 .  ? 4.446   -13.582 -5.960  1.00 51.17 ? 345 HOH A O   1 
HETATM 1474 O O   . HOH C 2 .  ? 9.904   0.129   -8.670  1.00 37.47 ? 346 HOH A O   1 
HETATM 1475 O O   . HOH C 2 .  ? 25.260  5.448   6.975   1.00 48.44 ? 347 HOH A O   1 
HETATM 1476 O O   . HOH C 2 .  ? 6.220   -11.861 -6.086  1.00 52.89 ? 348 HOH A O   1 
HETATM 1477 O O   . HOH C 2 .  ? 10.496  7.283   -5.997  1.00 38.92 ? 349 HOH A O   1 
HETATM 1478 O O   . HOH C 2 .  ? 8.154   20.876  8.858   1.00 44.30 ? 350 HOH A O   1 
HETATM 1479 O O   . HOH C 2 .  ? 24.487  2.605   9.563   1.00 38.42 ? 351 HOH A O   1 
HETATM 1480 O O   . HOH C 2 .  ? 22.696  -8.572  3.984   1.00 48.46 ? 352 HOH A O   1 
HETATM 1481 O O   . HOH C 2 .  ? 16.982  0.037   17.904  1.00 48.47 ? 353 HOH A O   1 
HETATM 1482 O O   . HOH C 2 .  ? 10.960  3.454   17.289  1.00 44.40 ? 354 HOH A O   1 
HETATM 1483 O O   . HOH D 2 .  ? -5.254  -4.031  -1.124  1.00 24.88 ? 301 HOH B O   1 
HETATM 1484 O O   . HOH D 2 .  ? -3.226  4.631   -6.706  1.00 28.03 ? 302 HOH B O   1 
HETATM 1485 O O   . HOH D 2 .  ? -0.182  -4.696  -0.974  1.00 30.74 ? 303 HOH B O   1 
HETATM 1486 O O   . HOH D 2 .  ? -12.902 -0.003  -14.878 1.00 31.53 ? 304 HOH B O   1 
HETATM 1487 O O   . HOH D 2 .  ? 0.969   5.139   -6.266  1.00 38.98 ? 305 HOH B O   1 
HETATM 1488 O O   . HOH D 2 .  ? -19.748 -3.747  -7.886  1.00 30.70 ? 306 HOH B O   1 
HETATM 1489 O O   . HOH D 2 .  ? -6.888  -0.826  -19.073 1.00 41.77 ? 307 HOH B O   1 
HETATM 1490 O O   . HOH D 2 .  ? -4.336  -3.375  6.074   1.00 33.35 ? 308 HOH B O   1 
HETATM 1491 O O   . HOH D 2 .  ? -21.582 -1.824  -8.404  1.00 43.10 ? 309 HOH B O   1 
HETATM 1492 O O   . HOH D 2 .  ? 1.709   -0.642  -7.341  1.00 34.06 ? 310 HOH B O   1 
HETATM 1493 O O   . HOH D 2 .  ? 0.229   -7.516  -5.458  1.00 38.46 ? 311 HOH B O   1 
HETATM 1494 O O   . HOH D 2 .  ? -15.762 -7.924  -10.485 1.00 36.85 ? 312 HOH B O   1 
HETATM 1495 O O   . HOH D 2 .  ? 0.967   3.721   -8.573  1.00 36.26 ? 313 HOH B O   1 
HETATM 1496 O O   . HOH D 2 .  ? -3.820  8.891   2.866   1.00 40.83 ? 314 HOH B O   1 
HETATM 1497 O O   . HOH D 2 .  ? 1.441   1.313   -8.693  1.00 32.27 ? 315 HOH B O   1 
HETATM 1498 O O   . HOH D 2 .  ? -17.429 11.717  -4.142  1.00 40.72 ? 316 HOH B O   1 
HETATM 1499 O O   . HOH D 2 .  ? -15.462 12.690  -3.006  1.00 47.19 ? 317 HOH B O   1 
HETATM 1500 O O   . HOH D 2 .  ? -11.185 9.250   -1.678  1.00 38.33 ? 318 HOH B O   1 
HETATM 1501 O O   . HOH D 2 .  ? -20.037 -6.343  -14.123 1.00 36.90 ? 319 HOH B O   1 
HETATM 1502 O O   . HOH D 2 .  ? 0.147   -4.022  -8.172  1.00 36.57 ? 320 HOH B O   1 
HETATM 1503 O O   . HOH D 2 .  ? -21.313 -4.780  -12.905 1.00 40.54 ? 321 HOH B O   1 
HETATM 1504 O O   . HOH D 2 .  ? -16.204 -10.854 -0.369  1.00 35.27 ? 322 HOH B O   1 
HETATM 1505 O O   . HOH D 2 .  ? -15.287 -7.775  -19.431 1.00 49.32 ? 323 HOH B O   1 
HETATM 1506 O O   . HOH D 2 .  ? -1.858  -4.052  1.710   1.00 41.23 ? 324 HOH B O   1 
HETATM 1507 O O   . HOH D 2 .  ? -17.672 -11.003 1.785   1.00 42.82 ? 325 HOH B O   1 
HETATM 1508 O O   . HOH D 2 .  ? -16.343 -13.029 -1.800  1.00 36.10 ? 326 HOH B O   1 
HETATM 1509 O O   . HOH D 2 .  ? -5.102  8.942   4.671   1.00 34.53 ? 327 HOH B O   1 
HETATM 1510 O O   . HOH D 2 .  ? -13.474 10.140  -0.386  1.00 47.88 ? 328 HOH B O   1 
HETATM 1511 O O   . HOH D 2 .  ? -6.844  9.078   -3.777  1.00 36.85 ? 329 HOH B O   1 
HETATM 1512 O O   . HOH D 2 .  ? -5.138  4.873   6.741   1.00 36.76 ? 330 HOH B O   1 
HETATM 1513 O O   . HOH D 2 .  ? -21.743 -6.600  -2.498  1.00 43.74 ? 331 HOH B O   1 
HETATM 1514 O O   . HOH D 2 .  ? -17.992 -6.781  -18.828 1.00 43.58 ? 332 HOH B O   1 
HETATM 1515 O O   . HOH D 2 .  ? -12.649 10.644  2.220   1.00 39.62 ? 333 HOH B O   1 
HETATM 1516 O O   . HOH D 2 .  ? -3.378  -11.076 0.029   1.00 39.66 ? 334 HOH B O   1 
HETATM 1517 O O   . HOH D 2 .  ? -15.571 -9.626  -21.233 1.00 37.10 ? 335 HOH B O   1 
HETATM 1518 O O   . HOH D 2 .  ? -22.849 -2.466  5.670   1.00 41.47 ? 336 HOH B O   1 
HETATM 1519 O O   . HOH D 2 .  ? -10.119 11.652  2.288   1.00 39.82 ? 337 HOH B O   1 
HETATM 1520 O O   . HOH D 2 .  ? -26.234 -2.719  -1.531  1.00 35.22 ? 338 HOH B O   1 
HETATM 1521 O O   . HOH D 2 .  ? -7.201  1.958   -19.086 1.00 41.72 ? 339 HOH B O   1 
HETATM 1522 O O   . HOH D 2 .  ? -0.207  -6.574  -10.052 1.00 44.48 ? 340 HOH B O   1 
HETATM 1523 O O   . HOH D 2 .  ? -22.381 -4.072  7.949   1.00 43.58 ? 341 HOH B O   1 
HETATM 1524 O O   . HOH D 2 .  ? -12.413 -10.509 -11.435 1.00 41.50 ? 342 HOH B O   1 
HETATM 1525 O O   . HOH D 2 .  ? -23.738 -2.371  -7.991  1.00 47.93 ? 343 HOH B O   1 
HETATM 1526 O O   . HOH D 2 .  ? -16.572 -7.637  -16.342 1.00 53.79 ? 344 HOH B O   1 
HETATM 1527 O O   . HOH D 2 .  ? -15.361 -5.560  -16.176 1.00 48.78 ? 345 HOH B O   1 
HETATM 1528 O O   . HOH D 2 .  ? -24.803 -4.981  -1.558  1.00 39.80 ? 346 HOH B O   1 
HETATM 1529 O O   . HOH D 2 .  ? 2.188   -4.968  -15.987 1.00 49.65 ? 347 HOH B O   1 
HETATM 1530 O O   . HOH D 2 .  ? -15.769 10.857  -1.091  1.00 43.58 ? 348 HOH B O   1 
HETATM 1531 O O   . HOH D 2 .  ? -16.958 -12.276 -5.021  1.00 43.38 ? 349 HOH B O   1 
HETATM 1532 O O   . HOH D 2 .  ? -1.784  2.308   5.067   1.00 46.37 ? 350 HOH B O   1 
HETATM 1533 O O   . HOH D 2 .  ? -10.097 -9.666  3.967   1.00 31.26 ? 351 HOH B O   1 
HETATM 1534 O O   . HOH D 2 .  ? -25.386 -3.866  -5.947  1.00 44.48 ? 352 HOH B O   1 
HETATM 1535 O O   . HOH D 2 .  ? -20.662 -1.958  10.197  1.00 42.82 ? 353 HOH B O   1 
HETATM 1536 O O   . HOH D 2 .  ? -14.810 -10.324 -10.950 1.00 36.74 ? 354 HOH B O   1 
# 
loop_
_pdbx_poly_seq_scheme.asym_id 
_pdbx_poly_seq_scheme.entity_id 
_pdbx_poly_seq_scheme.seq_id 
_pdbx_poly_seq_scheme.mon_id 
_pdbx_poly_seq_scheme.ndb_seq_num 
_pdbx_poly_seq_scheme.pdb_seq_num 
_pdbx_poly_seq_scheme.auth_seq_num 
_pdbx_poly_seq_scheme.pdb_mon_id 
_pdbx_poly_seq_scheme.auth_mon_id 
_pdbx_poly_seq_scheme.pdb_strand_id 
_pdbx_poly_seq_scheme.pdb_ins_code 
_pdbx_poly_seq_scheme.hetero 
A 1 1  SER 1  159 ?   ?   ?   A . n 
A 1 2  SER 2  160 ?   ?   ?   A . n 
A 1 3  GLN 3  161 ?   ?   ?   A . n 
A 1 4  SER 4  162 ?   ?   ?   A . n 
A 1 5  SER 5  163 ?   ?   ?   A . n 
A 1 6  LYS 6  164 164 LYS LYS A . n 
A 1 7  ILE 7  165 165 ILE ILE A . n 
A 1 8  PHE 8  166 166 PHE PHE A . n 
A 1 9  LYS 9  167 167 LYS LYS A . n 
A 1 10 ASN 10 168 168 ASN ASN A . n 
A 1 11 CYS 11 169 169 CYS CYS A . n 
A 1 12 VAL 12 170 170 VAL VAL A . n 
A 1 13 ILE 13 171 171 ILE ILE A . n 
A 1 14 TYR 14 172 172 TYR TYR A . n 
A 1 15 ILE 15 173 173 ILE ILE A . n 
A 1 16 ASN 16 174 174 ASN ASN A . n 
A 1 17 GLY 17 175 175 GLY GLY A . n 
A 1 18 TYR 18 176 176 TYR TYR A . n 
A 1 19 THR 19 177 177 THR THR A . n 
A 1 20 LYS 20 178 178 LYS LYS A . n 
A 1 21 PRO 21 179 179 PRO PRO A . n 
A 1 22 GLY 22 180 180 GLY GLY A . n 
A 1 23 ARG 23 181 181 ARG ARG A . n 
A 1 24 LEU 24 182 182 LEU LEU A . n 
A 1 25 GLN 25 183 183 GLN GLN A . n 
A 1 26 LEU 26 184 184 LEU LEU A . n 
A 1 27 HIS 27 185 185 HIS HIS A . n 
A 1 28 GLU 28 186 186 GLU GLU A . n 
A 1 29 MET 29 187 187 MET MET A . n 
A 1 30 ILE 30 188 188 ILE ILE A . n 
A 1 31 VAL 31 189 189 VAL VAL A . n 
A 1 32 LEU 32 190 190 LEU LEU A . n 
A 1 33 HIS 33 191 191 HIS HIS A . n 
A 1 34 GLY 34 192 192 GLY GLY A . n 
A 1 35 GLY 35 193 193 GLY GLY A . n 
A 1 36 LYS 36 194 194 LYS LYS A . n 
A 1 37 PHE 37 195 195 PHE PHE A . n 
A 1 38 LEU 38 196 196 LEU LEU A . n 
A 1 39 HIS 39 197 197 HIS HIS A . n 
A 1 40 TYR 40 198 198 TYR TYR A . n 
A 1 41 LEU 41 199 199 LEU LEU A . n 
A 1 42 SER 42 200 200 SER SER A . n 
A 1 43 SER 43 201 201 SER SER A . n 
A 1 44 LYS 44 202 202 LYS LYS A . n 
A 1 45 LYS 45 203 203 LYS LYS A . n 
A 1 46 THR 46 204 204 THR THR A . n 
A 1 47 VAL 47 205 205 VAL VAL A . n 
A 1 48 THR 48 206 206 THR THR A . n 
A 1 49 HIS 49 207 207 HIS HIS A . n 
A 1 50 ILE 50 208 208 ILE ILE A . n 
A 1 51 VAL 51 209 209 VAL VAL A . n 
A 1 52 ALA 52 210 210 ALA ALA A . n 
A 1 53 SER 53 211 211 SER SER A . n 
A 1 54 ASN 54 212 212 ASN ASN A . n 
A 1 55 LEU 55 213 213 LEU LEU A . n 
A 1 56 PRO 56 214 214 PRO PRO A . n 
A 1 57 LEU 57 215 215 LEU LEU A . n 
A 1 58 LYS 58 216 216 LYS LYS A . n 
A 1 59 LYS 59 217 217 LYS LYS A . n 
A 1 60 ARG 60 218 218 ARG ARG A . n 
A 1 61 ILE 61 219 219 ILE ILE A . n 
A 1 62 GLU 62 220 220 GLU GLU A . n 
A 1 63 PHE 63 221 221 PHE PHE A . n 
A 1 64 ALA 64 222 222 ALA ALA A . n 
A 1 65 ASN 65 223 223 ASN ASN A . n 
A 1 66 TYR 66 224 224 TYR TYR A . n 
A 1 67 LYS 67 225 225 LYS LYS A . n 
A 1 68 VAL 68 226 226 VAL VAL A . n 
A 1 69 VAL 69 227 227 VAL VAL A . n 
A 1 70 SER 70 228 228 SER SER A . n 
A 1 71 PRO 71 229 229 PRO PRO A . n 
A 1 72 ASP 72 230 230 ASP ASP A . n 
A 1 73 TRP 73 231 231 TRP TRP A . n 
A 1 74 ILE 74 232 232 ILE ILE A . n 
A 1 75 VAL 75 233 233 VAL VAL A . n 
A 1 76 ASP 76 234 234 ASP ASP A . n 
A 1 77 SER 77 235 235 SER SER A . n 
A 1 78 VAL 78 236 236 VAL VAL A . n 
A 1 79 LYS 79 237 237 LYS LYS A . n 
A 1 80 GLU 80 238 238 GLU GLU A . n 
A 1 81 ALA 81 239 239 ALA ALA A . n 
A 1 82 ARG 82 240 240 ARG ARG A . n 
A 1 83 LEU 83 241 241 LEU LEU A . n 
A 1 84 LEU 84 242 242 LEU LEU A . n 
A 1 85 PRO 85 243 243 PRO PRO A . n 
A 1 86 TRP 86 244 244 TRP TRP A . n 
A 1 87 GLN 87 245 245 GLN GLN A . n 
A 1 88 ASN 88 246 246 ASN ASN A . n 
A 1 89 TYR 89 247 247 TYR TYR A . n 
A 1 90 SER 90 248 248 SER SER A . n 
A 1 91 LEU 91 249 249 LEU LEU A . n 
A 1 92 THR 92 250 250 THR THR A . n 
B 1 1  SER 1  159 ?   ?   ?   B . n 
B 1 2  SER 2  160 ?   ?   ?   B . n 
B 1 3  GLN 3  161 ?   ?   ?   B . n 
B 1 4  SER 4  162 ?   ?   ?   B . n 
B 1 5  SER 5  163 ?   ?   ?   B . n 
B 1 6  LYS 6  164 164 LYS LYS B . n 
B 1 7  ILE 7  165 165 ILE ILE B . n 
B 1 8  PHE 8  166 166 PHE PHE B . n 
B 1 9  LYS 9  167 167 LYS LYS B . n 
B 1 10 ASN 10 168 168 ASN ASN B . n 
B 1 11 CYS 11 169 169 CYS CYS B . n 
B 1 12 VAL 12 170 170 VAL VAL B . n 
B 1 13 ILE 13 171 171 ILE ILE B . n 
B 1 14 TYR 14 172 172 TYR TYR B . n 
B 1 15 ILE 15 173 173 ILE ILE B . n 
B 1 16 ASN 16 174 174 ASN ASN B . n 
B 1 17 GLY 17 175 175 GLY GLY B . n 
B 1 18 TYR 18 176 176 TYR TYR B . n 
B 1 19 THR 19 177 177 THR THR B . n 
B 1 20 LYS 20 178 178 LYS LYS B . n 
B 1 21 PRO 21 179 179 PRO PRO B . n 
B 1 22 GLY 22 180 180 GLY GLY B . n 
B 1 23 ARG 23 181 181 ARG ARG B . n 
B 1 24 LEU 24 182 182 LEU LEU B . n 
B 1 25 GLN 25 183 183 GLN GLN B . n 
B 1 26 LEU 26 184 184 LEU LEU B . n 
B 1 27 HIS 27 185 185 HIS HIS B . n 
B 1 28 GLU 28 186 186 GLU GLU B . n 
B 1 29 MET 29 187 187 MET MET B . n 
B 1 30 ILE 30 188 188 ILE ILE B . n 
B 1 31 VAL 31 189 189 VAL VAL B . n 
B 1 32 LEU 32 190 190 LEU LEU B . n 
B 1 33 HIS 33 191 191 HIS HIS B . n 
B 1 34 GLY 34 192 192 GLY GLY B . n 
B 1 35 GLY 35 193 193 GLY GLY B . n 
B 1 36 LYS 36 194 194 LYS LYS B . n 
B 1 37 PHE 37 195 195 PHE PHE B . n 
B 1 38 LEU 38 196 196 LEU LEU B . n 
B 1 39 HIS 39 197 197 HIS HIS B . n 
B 1 40 TYR 40 198 198 TYR TYR B . n 
B 1 41 LEU 41 199 199 LEU LEU B . n 
B 1 42 SER 42 200 200 SER SER B . n 
B 1 43 SER 43 201 201 SER SER B . n 
B 1 44 LYS 44 202 202 LYS LYS B . n 
B 1 45 LYS 45 203 203 LYS LYS B . n 
B 1 46 THR 46 204 204 THR THR B . n 
B 1 47 VAL 47 205 205 VAL VAL B . n 
B 1 48 THR 48 206 206 THR THR B . n 
B 1 49 HIS 49 207 207 HIS HIS B . n 
B 1 50 ILE 50 208 208 ILE ILE B . n 
B 1 51 VAL 51 209 209 VAL VAL B . n 
B 1 52 ALA 52 210 210 ALA ALA B . n 
B 1 53 SER 53 211 211 SER SER B . n 
B 1 54 ASN 54 212 212 ASN ASN B . n 
B 1 55 LEU 55 213 213 LEU LEU B . n 
B 1 56 PRO 56 214 214 PRO PRO B . n 
B 1 57 LEU 57 215 215 LEU LEU B . n 
B 1 58 LYS 58 216 216 LYS LYS B . n 
B 1 59 LYS 59 217 217 LYS LYS B . n 
B 1 60 ARG 60 218 218 ARG ARG B . n 
B 1 61 ILE 61 219 219 ILE ILE B . n 
B 1 62 GLU 62 220 220 GLU GLU B . n 
B 1 63 PHE 63 221 221 PHE PHE B . n 
B 1 64 ALA 64 222 222 ALA ALA B . n 
B 1 65 ASN 65 223 223 ASN ASN B . n 
B 1 66 TYR 66 224 224 TYR TYR B . n 
B 1 67 LYS 67 225 225 LYS LYS B . n 
B 1 68 VAL 68 226 226 VAL VAL B . n 
B 1 69 VAL 69 227 227 VAL VAL B . n 
B 1 70 SER 70 228 228 SER SER B . n 
B 1 71 PRO 71 229 229 PRO PRO B . n 
B 1 72 ASP 72 230 230 ASP ASP B . n 
B 1 73 TRP 73 231 231 TRP TRP B . n 
B 1 74 ILE 74 232 232 ILE ILE B . n 
B 1 75 VAL 75 233 233 VAL VAL B . n 
B 1 76 ASP 76 234 234 ASP ASP B . n 
B 1 77 SER 77 235 235 SER SER B . n 
B 1 78 VAL 78 236 236 VAL VAL B . n 
B 1 79 LYS 79 237 237 LYS LYS B . n 
B 1 80 GLU 80 238 238 GLU GLU B . n 
B 1 81 ALA 81 239 239 ALA ALA B . n 
B 1 82 ARG 82 240 240 ARG ARG B . n 
B 1 83 LEU 83 241 241 LEU LEU B . n 
B 1 84 LEU 84 242 242 LEU LEU B . n 
B 1 85 PRO 85 243 243 PRO PRO B . n 
B 1 86 TRP 86 244 244 TRP TRP B . n 
B 1 87 GLN 87 245 245 GLN GLN B . n 
B 1 88 ASN 88 246 246 ASN ASN B . n 
B 1 89 TYR 89 247 247 TYR TYR B . n 
B 1 90 SER 90 248 248 SER SER B . n 
B 1 91 LEU 91 249 249 LEU LEU B . n 
B 1 92 THR 92 250 250 THR THR B . n 
# 
loop_
_pdbx_nonpoly_scheme.asym_id 
_pdbx_nonpoly_scheme.entity_id 
_pdbx_nonpoly_scheme.mon_id 
_pdbx_nonpoly_scheme.ndb_seq_num 
_pdbx_nonpoly_scheme.pdb_seq_num 
_pdbx_nonpoly_scheme.auth_seq_num 
_pdbx_nonpoly_scheme.pdb_mon_id 
_pdbx_nonpoly_scheme.auth_mon_id 
_pdbx_nonpoly_scheme.pdb_strand_id 
_pdbx_nonpoly_scheme.pdb_ins_code 
C 2 HOH 1  301 3   HOH HOH A . 
C 2 HOH 2  302 4   HOH HOH A . 
C 2 HOH 3  303 5   HOH HOH A . 
C 2 HOH 4  304 6   HOH HOH A . 
C 2 HOH 5  305 8   HOH HOH A . 
C 2 HOH 6  306 9   HOH HOH A . 
C 2 HOH 7  307 11  HOH HOH A . 
C 2 HOH 8  308 15  HOH HOH A . 
C 2 HOH 9  309 16  HOH HOH A . 
C 2 HOH 10 310 18  HOH HOH A . 
C 2 HOH 11 311 19  HOH HOH A . 
C 2 HOH 12 312 20  HOH HOH A . 
C 2 HOH 13 313 21  HOH HOH A . 
C 2 HOH 14 314 22  HOH HOH A . 
C 2 HOH 15 315 25  HOH HOH A . 
C 2 HOH 16 316 26  HOH HOH A . 
C 2 HOH 17 317 27  HOH HOH A . 
C 2 HOH 18 318 28  HOH HOH A . 
C 2 HOH 19 319 29  HOH HOH A . 
C 2 HOH 20 320 33  HOH HOH A . 
C 2 HOH 21 321 37  HOH HOH A . 
C 2 HOH 22 322 39  HOH HOH A . 
C 2 HOH 23 323 40  HOH HOH A . 
C 2 HOH 24 324 41  HOH HOH A . 
C 2 HOH 25 325 43  HOH HOH A . 
C 2 HOH 26 326 44  HOH HOH A . 
C 2 HOH 27 327 45  HOH HOH A . 
C 2 HOH 28 328 47  HOH HOH A . 
C 2 HOH 29 329 52  HOH HOH A . 
C 2 HOH 30 330 58  HOH HOH A . 
C 2 HOH 31 331 64  HOH HOH A . 
C 2 HOH 32 332 67  HOH HOH A . 
C 2 HOH 33 333 68  HOH HOH A . 
C 2 HOH 34 334 69  HOH HOH A . 
C 2 HOH 35 335 70  HOH HOH A . 
C 2 HOH 36 336 74  HOH HOH A . 
C 2 HOH 37 337 75  HOH HOH A . 
C 2 HOH 38 338 76  HOH HOH A . 
C 2 HOH 39 339 78  HOH HOH A . 
C 2 HOH 40 340 80  HOH HOH A . 
C 2 HOH 41 341 82  HOH HOH A . 
C 2 HOH 42 342 84  HOH HOH A . 
C 2 HOH 43 343 85  HOH HOH A . 
C 2 HOH 44 344 88  HOH HOH A . 
C 2 HOH 45 345 96  HOH HOH A . 
C 2 HOH 46 346 97  HOH HOH A . 
C 2 HOH 47 347 100 HOH HOH A . 
C 2 HOH 48 348 102 HOH HOH A . 
C 2 HOH 49 349 104 HOH HOH A . 
C 2 HOH 50 350 105 HOH HOH A . 
C 2 HOH 51 351 111 HOH HOH A . 
C 2 HOH 52 352 112 HOH HOH A . 
C 2 HOH 53 353 117 HOH HOH A . 
C 2 HOH 54 354 119 HOH HOH A . 
D 2 HOH 1  301 1   HOH HOH B . 
D 2 HOH 2  302 2   HOH HOH B . 
D 2 HOH 3  303 7   HOH HOH B . 
D 2 HOH 4  304 10  HOH HOH B . 
D 2 HOH 5  305 12  HOH HOH B . 
D 2 HOH 6  306 13  HOH HOH B . 
D 2 HOH 7  307 14  HOH HOH B . 
D 2 HOH 8  308 17  HOH HOH B . 
D 2 HOH 9  309 23  HOH HOH B . 
D 2 HOH 10 310 24  HOH HOH B . 
D 2 HOH 11 311 30  HOH HOH B . 
D 2 HOH 12 312 31  HOH HOH B . 
D 2 HOH 13 313 34  HOH HOH B . 
D 2 HOH 14 314 35  HOH HOH B . 
D 2 HOH 15 315 36  HOH HOH B . 
D 2 HOH 16 316 42  HOH HOH B . 
D 2 HOH 17 317 46  HOH HOH B . 
D 2 HOH 18 318 48  HOH HOH B . 
D 2 HOH 19 319 49  HOH HOH B . 
D 2 HOH 20 320 50  HOH HOH B . 
D 2 HOH 21 321 51  HOH HOH B . 
D 2 HOH 22 322 55  HOH HOH B . 
D 2 HOH 23 323 56  HOH HOH B . 
D 2 HOH 24 324 57  HOH HOH B . 
D 2 HOH 25 325 59  HOH HOH B . 
D 2 HOH 26 326 60  HOH HOH B . 
D 2 HOH 27 327 61  HOH HOH B . 
D 2 HOH 28 328 62  HOH HOH B . 
D 2 HOH 29 329 63  HOH HOH B . 
D 2 HOH 30 330 65  HOH HOH B . 
D 2 HOH 31 331 66  HOH HOH B . 
D 2 HOH 32 332 71  HOH HOH B . 
D 2 HOH 33 333 72  HOH HOH B . 
D 2 HOH 34 334 73  HOH HOH B . 
D 2 HOH 35 335 77  HOH HOH B . 
D 2 HOH 36 336 79  HOH HOH B . 
D 2 HOH 37 337 83  HOH HOH B . 
D 2 HOH 38 338 86  HOH HOH B . 
D 2 HOH 39 339 87  HOH HOH B . 
D 2 HOH 40 340 89  HOH HOH B . 
D 2 HOH 41 341 90  HOH HOH B . 
D 2 HOH 42 342 91  HOH HOH B . 
D 2 HOH 43 343 92  HOH HOH B . 
D 2 HOH 44 344 93  HOH HOH B . 
D 2 HOH 45 345 95  HOH HOH B . 
D 2 HOH 46 346 98  HOH HOH B . 
D 2 HOH 47 347 101 HOH HOH B . 
D 2 HOH 48 348 103 HOH HOH B . 
D 2 HOH 49 349 106 HOH HOH B . 
D 2 HOH 50 350 107 HOH HOH B . 
D 2 HOH 51 351 108 HOH HOH B . 
D 2 HOH 52 352 116 HOH HOH B . 
D 2 HOH 53 353 118 HOH HOH B . 
D 2 HOH 54 354 120 HOH HOH B . 
# 
loop_
_pdbx_struct_assembly.id 
_pdbx_struct_assembly.details 
_pdbx_struct_assembly.method_details 
_pdbx_struct_assembly.oligomeric_details 
_pdbx_struct_assembly.oligomeric_count 
1 author_and_software_defined_assembly PISA monomeric 1 
2 author_and_software_defined_assembly PISA monomeric 1 
# 
loop_
_pdbx_struct_assembly_gen.assembly_id 
_pdbx_struct_assembly_gen.oper_expression 
_pdbx_struct_assembly_gen.asym_id_list 
1 1 A,C 
2 1 B,D 
# 
_pdbx_struct_oper_list.id                   1 
_pdbx_struct_oper_list.type                 'identity operation' 
_pdbx_struct_oper_list.name                 1_555 
_pdbx_struct_oper_list.symmetry_operation   x,y,z 
_pdbx_struct_oper_list.matrix[1][1]         1.0000000000 
_pdbx_struct_oper_list.matrix[1][2]         0.0000000000 
_pdbx_struct_oper_list.matrix[1][3]         0.0000000000 
_pdbx_struct_oper_list.vector[1]            0.0000000000 
_pdbx_struct_oper_list.matrix[2][1]         0.0000000000 
_pdbx_struct_oper_list.matrix[2][2]         1.0000000000 
_pdbx_struct_oper_list.matrix[2][3]         0.0000000000 
_pdbx_struct_oper_list.vector[2]            0.0000000000 
_pdbx_struct_oper_list.matrix[3][1]         0.0000000000 
_pdbx_struct_oper_list.matrix[3][2]         0.0000000000 
_pdbx_struct_oper_list.matrix[3][3]         1.0000000000 
_pdbx_struct_oper_list.vector[3]            0.0000000000 
# 
loop_
_pdbx_audit_revision_history.ordinal 
_pdbx_audit_revision_history.data_content_type 
_pdbx_audit_revision_history.major_revision 
_pdbx_audit_revision_history.minor_revision 
_pdbx_audit_revision_history.revision_date 
1 'Structure model' 1 0 2013-01-02 
2 'Structure model' 1 1 2013-01-23 
3 'Structure model' 1 2 2018-01-24 
4 'Structure model' 1 3 2023-09-20 
# 
_pdbx_audit_revision_details.ordinal             1 
_pdbx_audit_revision_details.revision_ordinal    1 
_pdbx_audit_revision_details.data_content_type   'Structure model' 
_pdbx_audit_revision_details.provider            repository 
_pdbx_audit_revision_details.type                'Initial release' 
_pdbx_audit_revision_details.description         ? 
_pdbx_audit_revision_details.details             ? 
# 
loop_
_pdbx_audit_revision_group.ordinal 
_pdbx_audit_revision_group.revision_ordinal 
_pdbx_audit_revision_group.data_content_type 
_pdbx_audit_revision_group.group 
1 2 'Structure model' 'Database references'    
2 3 'Structure model' 'Structure summary'      
3 4 'Structure model' 'Data collection'        
4 4 'Structure model' 'Database references'    
5 4 'Structure model' 'Refinement description' 
# 
loop_
_pdbx_audit_revision_category.ordinal 
_pdbx_audit_revision_category.revision_ordinal 
_pdbx_audit_revision_category.data_content_type 
_pdbx_audit_revision_category.category 
1 3 'Structure model' audit_author                  
2 4 'Structure model' chem_comp_atom                
3 4 'Structure model' chem_comp_bond                
4 4 'Structure model' database_2                    
5 4 'Structure model' pdbx_initial_refinement_model 
# 
loop_
_pdbx_audit_revision_item.ordinal 
_pdbx_audit_revision_item.revision_ordinal 
_pdbx_audit_revision_item.data_content_type 
_pdbx_audit_revision_item.item 
1 3 'Structure model' '_audit_author.name'                  
2 4 'Structure model' '_database_2.pdbx_DOI'                
3 4 'Structure model' '_database_2.pdbx_database_accession' 
# 
loop_
_software.name 
_software.classification 
_software.version 
_software.citation_id 
_software.pdbx_ordinal 
StructureStudio 'data collection' .                           ? 1 
PHASER          phasing           .                           ? 2 
PHENIX          refinement        '(phenix.refine: dev_1051)' ? 3 
XDS             'data reduction'  .                           ? 4 
SCALA           'data scaling'    .                           ? 5 
# 
loop_
_pdbx_unobs_or_zero_occ_residues.id 
_pdbx_unobs_or_zero_occ_residues.PDB_model_num 
_pdbx_unobs_or_zero_occ_residues.polymer_flag 
_pdbx_unobs_or_zero_occ_residues.occupancy_flag 
_pdbx_unobs_or_zero_occ_residues.auth_asym_id 
_pdbx_unobs_or_zero_occ_residues.auth_comp_id 
_pdbx_unobs_or_zero_occ_residues.auth_seq_id 
_pdbx_unobs_or_zero_occ_residues.PDB_ins_code 
_pdbx_unobs_or_zero_occ_residues.label_asym_id 
_pdbx_unobs_or_zero_occ_residues.label_comp_id 
_pdbx_unobs_or_zero_occ_residues.label_seq_id 
1  1 Y 1 A SER 159 ? A SER 1 
2  1 Y 1 A SER 160 ? A SER 2 
3  1 Y 1 A GLN 161 ? A GLN 3 
4  1 Y 1 A SER 162 ? A SER 4 
5  1 Y 1 A SER 163 ? A SER 5 
6  1 Y 1 B SER 159 ? B SER 1 
7  1 Y 1 B SER 160 ? B SER 2 
8  1 Y 1 B GLN 161 ? B GLN 3 
9  1 Y 1 B SER 162 ? B SER 4 
10 1 Y 1 B SER 163 ? B SER 5 
# 
loop_
_chem_comp_atom.comp_id 
_chem_comp_atom.atom_id 
_chem_comp_atom.type_symbol 
_chem_comp_atom.pdbx_aromatic_flag 
_chem_comp_atom.pdbx_stereo_config 
_chem_comp_atom.pdbx_ordinal 
ALA N    N N N 1   
ALA CA   C N S 2   
ALA C    C N N 3   
ALA O    O N N 4   
ALA CB   C N N 5   
ALA OXT  O N N 6   
ALA H    H N N 7   
ALA H2   H N N 8   
ALA HA   H N N 9   
ALA HB1  H N N 10  
ALA HB2  H N N 11  
ALA HB3  H N N 12  
ALA HXT  H N N 13  
ARG N    N N N 14  
ARG CA   C N S 15  
ARG C    C N N 16  
ARG O    O N N 17  
ARG CB   C N N 18  
ARG CG   C N N 19  
ARG CD   C N N 20  
ARG NE   N N N 21  
ARG CZ   C N N 22  
ARG NH1  N N N 23  
ARG NH2  N N N 24  
ARG OXT  O N N 25  
ARG H    H N N 26  
ARG H2   H N N 27  
ARG HA   H N N 28  
ARG HB2  H N N 29  
ARG HB3  H N N 30  
ARG HG2  H N N 31  
ARG HG3  H N N 32  
ARG HD2  H N N 33  
ARG HD3  H N N 34  
ARG HE   H N N 35  
ARG HH11 H N N 36  
ARG HH12 H N N 37  
ARG HH21 H N N 38  
ARG HH22 H N N 39  
ARG HXT  H N N 40  
ASN N    N N N 41  
ASN CA   C N S 42  
ASN C    C N N 43  
ASN O    O N N 44  
ASN CB   C N N 45  
ASN CG   C N N 46  
ASN OD1  O N N 47  
ASN ND2  N N N 48  
ASN OXT  O N N 49  
ASN H    H N N 50  
ASN H2   H N N 51  
ASN HA   H N N 52  
ASN HB2  H N N 53  
ASN HB3  H N N 54  
ASN HD21 H N N 55  
ASN HD22 H N N 56  
ASN HXT  H N N 57  
ASP N    N N N 58  
ASP CA   C N S 59  
ASP C    C N N 60  
ASP O    O N N 61  
ASP CB   C N N 62  
ASP CG   C N N 63  
ASP OD1  O N N 64  
ASP OD2  O N N 65  
ASP OXT  O N N 66  
ASP H    H N N 67  
ASP H2   H N N 68  
ASP HA   H N N 69  
ASP HB2  H N N 70  
ASP HB3  H N N 71  
ASP HD2  H N N 72  
ASP HXT  H N N 73  
CYS N    N N N 74  
CYS CA   C N R 75  
CYS C    C N N 76  
CYS O    O N N 77  
CYS CB   C N N 78  
CYS SG   S N N 79  
CYS OXT  O N N 80  
CYS H    H N N 81  
CYS H2   H N N 82  
CYS HA   H N N 83  
CYS HB2  H N N 84  
CYS HB3  H N N 85  
CYS HG   H N N 86  
CYS HXT  H N N 87  
GLN N    N N N 88  
GLN CA   C N S 89  
GLN C    C N N 90  
GLN O    O N N 91  
GLN CB   C N N 92  
GLN CG   C N N 93  
GLN CD   C N N 94  
GLN OE1  O N N 95  
GLN NE2  N N N 96  
GLN OXT  O N N 97  
GLN H    H N N 98  
GLN H2   H N N 99  
GLN HA   H N N 100 
GLN HB2  H N N 101 
GLN HB3  H N N 102 
GLN HG2  H N N 103 
GLN HG3  H N N 104 
GLN HE21 H N N 105 
GLN HE22 H N N 106 
GLN HXT  H N N 107 
GLU N    N N N 108 
GLU CA   C N S 109 
GLU C    C N N 110 
GLU O    O N N 111 
GLU CB   C N N 112 
GLU CG   C N N 113 
GLU CD   C N N 114 
GLU OE1  O N N 115 
GLU OE2  O N N 116 
GLU OXT  O N N 117 
GLU H    H N N 118 
GLU H2   H N N 119 
GLU HA   H N N 120 
GLU HB2  H N N 121 
GLU HB3  H N N 122 
GLU HG2  H N N 123 
GLU HG3  H N N 124 
GLU HE2  H N N 125 
GLU HXT  H N N 126 
GLY N    N N N 127 
GLY CA   C N N 128 
GLY C    C N N 129 
GLY O    O N N 130 
GLY OXT  O N N 131 
GLY H    H N N 132 
GLY H2   H N N 133 
GLY HA2  H N N 134 
GLY HA3  H N N 135 
GLY HXT  H N N 136 
HIS N    N N N 137 
HIS CA   C N S 138 
HIS C    C N N 139 
HIS O    O N N 140 
HIS CB   C N N 141 
HIS CG   C Y N 142 
HIS ND1  N Y N 143 
HIS CD2  C Y N 144 
HIS CE1  C Y N 145 
HIS NE2  N Y N 146 
HIS OXT  O N N 147 
HIS H    H N N 148 
HIS H2   H N N 149 
HIS HA   H N N 150 
HIS HB2  H N N 151 
HIS HB3  H N N 152 
HIS HD1  H N N 153 
HIS HD2  H N N 154 
HIS HE1  H N N 155 
HIS HE2  H N N 156 
HIS HXT  H N N 157 
HOH O    O N N 158 
HOH H1   H N N 159 
HOH H2   H N N 160 
ILE N    N N N 161 
ILE CA   C N S 162 
ILE C    C N N 163 
ILE O    O N N 164 
ILE CB   C N S 165 
ILE CG1  C N N 166 
ILE CG2  C N N 167 
ILE CD1  C N N 168 
ILE OXT  O N N 169 
ILE H    H N N 170 
ILE H2   H N N 171 
ILE HA   H N N 172 
ILE HB   H N N 173 
ILE HG12 H N N 174 
ILE HG13 H N N 175 
ILE HG21 H N N 176 
ILE HG22 H N N 177 
ILE HG23 H N N 178 
ILE HD11 H N N 179 
ILE HD12 H N N 180 
ILE HD13 H N N 181 
ILE HXT  H N N 182 
LEU N    N N N 183 
LEU CA   C N S 184 
LEU C    C N N 185 
LEU O    O N N 186 
LEU CB   C N N 187 
LEU CG   C N N 188 
LEU CD1  C N N 189 
LEU CD2  C N N 190 
LEU OXT  O N N 191 
LEU H    H N N 192 
LEU H2   H N N 193 
LEU HA   H N N 194 
LEU HB2  H N N 195 
LEU HB3  H N N 196 
LEU HG   H N N 197 
LEU HD11 H N N 198 
LEU HD12 H N N 199 
LEU HD13 H N N 200 
LEU HD21 H N N 201 
LEU HD22 H N N 202 
LEU HD23 H N N 203 
LEU HXT  H N N 204 
LYS N    N N N 205 
LYS CA   C N S 206 
LYS C    C N N 207 
LYS O    O N N 208 
LYS CB   C N N 209 
LYS CG   C N N 210 
LYS CD   C N N 211 
LYS CE   C N N 212 
LYS NZ   N N N 213 
LYS OXT  O N N 214 
LYS H    H N N 215 
LYS H2   H N N 216 
LYS HA   H N N 217 
LYS HB2  H N N 218 
LYS HB3  H N N 219 
LYS HG2  H N N 220 
LYS HG3  H N N 221 
LYS HD2  H N N 222 
LYS HD3  H N N 223 
LYS HE2  H N N 224 
LYS HE3  H N N 225 
LYS HZ1  H N N 226 
LYS HZ2  H N N 227 
LYS HZ3  H N N 228 
LYS HXT  H N N 229 
MET N    N N N 230 
MET CA   C N S 231 
MET C    C N N 232 
MET O    O N N 233 
MET CB   C N N 234 
MET CG   C N N 235 
MET SD   S N N 236 
MET CE   C N N 237 
MET OXT  O N N 238 
MET H    H N N 239 
MET H2   H N N 240 
MET HA   H N N 241 
MET HB2  H N N 242 
MET HB3  H N N 243 
MET HG2  H N N 244 
MET HG3  H N N 245 
MET HE1  H N N 246 
MET HE2  H N N 247 
MET HE3  H N N 248 
MET HXT  H N N 249 
PHE N    N N N 250 
PHE CA   C N S 251 
PHE C    C N N 252 
PHE O    O N N 253 
PHE CB   C N N 254 
PHE CG   C Y N 255 
PHE CD1  C Y N 256 
PHE CD2  C Y N 257 
PHE CE1  C Y N 258 
PHE CE2  C Y N 259 
PHE CZ   C Y N 260 
PHE OXT  O N N 261 
PHE H    H N N 262 
PHE H2   H N N 263 
PHE HA   H N N 264 
PHE HB2  H N N 265 
PHE HB3  H N N 266 
PHE HD1  H N N 267 
PHE HD2  H N N 268 
PHE HE1  H N N 269 
PHE HE2  H N N 270 
PHE HZ   H N N 271 
PHE HXT  H N N 272 
PRO N    N N N 273 
PRO CA   C N S 274 
PRO C    C N N 275 
PRO O    O N N 276 
PRO CB   C N N 277 
PRO CG   C N N 278 
PRO CD   C N N 279 
PRO OXT  O N N 280 
PRO H    H N N 281 
PRO HA   H N N 282 
PRO HB2  H N N 283 
PRO HB3  H N N 284 
PRO HG2  H N N 285 
PRO HG3  H N N 286 
PRO HD2  H N N 287 
PRO HD3  H N N 288 
PRO HXT  H N N 289 
SER N    N N N 290 
SER CA   C N S 291 
SER C    C N N 292 
SER O    O N N 293 
SER CB   C N N 294 
SER OG   O N N 295 
SER OXT  O N N 296 
SER H    H N N 297 
SER H2   H N N 298 
SER HA   H N N 299 
SER HB2  H N N 300 
SER HB3  H N N 301 
SER HG   H N N 302 
SER HXT  H N N 303 
THR N    N N N 304 
THR CA   C N S 305 
THR C    C N N 306 
THR O    O N N 307 
THR CB   C N R 308 
THR OG1  O N N 309 
THR CG2  C N N 310 
THR OXT  O N N 311 
THR H    H N N 312 
THR H2   H N N 313 
THR HA   H N N 314 
THR HB   H N N 315 
THR HG1  H N N 316 
THR HG21 H N N 317 
THR HG22 H N N 318 
THR HG23 H N N 319 
THR HXT  H N N 320 
TRP N    N N N 321 
TRP CA   C N S 322 
TRP C    C N N 323 
TRP O    O N N 324 
TRP CB   C N N 325 
TRP CG   C Y N 326 
TRP CD1  C Y N 327 
TRP CD2  C Y N 328 
TRP NE1  N Y N 329 
TRP CE2  C Y N 330 
TRP CE3  C Y N 331 
TRP CZ2  C Y N 332 
TRP CZ3  C Y N 333 
TRP CH2  C Y N 334 
TRP OXT  O N N 335 
TRP H    H N N 336 
TRP H2   H N N 337 
TRP HA   H N N 338 
TRP HB2  H N N 339 
TRP HB3  H N N 340 
TRP HD1  H N N 341 
TRP HE1  H N N 342 
TRP HE3  H N N 343 
TRP HZ2  H N N 344 
TRP HZ3  H N N 345 
TRP HH2  H N N 346 
TRP HXT  H N N 347 
TYR N    N N N 348 
TYR CA   C N S 349 
TYR C    C N N 350 
TYR O    O N N 351 
TYR CB   C N N 352 
TYR CG   C Y N 353 
TYR CD1  C Y N 354 
TYR CD2  C Y N 355 
TYR CE1  C Y N 356 
TYR CE2  C Y N 357 
TYR CZ   C Y N 358 
TYR OH   O N N 359 
TYR OXT  O N N 360 
TYR H    H N N 361 
TYR H2   H N N 362 
TYR HA   H N N 363 
TYR HB2  H N N 364 
TYR HB3  H N N 365 
TYR HD1  H N N 366 
TYR HD2  H N N 367 
TYR HE1  H N N 368 
TYR HE2  H N N 369 
TYR HH   H N N 370 
TYR HXT  H N N 371 
VAL N    N N N 372 
VAL CA   C N S 373 
VAL C    C N N 374 
VAL O    O N N 375 
VAL CB   C N N 376 
VAL CG1  C N N 377 
VAL CG2  C N N 378 
VAL OXT  O N N 379 
VAL H    H N N 380 
VAL H2   H N N 381 
VAL HA   H N N 382 
VAL HB   H N N 383 
VAL HG11 H N N 384 
VAL HG12 H N N 385 
VAL HG13 H N N 386 
VAL HG21 H N N 387 
VAL HG22 H N N 388 
VAL HG23 H N N 389 
VAL HXT  H N N 390 
# 
loop_
_chem_comp_bond.comp_id 
_chem_comp_bond.atom_id_1 
_chem_comp_bond.atom_id_2 
_chem_comp_bond.value_order 
_chem_comp_bond.pdbx_aromatic_flag 
_chem_comp_bond.pdbx_stereo_config 
_chem_comp_bond.pdbx_ordinal 
ALA N   CA   sing N N 1   
ALA N   H    sing N N 2   
ALA N   H2   sing N N 3   
ALA CA  C    sing N N 4   
ALA CA  CB   sing N N 5   
ALA CA  HA   sing N N 6   
ALA C   O    doub N N 7   
ALA C   OXT  sing N N 8   
ALA CB  HB1  sing N N 9   
ALA CB  HB2  sing N N 10  
ALA CB  HB3  sing N N 11  
ALA OXT HXT  sing N N 12  
ARG N   CA   sing N N 13  
ARG N   H    sing N N 14  
ARG N   H2   sing N N 15  
ARG CA  C    sing N N 16  
ARG CA  CB   sing N N 17  
ARG CA  HA   sing N N 18  
ARG C   O    doub N N 19  
ARG C   OXT  sing N N 20  
ARG CB  CG   sing N N 21  
ARG CB  HB2  sing N N 22  
ARG CB  HB3  sing N N 23  
ARG CG  CD   sing N N 24  
ARG CG  HG2  sing N N 25  
ARG CG  HG3  sing N N 26  
ARG CD  NE   sing N N 27  
ARG CD  HD2  sing N N 28  
ARG CD  HD3  sing N N 29  
ARG NE  CZ   sing N N 30  
ARG NE  HE   sing N N 31  
ARG CZ  NH1  sing N N 32  
ARG CZ  NH2  doub N N 33  
ARG NH1 HH11 sing N N 34  
ARG NH1 HH12 sing N N 35  
ARG NH2 HH21 sing N N 36  
ARG NH2 HH22 sing N N 37  
ARG OXT HXT  sing N N 38  
ASN N   CA   sing N N 39  
ASN N   H    sing N N 40  
ASN N   H2   sing N N 41  
ASN CA  C    sing N N 42  
ASN CA  CB   sing N N 43  
ASN CA  HA   sing N N 44  
ASN C   O    doub N N 45  
ASN C   OXT  sing N N 46  
ASN CB  CG   sing N N 47  
ASN CB  HB2  sing N N 48  
ASN CB  HB3  sing N N 49  
ASN CG  OD1  doub N N 50  
ASN CG  ND2  sing N N 51  
ASN ND2 HD21 sing N N 52  
ASN ND2 HD22 sing N N 53  
ASN OXT HXT  sing N N 54  
ASP N   CA   sing N N 55  
ASP N   H    sing N N 56  
ASP N   H2   sing N N 57  
ASP CA  C    sing N N 58  
ASP CA  CB   sing N N 59  
ASP CA  HA   sing N N 60  
ASP C   O    doub N N 61  
ASP C   OXT  sing N N 62  
ASP CB  CG   sing N N 63  
ASP CB  HB2  sing N N 64  
ASP CB  HB3  sing N N 65  
ASP CG  OD1  doub N N 66  
ASP CG  OD2  sing N N 67  
ASP OD2 HD2  sing N N 68  
ASP OXT HXT  sing N N 69  
CYS N   CA   sing N N 70  
CYS N   H    sing N N 71  
CYS N   H2   sing N N 72  
CYS CA  C    sing N N 73  
CYS CA  CB   sing N N 74  
CYS CA  HA   sing N N 75  
CYS C   O    doub N N 76  
CYS C   OXT  sing N N 77  
CYS CB  SG   sing N N 78  
CYS CB  HB2  sing N N 79  
CYS CB  HB3  sing N N 80  
CYS SG  HG   sing N N 81  
CYS OXT HXT  sing N N 82  
GLN N   CA   sing N N 83  
GLN N   H    sing N N 84  
GLN N   H2   sing N N 85  
GLN CA  C    sing N N 86  
GLN CA  CB   sing N N 87  
GLN CA  HA   sing N N 88  
GLN C   O    doub N N 89  
GLN C   OXT  sing N N 90  
GLN CB  CG   sing N N 91  
GLN CB  HB2  sing N N 92  
GLN CB  HB3  sing N N 93  
GLN CG  CD   sing N N 94  
GLN CG  HG2  sing N N 95  
GLN CG  HG3  sing N N 96  
GLN CD  OE1  doub N N 97  
GLN CD  NE2  sing N N 98  
GLN NE2 HE21 sing N N 99  
GLN NE2 HE22 sing N N 100 
GLN OXT HXT  sing N N 101 
GLU N   CA   sing N N 102 
GLU N   H    sing N N 103 
GLU N   H2   sing N N 104 
GLU CA  C    sing N N 105 
GLU CA  CB   sing N N 106 
GLU CA  HA   sing N N 107 
GLU C   O    doub N N 108 
GLU C   OXT  sing N N 109 
GLU CB  CG   sing N N 110 
GLU CB  HB2  sing N N 111 
GLU CB  HB3  sing N N 112 
GLU CG  CD   sing N N 113 
GLU CG  HG2  sing N N 114 
GLU CG  HG3  sing N N 115 
GLU CD  OE1  doub N N 116 
GLU CD  OE2  sing N N 117 
GLU OE2 HE2  sing N N 118 
GLU OXT HXT  sing N N 119 
GLY N   CA   sing N N 120 
GLY N   H    sing N N 121 
GLY N   H2   sing N N 122 
GLY CA  C    sing N N 123 
GLY CA  HA2  sing N N 124 
GLY CA  HA3  sing N N 125 
GLY C   O    doub N N 126 
GLY C   OXT  sing N N 127 
GLY OXT HXT  sing N N 128 
HIS N   CA   sing N N 129 
HIS N   H    sing N N 130 
HIS N   H2   sing N N 131 
HIS CA  C    sing N N 132 
HIS CA  CB   sing N N 133 
HIS CA  HA   sing N N 134 
HIS C   O    doub N N 135 
HIS C   OXT  sing N N 136 
HIS CB  CG   sing N N 137 
HIS CB  HB2  sing N N 138 
HIS CB  HB3  sing N N 139 
HIS CG  ND1  sing Y N 140 
HIS CG  CD2  doub Y N 141 
HIS ND1 CE1  doub Y N 142 
HIS ND1 HD1  sing N N 143 
HIS CD2 NE2  sing Y N 144 
HIS CD2 HD2  sing N N 145 
HIS CE1 NE2  sing Y N 146 
HIS CE1 HE1  sing N N 147 
HIS NE2 HE2  sing N N 148 
HIS OXT HXT  sing N N 149 
HOH O   H1   sing N N 150 
HOH O   H2   sing N N 151 
ILE N   CA   sing N N 152 
ILE N   H    sing N N 153 
ILE N   H2   sing N N 154 
ILE CA  C    sing N N 155 
ILE CA  CB   sing N N 156 
ILE CA  HA   sing N N 157 
ILE C   O    doub N N 158 
ILE C   OXT  sing N N 159 
ILE CB  CG1  sing N N 160 
ILE CB  CG2  sing N N 161 
ILE CB  HB   sing N N 162 
ILE CG1 CD1  sing N N 163 
ILE CG1 HG12 sing N N 164 
ILE CG1 HG13 sing N N 165 
ILE CG2 HG21 sing N N 166 
ILE CG2 HG22 sing N N 167 
ILE CG2 HG23 sing N N 168 
ILE CD1 HD11 sing N N 169 
ILE CD1 HD12 sing N N 170 
ILE CD1 HD13 sing N N 171 
ILE OXT HXT  sing N N 172 
LEU N   CA   sing N N 173 
LEU N   H    sing N N 174 
LEU N   H2   sing N N 175 
LEU CA  C    sing N N 176 
LEU CA  CB   sing N N 177 
LEU CA  HA   sing N N 178 
LEU C   O    doub N N 179 
LEU C   OXT  sing N N 180 
LEU CB  CG   sing N N 181 
LEU CB  HB2  sing N N 182 
LEU CB  HB3  sing N N 183 
LEU CG  CD1  sing N N 184 
LEU CG  CD2  sing N N 185 
LEU CG  HG   sing N N 186 
LEU CD1 HD11 sing N N 187 
LEU CD1 HD12 sing N N 188 
LEU CD1 HD13 sing N N 189 
LEU CD2 HD21 sing N N 190 
LEU CD2 HD22 sing N N 191 
LEU CD2 HD23 sing N N 192 
LEU OXT HXT  sing N N 193 
LYS N   CA   sing N N 194 
LYS N   H    sing N N 195 
LYS N   H2   sing N N 196 
LYS CA  C    sing N N 197 
LYS CA  CB   sing N N 198 
LYS CA  HA   sing N N 199 
LYS C   O    doub N N 200 
LYS C   OXT  sing N N 201 
LYS CB  CG   sing N N 202 
LYS CB  HB2  sing N N 203 
LYS CB  HB3  sing N N 204 
LYS CG  CD   sing N N 205 
LYS CG  HG2  sing N N 206 
LYS CG  HG3  sing N N 207 
LYS CD  CE   sing N N 208 
LYS CD  HD2  sing N N 209 
LYS CD  HD3  sing N N 210 
LYS CE  NZ   sing N N 211 
LYS CE  HE2  sing N N 212 
LYS CE  HE3  sing N N 213 
LYS NZ  HZ1  sing N N 214 
LYS NZ  HZ2  sing N N 215 
LYS NZ  HZ3  sing N N 216 
LYS OXT HXT  sing N N 217 
MET N   CA   sing N N 218 
MET N   H    sing N N 219 
MET N   H2   sing N N 220 
MET CA  C    sing N N 221 
MET CA  CB   sing N N 222 
MET CA  HA   sing N N 223 
MET C   O    doub N N 224 
MET C   OXT  sing N N 225 
MET CB  CG   sing N N 226 
MET CB  HB2  sing N N 227 
MET CB  HB3  sing N N 228 
MET CG  SD   sing N N 229 
MET CG  HG2  sing N N 230 
MET CG  HG3  sing N N 231 
MET SD  CE   sing N N 232 
MET CE  HE1  sing N N 233 
MET CE  HE2  sing N N 234 
MET CE  HE3  sing N N 235 
MET OXT HXT  sing N N 236 
PHE N   CA   sing N N 237 
PHE N   H    sing N N 238 
PHE N   H2   sing N N 239 
PHE CA  C    sing N N 240 
PHE CA  CB   sing N N 241 
PHE CA  HA   sing N N 242 
PHE C   O    doub N N 243 
PHE C   OXT  sing N N 244 
PHE CB  CG   sing N N 245 
PHE CB  HB2  sing N N 246 
PHE CB  HB3  sing N N 247 
PHE CG  CD1  doub Y N 248 
PHE CG  CD2  sing Y N 249 
PHE CD1 CE1  sing Y N 250 
PHE CD1 HD1  sing N N 251 
PHE CD2 CE2  doub Y N 252 
PHE CD2 HD2  sing N N 253 
PHE CE1 CZ   doub Y N 254 
PHE CE1 HE1  sing N N 255 
PHE CE2 CZ   sing Y N 256 
PHE CE2 HE2  sing N N 257 
PHE CZ  HZ   sing N N 258 
PHE OXT HXT  sing N N 259 
PRO N   CA   sing N N 260 
PRO N   CD   sing N N 261 
PRO N   H    sing N N 262 
PRO CA  C    sing N N 263 
PRO CA  CB   sing N N 264 
PRO CA  HA   sing N N 265 
PRO C   O    doub N N 266 
PRO C   OXT  sing N N 267 
PRO CB  CG   sing N N 268 
PRO CB  HB2  sing N N 269 
PRO CB  HB3  sing N N 270 
PRO CG  CD   sing N N 271 
PRO CG  HG2  sing N N 272 
PRO CG  HG3  sing N N 273 
PRO CD  HD2  sing N N 274 
PRO CD  HD3  sing N N 275 
PRO OXT HXT  sing N N 276 
SER N   CA   sing N N 277 
SER N   H    sing N N 278 
SER N   H2   sing N N 279 
SER CA  C    sing N N 280 
SER CA  CB   sing N N 281 
SER CA  HA   sing N N 282 
SER C   O    doub N N 283 
SER C   OXT  sing N N 284 
SER CB  OG   sing N N 285 
SER CB  HB2  sing N N 286 
SER CB  HB3  sing N N 287 
SER OG  HG   sing N N 288 
SER OXT HXT  sing N N 289 
THR N   CA   sing N N 290 
THR N   H    sing N N 291 
THR N   H2   sing N N 292 
THR CA  C    sing N N 293 
THR CA  CB   sing N N 294 
THR CA  HA   sing N N 295 
THR C   O    doub N N 296 
THR C   OXT  sing N N 297 
THR CB  OG1  sing N N 298 
THR CB  CG2  sing N N 299 
THR CB  HB   sing N N 300 
THR OG1 HG1  sing N N 301 
THR CG2 HG21 sing N N 302 
THR CG2 HG22 sing N N 303 
THR CG2 HG23 sing N N 304 
THR OXT HXT  sing N N 305 
TRP N   CA   sing N N 306 
TRP N   H    sing N N 307 
TRP N   H2   sing N N 308 
TRP CA  C    sing N N 309 
TRP CA  CB   sing N N 310 
TRP CA  HA   sing N N 311 
TRP C   O    doub N N 312 
TRP C   OXT  sing N N 313 
TRP CB  CG   sing N N 314 
TRP CB  HB2  sing N N 315 
TRP CB  HB3  sing N N 316 
TRP CG  CD1  doub Y N 317 
TRP CG  CD2  sing Y N 318 
TRP CD1 NE1  sing Y N 319 
TRP CD1 HD1  sing N N 320 
TRP CD2 CE2  doub Y N 321 
TRP CD2 CE3  sing Y N 322 
TRP NE1 CE2  sing Y N 323 
TRP NE1 HE1  sing N N 324 
TRP CE2 CZ2  sing Y N 325 
TRP CE3 CZ3  doub Y N 326 
TRP CE3 HE3  sing N N 327 
TRP CZ2 CH2  doub Y N 328 
TRP CZ2 HZ2  sing N N 329 
TRP CZ3 CH2  sing Y N 330 
TRP CZ3 HZ3  sing N N 331 
TRP CH2 HH2  sing N N 332 
TRP OXT HXT  sing N N 333 
TYR N   CA   sing N N 334 
TYR N   H    sing N N 335 
TYR N   H2   sing N N 336 
TYR CA  C    sing N N 337 
TYR CA  CB   sing N N 338 
TYR CA  HA   sing N N 339 
TYR C   O    doub N N 340 
TYR C   OXT  sing N N 341 
TYR CB  CG   sing N N 342 
TYR CB  HB2  sing N N 343 
TYR CB  HB3  sing N N 344 
TYR CG  CD1  doub Y N 345 
TYR CG  CD2  sing Y N 346 
TYR CD1 CE1  sing Y N 347 
TYR CD1 HD1  sing N N 348 
TYR CD2 CE2  doub Y N 349 
TYR CD2 HD2  sing N N 350 
TYR CE1 CZ   doub Y N 351 
TYR CE1 HE1  sing N N 352 
TYR CE2 CZ   sing Y N 353 
TYR CE2 HE2  sing N N 354 
TYR CZ  OH   sing N N 355 
TYR OH  HH   sing N N 356 
TYR OXT HXT  sing N N 357 
VAL N   CA   sing N N 358 
VAL N   H    sing N N 359 
VAL N   H2   sing N N 360 
VAL CA  C    sing N N 361 
VAL CA  CB   sing N N 362 
VAL CA  HA   sing N N 363 
VAL C   O    doub N N 364 
VAL C   OXT  sing N N 365 
VAL CB  CG1  sing N N 366 
VAL CB  CG2  sing N N 367 
VAL CB  HB   sing N N 368 
VAL CG1 HG11 sing N N 369 
VAL CG1 HG12 sing N N 370 
VAL CG1 HG13 sing N N 371 
VAL CG2 HG21 sing N N 372 
VAL CG2 HG22 sing N N 373 
VAL CG2 HG23 sing N N 374 
VAL OXT HXT  sing N N 375 
# 
_pdbx_entity_nonpoly.entity_id   2 
_pdbx_entity_nonpoly.name        water 
_pdbx_entity_nonpoly.comp_id     HOH 
# 
_pdbx_initial_refinement_model.id               1 
_pdbx_initial_refinement_model.entity_id_list   ? 
_pdbx_initial_refinement_model.type             'experimental model' 
_pdbx_initial_refinement_model.source_name      PDB 
_pdbx_initial_refinement_model.accession_code   2EBW 
_pdbx_initial_refinement_model.details          'PDB ENTRY 2EBW' 
# 
_pdbx_reflns_twin.domain_id    1 
_pdbx_reflns_twin.crystal_id   1 
_pdbx_reflns_twin.diffrn_id    1 
_pdbx_reflns_twin.type         ? 
_pdbx_reflns_twin.operator     -l,k,h 
_pdbx_reflns_twin.fraction     0.130 
# 
